data_9ASC
#
_entry.id   9ASC
#
_cell.length_a   1.00
_cell.length_b   1.00
_cell.length_c   1.00
_cell.angle_alpha   90.00
_cell.angle_beta   90.00
_cell.angle_gamma   90.00
#
_symmetry.space_group_name_H-M   'P 1'
#
loop_
_entity.id
_entity.type
_entity.pdbx_description
1 polymer 'Undecaprenyl-phosphate 4-deoxy-4-formamido-L-arabinose transferase'
2 non-polymer "URIDINE-5'-DIPHOSPHATE"
3 non-polymer 'MANGANESE (II) ION'
#
_entity_poly.entity_id   1
_entity_poly.type   'polypeptide(L)'
_entity_poly.pdbx_seq_one_letter_code
;MDYKDDDDKHHHHHHHHHHENLYFQSYVGGGSGGGSMFDAAPIKKVSVVIPVYNEQESLPELIRRTTTACESLGKAWEIL
LIDDGSSDSSAELMVKASQEADSHIISILLNRNYGQHAAIMAGFSHVSGDLIITLDADLQNPPEEIPRLVAKADEGFDVV
GTVRQNRQDSLFRKSASKIINLLIQRTTGKAMGDYGCMLRAYRRPIIDTMLRCHERSTFIPILANIFARRATEIPVHHAE
REFGDSKYSFMRLINLMYDLVTCLTTTPLRLLSLLGSVIAIGGFSLSVLLIVLRLALGPQWAAEGVFMLFAVLFTFIGAQ
FIGMGLLGEYIGRIYNDVRARPRYFVQQVIYPESTPFTEESHQ
;
_entity_poly.pdbx_strand_id   A,B,C,D
#
loop_
_chem_comp.id
_chem_comp.type
_chem_comp.name
_chem_comp.formula
MN non-polymer 'MANGANESE (II) ION' 'Mn 2'
UDP RNA linking URIDINE-5'-DIPHOSPHATE 'C9 H14 N2 O12 P2'
#
# COMPACT_ATOMS: atom_id res chain seq x y z
N PHE A 38 15.28 1.09 -37.27
CA PHE A 38 14.90 2.48 -37.05
C PHE A 38 13.78 2.91 -37.97
N ASP A 39 13.32 1.99 -38.82
CA ASP A 39 12.27 2.32 -39.77
C ASP A 39 10.98 2.68 -39.03
N ALA A 40 10.29 3.71 -39.53
CA ALA A 40 9.05 4.16 -38.93
C ALA A 40 8.23 4.91 -39.98
N ALA A 41 6.95 5.07 -39.69
CA ALA A 41 6.06 5.75 -40.63
C ALA A 41 6.43 7.23 -40.70
N PRO A 42 6.29 7.86 -41.87
CA PRO A 42 6.63 9.28 -41.99
C PRO A 42 5.67 10.15 -41.20
N ILE A 43 6.17 11.32 -40.78
CA ILE A 43 5.37 12.26 -40.00
C ILE A 43 4.64 13.19 -40.95
N LYS A 44 3.35 13.44 -40.67
CA LYS A 44 2.55 14.35 -41.47
C LYS A 44 1.97 15.50 -40.67
N LYS A 45 1.88 15.39 -39.34
CA LYS A 45 1.39 16.46 -38.49
C LYS A 45 2.23 16.54 -37.23
N VAL A 46 2.34 17.74 -36.68
CA VAL A 46 3.13 18.00 -35.47
C VAL A 46 2.29 18.84 -34.51
N SER A 47 2.57 18.69 -33.22
CA SER A 47 1.89 19.44 -32.17
C SER A 47 2.92 19.99 -31.19
N VAL A 48 2.61 21.15 -30.61
CA VAL A 48 3.51 21.86 -29.71
C VAL A 48 2.76 22.13 -28.41
N VAL A 49 3.43 21.85 -27.28
CA VAL A 49 2.86 22.02 -25.96
C VAL A 49 3.73 23.00 -25.19
N ILE A 50 3.11 24.04 -24.64
CA ILE A 50 3.81 25.09 -23.92
C ILE A 50 3.07 25.34 -22.60
N PRO A 51 3.67 25.04 -21.44
CA PRO A 51 3.03 25.43 -20.17
C PRO A 51 3.22 26.91 -19.89
N VAL A 52 2.16 27.56 -19.42
CA VAL A 52 2.17 29.00 -19.13
C VAL A 52 1.76 29.20 -17.69
N TYR A 53 2.55 30.00 -16.96
CA TYR A 53 2.24 30.36 -15.58
C TYR A 53 2.84 31.71 -15.29
N ASN A 54 2.01 32.76 -15.33
CA ASN A 54 2.43 34.13 -15.07
C ASN A 54 3.59 34.52 -15.99
N GLU A 55 3.30 34.49 -17.30
CA GLU A 55 4.27 34.85 -18.33
C GLU A 55 3.64 35.76 -19.38
N GLN A 56 2.85 36.75 -18.94
CA GLN A 56 2.21 37.66 -19.88
C GLN A 56 3.23 38.48 -20.66
N GLU A 57 4.35 38.82 -20.03
CA GLU A 57 5.34 39.67 -20.69
C GLU A 57 5.91 39.01 -21.93
N SER A 58 6.24 37.72 -21.85
CA SER A 58 6.92 37.04 -22.94
C SER A 58 5.96 36.40 -23.94
N LEU A 59 4.69 36.27 -23.57
CA LEU A 59 3.74 35.57 -24.43
C LEU A 59 3.60 36.20 -25.82
N PRO A 60 3.49 37.53 -25.96
CA PRO A 60 3.33 38.08 -27.32
C PRO A 60 4.47 37.72 -28.25
N GLU A 61 5.73 37.90 -27.83
CA GLU A 61 6.84 37.52 -28.68
C GLU A 61 6.88 36.01 -28.90
N LEU A 62 6.55 35.24 -27.86
CA LEU A 62 6.58 33.79 -27.97
C LEU A 62 5.63 33.31 -29.05
N ILE A 63 4.42 33.86 -29.08
CA ILE A 63 3.44 33.41 -30.07
C ILE A 63 3.95 33.65 -31.47
N ARG A 64 4.46 34.86 -31.74
CA ARG A 64 4.93 35.18 -33.08
C ARG A 64 6.10 34.29 -33.49
N ARG A 65 7.10 34.15 -32.61
CA ARG A 65 8.27 33.36 -32.96
C ARG A 65 7.90 31.90 -33.18
N THR A 66 7.04 31.34 -32.31
CA THR A 66 6.63 29.95 -32.47
C THR A 66 5.84 29.75 -33.76
N THR A 67 4.96 30.70 -34.08
CA THR A 67 4.19 30.60 -35.31
C THR A 67 5.11 30.62 -36.52
N THR A 68 6.09 31.53 -36.52
CA THR A 68 7.02 31.60 -37.64
C THR A 68 7.81 30.29 -37.77
N ALA A 69 8.31 29.78 -36.65
CA ALA A 69 9.09 28.54 -36.68
C ALA A 69 8.25 27.39 -37.22
N CYS A 70 7.03 27.25 -36.72
CA CYS A 70 6.16 26.16 -37.16
C CYS A 70 5.81 26.29 -38.64
N GLU A 71 5.53 27.50 -39.09
CA GLU A 71 5.20 27.70 -40.50
C GLU A 71 6.39 27.46 -41.41
N SER A 72 7.61 27.61 -40.89
CA SER A 72 8.81 27.33 -41.68
C SER A 72 8.99 25.85 -41.97
N LEU A 73 8.24 24.97 -41.31
CA LEU A 73 8.42 23.53 -41.52
C LEU A 73 7.85 23.07 -42.85
N GLY A 74 6.82 23.75 -43.36
CA GLY A 74 6.08 23.22 -44.49
C GLY A 74 5.32 21.96 -44.13
N LYS A 75 4.78 21.92 -42.90
CA LYS A 75 4.10 20.74 -42.39
C LYS A 75 2.88 21.20 -41.60
N ALA A 76 1.85 20.37 -41.57
CA ALA A 76 0.69 20.66 -40.74
C ALA A 76 1.11 20.75 -39.28
N TRP A 77 0.67 21.81 -38.61
CA TRP A 77 1.15 22.11 -37.27
C TRP A 77 -0.02 22.53 -36.39
N GLU A 78 0.17 22.37 -35.08
CA GLU A 78 -0.82 22.75 -34.08
C GLU A 78 -0.08 23.23 -32.83
N ILE A 79 -0.75 24.08 -32.06
CA ILE A 79 -0.18 24.65 -30.85
C ILE A 79 -1.22 24.58 -29.74
N LEU A 80 -0.79 24.19 -28.55
CA LEU A 80 -1.64 24.12 -27.37
C LEU A 80 -0.98 24.89 -26.23
N LEU A 81 -1.72 25.83 -25.65
CA LEU A 81 -1.25 26.60 -24.51
C LEU A 81 -2.07 26.24 -23.29
N ILE A 82 -1.40 25.93 -22.19
CA ILE A 82 -2.04 25.49 -20.95
C ILE A 82 -1.75 26.53 -19.88
N ASP A 83 -2.81 27.02 -19.23
CA ASP A 83 -2.70 27.97 -18.13
C ASP A 83 -2.71 27.20 -16.82
N ASP A 84 -1.58 27.23 -16.10
CA ASP A 84 -1.48 26.51 -14.84
C ASP A 84 -1.92 27.40 -13.69
N GLY A 85 -3.14 27.93 -13.76
CA GLY A 85 -3.65 28.80 -12.72
C GLY A 85 -2.92 30.12 -12.62
N SER A 86 -2.65 30.77 -13.75
CA SER A 86 -1.95 32.05 -13.73
C SER A 86 -2.81 33.11 -13.06
N SER A 87 -2.18 33.95 -12.25
CA SER A 87 -2.86 35.04 -11.58
C SER A 87 -2.92 36.30 -12.44
N ASP A 88 -2.00 36.47 -13.38
CA ASP A 88 -1.97 37.64 -14.25
C ASP A 88 -2.91 37.42 -15.43
N SER A 89 -2.80 38.28 -16.44
CA SER A 89 -3.70 38.29 -17.59
C SER A 89 -3.32 37.27 -18.66
N SER A 90 -2.52 36.26 -18.33
CA SER A 90 -2.09 35.30 -19.35
C SER A 90 -3.27 34.63 -20.02
N ALA A 91 -4.30 34.26 -19.24
CA ALA A 91 -5.45 33.59 -19.82
C ALA A 91 -6.16 34.48 -20.84
N GLU A 92 -6.26 35.78 -20.56
CA GLU A 92 -6.92 36.68 -21.48
C GLU A 92 -6.17 36.74 -22.81
N LEU A 93 -4.84 36.84 -22.76
CA LEU A 93 -4.06 36.84 -23.99
C LEU A 93 -4.21 35.53 -24.73
N MET A 94 -4.22 34.41 -24.00
CA MET A 94 -4.36 33.10 -24.64
C MET A 94 -5.69 32.99 -25.37
N VAL A 95 -6.79 33.40 -24.71
CA VAL A 95 -8.10 33.30 -25.34
C VAL A 95 -8.20 34.26 -26.52
N LYS A 96 -7.63 35.45 -26.39
CA LYS A 96 -7.62 36.39 -27.51
C LYS A 96 -6.89 35.81 -28.71
N ALA A 97 -5.73 35.20 -28.47
CA ALA A 97 -4.98 34.58 -29.56
C ALA A 97 -5.78 33.44 -30.19
N SER A 98 -6.43 32.63 -29.36
CA SER A 98 -7.26 31.54 -29.89
C SER A 98 -8.42 32.06 -30.72
N GLN A 99 -8.91 33.26 -30.40
CA GLN A 99 -10.05 33.83 -31.11
C GLN A 99 -9.63 34.60 -32.37
N GLU A 100 -8.34 34.70 -32.66
CA GLU A 100 -7.90 35.37 -33.88
C GLU A 100 -8.32 34.57 -35.10
N ALA A 101 -8.51 35.28 -36.22
CA ALA A 101 -8.93 34.63 -37.45
C ALA A 101 -7.85 33.67 -37.93
N ASP A 102 -8.28 32.47 -38.35
CA ASP A 102 -7.38 31.43 -38.86
C ASP A 102 -6.29 31.10 -37.85
N SER A 103 -6.65 31.07 -36.56
CA SER A 103 -5.68 30.77 -35.52
C SER A 103 -5.58 29.27 -35.30
N HIS A 104 -4.35 28.80 -35.12
CA HIS A 104 -4.07 27.38 -34.86
C HIS A 104 -3.75 27.13 -33.39
N ILE A 105 -4.17 28.01 -32.49
CA ILE A 105 -3.81 27.95 -31.08
C ILE A 105 -5.03 27.47 -30.29
N ILE A 106 -4.82 26.44 -29.48
CA ILE A 106 -5.84 25.93 -28.56
C ILE A 106 -5.44 26.32 -27.14
N SER A 107 -6.37 26.91 -26.41
CA SER A 107 -6.14 27.37 -25.04
C SER A 107 -6.84 26.45 -24.06
N ILE A 108 -6.12 25.99 -23.05
CA ILE A 108 -6.64 25.12 -22.01
C ILE A 108 -6.40 25.76 -20.66
N LEU A 109 -7.46 25.88 -19.86
CA LEU A 109 -7.41 26.52 -18.56
C LEU A 109 -7.63 25.48 -17.47
N LEU A 110 -6.88 25.62 -16.37
CA LEU A 110 -6.99 24.73 -15.23
C LEU A 110 -7.49 25.51 -14.01
N ASN A 111 -8.26 24.83 -13.16
CA ASN A 111 -8.90 25.49 -12.02
C ASN A 111 -7.91 25.85 -10.93
N ARG A 112 -6.67 25.39 -10.98
CA ARG A 112 -5.68 25.71 -9.97
C ARG A 112 -4.30 25.35 -10.48
N ASN A 113 -3.29 25.66 -9.66
CA ASN A 113 -1.91 25.34 -10.01
C ASN A 113 -1.60 23.90 -9.62
N TYR A 114 -1.35 23.06 -10.62
CA TYR A 114 -1.00 21.66 -10.40
C TYR A 114 0.47 21.37 -10.62
N GLY A 115 1.15 22.09 -11.50
CA GLY A 115 2.55 21.88 -11.78
C GLY A 115 2.83 21.85 -13.28
N GLN A 116 4.13 21.89 -13.59
CA GLN A 116 4.56 21.92 -14.97
C GLN A 116 4.22 20.61 -15.68
N HIS A 117 4.59 19.47 -15.07
CA HIS A 117 4.40 18.20 -15.73
C HIS A 117 2.93 17.80 -15.80
N ALA A 118 2.14 18.18 -14.80
CA ALA A 118 0.70 17.95 -14.88
C ALA A 118 0.09 18.73 -16.05
N ALA A 119 0.54 19.97 -16.24
CA ALA A 119 0.09 20.75 -17.39
C ALA A 119 0.52 20.10 -18.70
N ILE A 120 1.74 19.57 -18.75
CA ILE A 120 2.20 18.88 -19.96
C ILE A 120 1.32 17.66 -20.24
N MET A 121 0.94 16.92 -19.19
CA MET A 121 0.04 15.80 -19.36
C MET A 121 -1.33 16.25 -19.88
N ALA A 122 -1.84 17.36 -19.34
CA ALA A 122 -3.10 17.90 -19.84
C ALA A 122 -2.99 18.24 -21.31
N GLY A 123 -1.86 18.82 -21.72
CA GLY A 123 -1.66 19.08 -23.13
C GLY A 123 -1.64 17.81 -23.96
N PHE A 124 -0.89 16.80 -23.50
CA PHE A 124 -0.83 15.52 -24.19
C PHE A 124 -2.22 14.90 -24.35
N SER A 125 -3.12 15.15 -23.40
CA SER A 125 -4.44 14.54 -23.49
C SER A 125 -5.25 15.03 -24.67
N HIS A 126 -4.83 16.12 -25.32
CA HIS A 126 -5.58 16.70 -26.43
C HIS A 126 -4.84 16.71 -27.76
N VAL A 127 -3.54 16.42 -27.77
CA VAL A 127 -2.78 16.51 -29.00
C VAL A 127 -3.34 15.55 -30.04
N SER A 128 -3.21 15.93 -31.32
CA SER A 128 -3.65 15.10 -32.42
C SER A 128 -2.55 14.76 -33.40
N GLY A 129 -1.39 15.42 -33.33
CA GLY A 129 -0.33 15.16 -34.26
C GLY A 129 0.43 13.88 -33.98
N ASP A 130 1.21 13.46 -34.96
CA ASP A 130 2.03 12.27 -34.83
C ASP A 130 3.27 12.50 -33.98
N LEU A 131 3.86 13.70 -34.05
CA LEU A 131 5.02 14.05 -33.25
C LEU A 131 4.65 15.19 -32.31
N ILE A 132 5.21 15.15 -31.10
CA ILE A 132 4.89 16.12 -30.06
C ILE A 132 6.17 16.85 -29.67
N ILE A 133 6.07 18.17 -29.54
CA ILE A 133 7.19 19.02 -29.17
C ILE A 133 6.84 19.75 -27.89
N THR A 134 7.76 19.74 -26.93
CA THR A 134 7.60 20.46 -25.68
C THR A 134 8.52 21.67 -25.66
N LEU A 135 8.03 22.78 -25.13
CA LEU A 135 8.76 24.04 -25.13
C LEU A 135 8.38 24.86 -23.92
N ASP A 136 9.31 25.68 -23.45
CA ASP A 136 9.07 26.55 -22.30
C ASP A 136 8.51 27.89 -22.75
N ALA A 137 7.76 28.53 -21.86
CA ALA A 137 7.10 29.79 -22.19
C ALA A 137 7.96 31.01 -21.92
N ASP A 138 8.98 30.90 -21.08
CA ASP A 138 9.87 32.01 -20.78
C ASP A 138 10.76 32.39 -21.96
N LEU A 139 10.74 31.59 -23.03
CA LEU A 139 11.45 31.88 -24.27
C LEU A 139 12.96 31.68 -24.16
N GLN A 140 13.42 31.00 -23.10
CA GLN A 140 14.83 30.64 -23.03
C GLN A 140 15.18 29.59 -24.07
N ASN A 141 14.21 28.76 -24.47
CA ASN A 141 14.43 27.78 -25.51
C ASN A 141 14.11 28.40 -26.87
N PRO A 142 15.07 28.53 -27.77
CA PRO A 142 14.78 29.14 -29.07
C PRO A 142 13.76 28.33 -29.86
N PRO A 143 12.63 28.92 -30.23
CA PRO A 143 11.66 28.20 -31.06
C PRO A 143 12.20 27.80 -32.42
N GLU A 144 13.29 28.42 -32.88
CA GLU A 144 13.81 28.14 -34.22
C GLU A 144 14.44 26.75 -34.33
N GLU A 145 14.63 26.04 -33.21
CA GLU A 145 15.24 24.73 -33.25
C GLU A 145 14.24 23.63 -33.56
N ILE A 146 12.96 23.96 -33.69
CA ILE A 146 11.94 22.94 -33.94
C ILE A 146 12.21 22.14 -35.21
N PRO A 147 12.49 22.75 -36.36
CA PRO A 147 12.64 21.95 -37.59
C PRO A 147 13.72 20.90 -37.50
N ARG A 148 14.82 21.17 -36.79
CA ARG A 148 15.85 20.15 -36.63
C ARG A 148 15.30 18.93 -35.89
N LEU A 149 14.57 19.17 -34.80
CA LEU A 149 13.96 18.06 -34.06
C LEU A 149 12.98 17.30 -34.95
N VAL A 150 12.16 18.02 -35.71
CA VAL A 150 11.19 17.36 -36.57
C VAL A 150 11.89 16.49 -37.60
N ALA A 151 12.95 17.00 -38.21
CA ALA A 151 13.69 16.24 -39.21
C ALA A 151 14.30 14.98 -38.59
N LYS A 152 14.99 15.13 -37.47
CA LYS A 152 15.64 13.97 -36.86
C LYS A 152 14.62 12.93 -36.43
N ALA A 153 13.48 13.37 -35.89
CA ALA A 153 12.42 12.42 -35.55
C ALA A 153 11.87 11.74 -36.79
N ASP A 154 11.74 12.48 -37.90
CA ASP A 154 11.29 11.89 -39.14
C ASP A 154 12.22 10.82 -39.66
N GLU A 155 13.50 10.86 -39.28
CA GLU A 155 14.40 9.75 -39.61
C GLU A 155 13.89 8.43 -39.06
N GLY A 156 13.17 8.45 -37.94
CA GLY A 156 12.57 7.24 -37.40
C GLY A 156 12.69 7.10 -35.89
N PHE A 157 13.46 7.98 -35.26
CA PHE A 157 13.68 7.86 -33.83
C PHE A 157 12.41 8.19 -33.04
N ASP A 158 12.17 7.40 -31.98
CA ASP A 158 10.98 7.60 -31.17
C ASP A 158 11.11 8.83 -30.28
N VAL A 159 12.27 9.01 -29.64
CA VAL A 159 12.48 10.08 -28.68
C VAL A 159 13.76 10.82 -29.06
N VAL A 160 13.67 12.14 -29.17
CA VAL A 160 14.81 12.99 -29.49
C VAL A 160 14.98 13.98 -28.35
N GLY A 161 16.18 14.00 -27.77
CA GLY A 161 16.50 14.93 -26.72
C GLY A 161 17.34 16.09 -27.22
N THR A 162 17.82 16.90 -26.27
CA THR A 162 18.64 18.06 -26.58
C THR A 162 19.65 18.27 -25.46
N VAL A 163 20.77 18.90 -25.81
CA VAL A 163 21.84 19.22 -24.88
C VAL A 163 22.21 20.69 -25.05
N ARG A 164 22.33 21.40 -23.94
CA ARG A 164 22.66 22.82 -23.98
C ARG A 164 24.18 22.98 -24.11
N GLN A 165 24.63 23.38 -25.31
CA GLN A 165 26.06 23.54 -25.54
C GLN A 165 26.64 24.67 -24.70
N ASN A 166 25.96 25.80 -24.60
CA ASN A 166 26.39 26.91 -23.77
C ASN A 166 25.59 26.92 -22.46
N ARG A 167 26.08 26.17 -21.47
CA ARG A 167 25.36 25.97 -20.23
C ARG A 167 26.01 26.74 -19.09
N GLN A 168 25.20 27.51 -18.36
CA GLN A 168 25.71 28.27 -17.23
C GLN A 168 26.30 27.34 -16.18
N ASP A 169 27.39 27.77 -15.56
CA ASP A 169 28.07 26.99 -14.55
C ASP A 169 27.98 27.70 -13.21
N SER A 170 27.46 27.01 -12.21
CA SER A 170 27.38 27.51 -10.84
C SER A 170 27.38 26.31 -9.91
N LEU A 171 28.12 26.41 -8.81
CA LEU A 171 28.42 25.23 -8.00
C LEU A 171 27.16 24.43 -7.68
N PHE A 172 26.11 25.12 -7.22
CA PHE A 172 24.89 24.42 -6.82
C PHE A 172 24.35 23.56 -7.96
N ARG A 173 24.00 24.20 -9.08
CA ARG A 173 23.39 23.47 -10.20
C ARG A 173 24.35 22.42 -10.74
N LYS A 174 25.64 22.76 -10.83
CA LYS A 174 26.61 21.85 -11.43
C LYS A 174 26.75 20.58 -10.61
N SER A 175 26.90 20.72 -9.29
CA SER A 175 27.02 19.54 -8.44
C SER A 175 25.74 18.72 -8.47
N ALA A 176 24.58 19.39 -8.42
CA ALA A 176 23.32 18.66 -8.47
C ALA A 176 23.21 17.87 -9.76
N SER A 177 23.54 18.49 -10.89
CA SER A 177 23.47 17.81 -12.17
C SER A 177 24.45 16.65 -12.23
N LYS A 178 25.66 16.84 -11.70
CA LYS A 178 26.65 15.76 -11.72
C LYS A 178 26.14 14.54 -10.96
N ILE A 179 25.67 14.75 -9.73
CA ILE A 179 25.21 13.62 -8.93
C ILE A 179 23.98 12.98 -9.57
N ILE A 180 23.06 13.80 -10.07
CA ILE A 180 21.83 13.27 -10.65
C ILE A 180 22.14 12.44 -11.89
N ASN A 181 23.04 12.94 -12.75
CA ASN A 181 23.39 12.20 -13.95
C ASN A 181 24.13 10.91 -13.61
N LEU A 182 24.99 10.95 -12.59
CA LEU A 182 25.64 9.72 -12.15
C LEU A 182 24.62 8.68 -11.73
N LEU A 183 23.64 9.08 -10.91
CA LEU A 183 22.62 8.15 -10.47
C LEU A 183 21.80 7.64 -11.65
N ILE A 184 21.46 8.54 -12.58
CA ILE A 184 20.63 8.15 -13.72
C ILE A 184 21.36 7.15 -14.60
N GLN A 185 22.65 7.36 -14.85
CA GLN A 185 23.39 6.42 -15.67
C GLN A 185 23.61 5.11 -14.95
N ARG A 186 23.77 5.15 -13.62
CA ARG A 186 23.87 3.90 -12.86
C ARG A 186 22.58 3.10 -12.96
N THR A 187 21.44 3.78 -12.86
CA THR A 187 20.16 3.06 -12.84
C THR A 187 19.74 2.62 -14.24
N THR A 188 19.54 3.57 -15.16
CA THR A 188 19.07 3.26 -16.49
C THR A 188 20.11 2.56 -17.36
N GLY A 189 21.39 2.68 -17.02
CA GLY A 189 22.44 2.06 -17.80
C GLY A 189 23.07 2.95 -18.84
N LYS A 190 22.47 4.10 -19.15
CA LYS A 190 23.07 5.05 -20.08
C LYS A 190 22.75 6.47 -19.62
N ALA A 191 23.59 7.41 -20.04
CA ALA A 191 23.39 8.81 -19.72
C ALA A 191 22.58 9.49 -20.83
N MET A 192 21.72 10.41 -20.43
CA MET A 192 20.85 11.12 -21.36
C MET A 192 21.41 12.49 -21.76
N GLY A 193 22.61 12.84 -21.28
CA GLY A 193 23.21 14.12 -21.62
C GLY A 193 22.73 15.24 -20.73
N ASP A 194 21.47 15.67 -20.91
CA ASP A 194 20.91 16.76 -20.12
C ASP A 194 19.46 16.41 -19.80
N TYR A 195 19.15 16.32 -18.49
CA TYR A 195 17.79 16.00 -18.08
C TYR A 195 16.95 17.25 -17.85
N GLY A 196 17.59 18.36 -17.51
CA GLY A 196 16.87 19.58 -17.18
C GLY A 196 16.36 20.37 -18.36
N CYS A 197 16.69 19.95 -19.59
CA CYS A 197 16.23 20.63 -20.78
C CYS A 197 14.91 20.02 -21.22
N MET A 198 13.85 20.83 -21.26
CA MET A 198 12.52 20.37 -21.60
C MET A 198 12.21 20.51 -23.09
N LEU A 199 13.17 20.97 -23.89
CA LEU A 199 12.98 21.03 -25.34
C LEU A 199 13.27 19.64 -25.91
N ARG A 200 12.20 18.89 -26.19
CA ARG A 200 12.34 17.50 -26.60
C ARG A 200 11.20 17.15 -27.55
N ALA A 201 11.31 15.96 -28.15
CA ALA A 201 10.31 15.48 -29.09
C ALA A 201 9.98 14.02 -28.77
N TYR A 202 8.71 13.66 -28.99
CA TYR A 202 8.25 12.30 -28.76
C TYR A 202 7.26 11.92 -29.85
N ARG A 203 7.17 10.63 -30.14
CA ARG A 203 6.12 10.13 -31.02
C ARG A 203 4.86 9.81 -30.22
N ARG A 204 3.73 9.75 -30.92
CA ARG A 204 2.45 9.57 -30.26
C ARG A 204 2.35 8.28 -29.44
N PRO A 205 2.84 7.13 -29.92
CA PRO A 205 2.72 5.91 -29.10
C PRO A 205 3.34 6.05 -27.72
N ILE A 206 4.47 6.74 -27.59
CA ILE A 206 5.05 6.97 -26.28
C ILE A 206 4.08 7.78 -25.42
N ILE A 207 3.46 8.79 -26.00
CA ILE A 207 2.51 9.61 -25.26
C ILE A 207 1.35 8.77 -24.76
N ASP A 208 0.80 7.93 -25.64
CA ASP A 208 -0.31 7.08 -25.24
C ASP A 208 0.09 6.11 -24.15
N THR A 209 1.30 5.53 -24.25
CA THR A 209 1.77 4.60 -23.24
C THR A 209 1.91 5.29 -21.89
N MET A 210 2.55 6.46 -21.87
CA MET A 210 2.77 7.16 -20.61
C MET A 210 1.46 7.65 -20.00
N LEU A 211 0.53 8.07 -20.85
CA LEU A 211 -0.71 8.66 -20.36
C LEU A 211 -1.56 7.66 -19.59
N ARG A 212 -1.35 6.36 -19.78
CA ARG A 212 -2.12 5.35 -19.08
C ARG A 212 -1.46 4.85 -17.80
N CYS A 213 -0.30 5.40 -17.42
CA CYS A 213 0.37 4.98 -16.21
C CYS A 213 -0.42 5.41 -14.98
N HIS A 214 -0.32 4.61 -13.91
CA HIS A 214 -1.09 4.88 -12.70
C HIS A 214 -0.47 6.01 -11.88
N GLU A 215 0.86 6.08 -11.85
CA GLU A 215 1.53 7.00 -10.93
C GLU A 215 1.08 8.43 -11.18
N ARG A 216 0.78 9.14 -10.08
CA ARG A 216 0.29 10.51 -10.16
C ARG A 216 1.41 11.54 -10.32
N SER A 217 2.60 11.24 -9.82
CA SER A 217 3.75 12.13 -9.92
C SER A 217 4.80 11.49 -10.80
N THR A 218 5.38 12.28 -11.70
CA THR A 218 6.28 11.74 -12.72
C THR A 218 7.28 12.80 -13.13
N PHE A 219 8.34 12.34 -13.80
CA PHE A 219 9.31 13.19 -14.47
C PHE A 219 9.32 12.75 -15.93
N ILE A 220 8.76 13.59 -16.80
CA ILE A 220 8.46 13.14 -18.17
C ILE A 220 9.70 12.63 -18.89
N PRO A 221 10.84 13.33 -18.88
CA PRO A 221 12.00 12.84 -19.63
C PRO A 221 12.43 11.43 -19.24
N ILE A 222 12.43 11.11 -17.95
CA ILE A 222 12.83 9.78 -17.51
C ILE A 222 11.77 8.75 -17.87
N LEU A 223 10.50 9.07 -17.61
CA LEU A 223 9.42 8.13 -17.89
C LEU A 223 9.32 7.82 -19.38
N ALA A 224 9.80 8.73 -20.23
CA ALA A 224 9.76 8.49 -21.67
C ALA A 224 10.78 7.43 -22.09
N ASN A 225 11.99 7.49 -21.52
CA ASN A 225 13.02 6.53 -21.86
C ASN A 225 12.66 5.10 -21.47
N ILE A 226 11.73 4.92 -20.53
CA ILE A 226 11.33 3.59 -20.12
C ILE A 226 10.71 2.82 -21.28
N PHE A 227 10.01 3.52 -22.17
CA PHE A 227 9.32 2.89 -23.29
C PHE A 227 9.97 3.16 -24.64
N ALA A 228 11.16 3.77 -24.67
CA ALA A 228 11.78 4.15 -25.94
C ALA A 228 12.63 3.01 -26.49
N ARG A 229 12.33 2.61 -27.72
CA ARG A 229 13.14 1.59 -28.39
C ARG A 229 14.41 2.17 -28.99
N ARG A 230 14.40 3.47 -29.31
CA ARG A 230 15.54 4.10 -29.98
C ARG A 230 15.52 5.58 -29.65
N ALA A 231 16.67 6.13 -29.28
CA ALA A 231 16.76 7.52 -28.85
C ALA A 231 18.02 8.17 -29.41
N THR A 232 17.98 9.50 -29.51
CA THR A 232 19.11 10.28 -29.99
C THR A 232 19.11 11.63 -29.27
N GLU A 233 20.02 12.51 -29.68
CA GLU A 233 20.15 13.82 -29.05
C GLU A 233 20.59 14.85 -30.09
N ILE A 234 20.54 16.12 -29.69
CA ILE A 234 20.92 17.24 -30.55
C ILE A 234 21.53 18.34 -29.68
N PRO A 235 22.62 18.98 -30.11
CA PRO A 235 23.09 20.17 -29.37
C PRO A 235 22.24 21.39 -29.71
N VAL A 236 22.03 22.24 -28.71
CA VAL A 236 21.27 23.47 -28.89
C VAL A 236 21.84 24.54 -27.96
N HIS A 237 21.59 25.80 -28.30
CA HIS A 237 22.09 26.90 -27.50
C HIS A 237 21.01 27.38 -26.53
N HIS A 238 21.45 28.08 -25.48
CA HIS A 238 20.57 28.46 -24.38
C HIS A 238 20.72 29.95 -24.11
N ALA A 239 19.68 30.54 -23.53
CA ALA A 239 19.66 31.95 -23.20
C ALA A 239 18.89 32.15 -21.89
N GLU A 240 19.14 33.29 -21.25
CA GLU A 240 18.46 33.63 -20.02
C GLU A 240 17.10 34.25 -20.32
N ARG A 241 16.18 34.10 -19.38
CA ARG A 241 14.83 34.63 -19.55
C ARG A 241 14.88 36.14 -19.70
N GLU A 242 14.16 36.66 -20.71
CA GLU A 242 14.23 38.07 -21.03
C GLU A 242 13.44 38.93 -20.04
N PHE A 243 12.33 38.41 -19.52
CA PHE A 243 11.47 39.18 -18.64
C PHE A 243 11.08 38.33 -17.43
N GLY A 244 10.73 39.03 -16.34
CA GLY A 244 10.25 38.37 -15.15
C GLY A 244 11.35 37.65 -14.37
N ASP A 245 10.91 36.79 -13.47
CA ASP A 245 11.78 36.00 -12.62
C ASP A 245 11.38 34.53 -12.68
N SER A 246 12.36 33.66 -12.42
CA SER A 246 12.09 32.22 -12.43
C SER A 246 11.09 31.87 -11.35
N LYS A 247 10.15 30.97 -11.68
CA LYS A 247 9.09 30.60 -10.77
C LYS A 247 9.48 29.50 -9.80
N TYR A 248 10.64 28.87 -9.99
CA TYR A 248 11.05 27.74 -9.16
C TYR A 248 11.81 28.26 -7.94
N SER A 249 11.11 28.31 -6.81
CA SER A 249 11.74 28.71 -5.56
C SER A 249 12.46 27.52 -4.93
N PHE A 250 12.93 27.72 -3.70
CA PHE A 250 13.70 26.70 -3.01
C PHE A 250 12.86 25.47 -2.71
N MET A 251 11.68 25.67 -2.11
CA MET A 251 10.80 24.55 -1.80
C MET A 251 10.27 23.89 -3.07
N ARG A 252 9.92 24.71 -4.07
CA ARG A 252 9.43 24.16 -5.32
C ARG A 252 10.53 23.41 -6.07
N LEU A 253 11.79 23.60 -5.68
CA LEU A 253 12.89 22.84 -6.26
C LEU A 253 13.16 21.58 -5.45
N ILE A 254 13.01 21.67 -4.12
CA ILE A 254 13.17 20.48 -3.29
C ILE A 254 12.11 19.44 -3.62
N ASN A 255 10.87 19.89 -3.85
CA ASN A 255 9.82 18.96 -4.25
C ASN A 255 10.17 18.29 -5.57
N LEU A 256 10.70 19.05 -6.53
CA LEU A 256 11.09 18.47 -7.81
C LEU A 256 12.21 17.44 -7.64
N MET A 257 13.20 17.74 -6.81
CA MET A 257 14.27 16.79 -6.56
C MET A 257 13.74 15.52 -5.92
N TYR A 258 12.83 15.65 -4.94
CA TYR A 258 12.24 14.47 -4.32
C TYR A 258 11.47 13.64 -5.34
N ASP A 259 10.68 14.29 -6.20
CA ASP A 259 9.94 13.55 -7.21
C ASP A 259 10.89 12.81 -8.15
N LEU A 260 11.95 13.47 -8.59
CA LEU A 260 12.92 12.84 -9.47
C LEU A 260 13.55 11.62 -8.82
N VAL A 261 14.05 11.77 -7.59
CA VAL A 261 14.72 10.66 -6.93
C VAL A 261 13.76 9.51 -6.69
N THR A 262 12.55 9.81 -6.22
CA THR A 262 11.59 8.74 -5.95
C THR A 262 11.10 8.07 -7.22
N CYS A 263 11.11 8.78 -8.35
CA CYS A 263 10.74 8.16 -9.62
C CYS A 263 11.87 7.29 -10.15
N LEU A 264 13.12 7.64 -9.83
CA LEU A 264 14.25 6.87 -10.35
C LEU A 264 14.31 5.48 -9.72
N THR A 265 14.52 5.40 -8.41
CA THR A 265 14.88 4.14 -7.77
C THR A 265 14.38 4.10 -6.33
N THR A 266 14.43 2.90 -5.75
CA THR A 266 14.12 2.67 -4.35
C THR A 266 15.36 2.38 -3.52
N THR A 267 16.56 2.60 -4.07
CA THR A 267 17.81 2.27 -3.42
C THR A 267 17.98 2.92 -2.05
N PRO A 268 17.62 4.19 -1.87
CA PRO A 268 17.86 4.85 -0.58
C PRO A 268 17.34 4.08 0.62
N LEU A 269 16.34 3.22 0.44
CA LEU A 269 15.85 2.40 1.53
C LEU A 269 16.82 1.31 1.93
N ARG A 270 17.87 1.09 1.16
CA ARG A 270 18.82 0.01 1.41
C ARG A 270 20.03 0.46 2.22
N LEU A 271 20.31 1.77 2.25
CA LEU A 271 21.49 2.27 2.96
C LEU A 271 21.30 2.29 4.48
N LEU A 272 20.05 2.29 4.95
CA LEU A 272 19.80 2.30 6.38
C LEU A 272 20.36 1.05 7.05
N SER A 273 20.14 -0.11 6.43
CA SER A 273 20.67 -1.35 6.97
C SER A 273 22.19 -1.37 6.99
N LEU A 274 22.83 -0.84 5.93
CA LEU A 274 24.28 -0.76 5.91
C LEU A 274 24.80 0.11 7.05
N LEU A 275 24.21 1.30 7.23
CA LEU A 275 24.61 2.18 8.30
C LEU A 275 24.44 1.52 9.67
N GLY A 276 23.29 0.86 9.86
CA GLY A 276 23.07 0.18 11.13
C GLY A 276 24.07 -0.92 11.39
N SER A 277 24.40 -1.69 10.34
CA SER A 277 25.40 -2.74 10.49
C SER A 277 26.75 -2.16 10.90
N VAL A 278 27.15 -1.07 10.25
CA VAL A 278 28.42 -0.44 10.60
C VAL A 278 28.41 0.00 12.05
N ILE A 279 27.35 0.70 12.47
CA ILE A 279 27.31 1.22 13.83
C ILE A 279 27.31 0.08 14.85
N ALA A 280 26.52 -0.96 14.59
CA ALA A 280 26.44 -2.08 15.53
C ALA A 280 27.78 -2.80 15.65
N ILE A 281 28.43 -3.04 14.51
CA ILE A 281 29.74 -3.71 14.55
C ILE A 281 30.73 -2.87 15.34
N GLY A 282 30.78 -1.56 15.07
CA GLY A 282 31.69 -0.70 15.81
C GLY A 282 31.43 -0.74 17.30
N GLY A 283 30.17 -0.62 17.69
CA GLY A 283 29.84 -0.63 19.11
C GLY A 283 30.20 -1.94 19.79
N PHE A 284 29.86 -3.06 19.16
CA PHE A 284 30.17 -4.36 19.74
C PHE A 284 31.68 -4.54 19.88
N SER A 285 32.44 -4.20 18.84
CA SER A 285 33.89 -4.33 18.91
C SER A 285 34.46 -3.46 20.01
N LEU A 286 33.97 -2.21 20.13
CA LEU A 286 34.48 -1.32 21.16
C LEU A 286 34.17 -1.84 22.55
N SER A 287 32.97 -2.38 22.76
CA SER A 287 32.62 -2.91 24.07
C SER A 287 33.50 -4.11 24.43
N VAL A 288 33.69 -5.02 23.47
CA VAL A 288 34.53 -6.19 23.74
C VAL A 288 35.96 -5.75 24.03
N LEU A 289 36.47 -4.77 23.28
CA LEU A 289 37.81 -4.27 23.53
C LEU A 289 37.92 -3.64 24.91
N LEU A 290 36.90 -2.89 25.33
CA LEU A 290 36.92 -2.31 26.67
C LEU A 290 36.98 -3.39 27.74
N ILE A 291 36.16 -4.43 27.59
CA ILE A 291 36.17 -5.51 28.58
C ILE A 291 37.54 -6.17 28.63
N VAL A 292 38.10 -6.48 27.46
CA VAL A 292 39.39 -7.15 27.42
C VAL A 292 40.47 -6.28 28.04
N LEU A 293 40.47 -4.98 27.71
CA LEU A 293 41.48 -4.08 28.23
C LEU A 293 41.38 -3.95 29.74
N ARG A 294 40.16 -3.83 30.26
CA ARG A 294 40.02 -3.70 31.71
C ARG A 294 40.43 -4.98 32.42
N LEU A 295 40.12 -6.15 31.85
CA LEU A 295 40.55 -7.39 32.47
C LEU A 295 42.07 -7.54 32.44
N ALA A 296 42.71 -7.13 31.34
CA ALA A 296 44.15 -7.30 31.21
C ALA A 296 44.91 -6.32 32.10
N LEU A 297 44.52 -5.05 32.09
CA LEU A 297 45.25 -3.99 32.78
C LEU A 297 44.59 -3.54 34.07
N GLY A 298 43.38 -4.01 34.37
CA GLY A 298 42.67 -3.61 35.55
C GLY A 298 42.00 -2.26 35.38
N PRO A 299 41.45 -1.71 36.45
CA PRO A 299 40.77 -0.41 36.36
C PRO A 299 41.71 0.67 35.85
N GLN A 300 41.16 1.57 35.02
CA GLN A 300 41.93 2.66 34.44
C GLN A 300 41.30 4.03 34.65
N TRP A 301 39.97 4.13 34.63
CA TRP A 301 39.29 5.41 34.74
C TRP A 301 38.06 5.26 35.62
N ALA A 302 37.59 6.39 36.15
CA ALA A 302 36.39 6.37 36.98
C ALA A 302 35.13 6.20 36.14
N ALA A 303 35.14 6.71 34.91
CA ALA A 303 33.97 6.68 34.03
C ALA A 303 33.95 5.48 33.09
N GLU A 304 34.49 4.34 33.49
CA GLU A 304 34.54 3.18 32.60
C GLU A 304 33.17 2.59 32.35
N GLY A 305 32.36 2.42 33.40
CA GLY A 305 31.06 1.78 33.23
C GLY A 305 30.15 2.54 32.29
N VAL A 306 30.14 3.86 32.38
CA VAL A 306 29.31 4.65 31.49
C VAL A 306 29.75 4.46 30.04
N PHE A 307 31.05 4.28 29.79
CA PHE A 307 31.51 4.03 28.44
C PHE A 307 30.97 2.70 27.91
N MET A 308 30.99 1.65 28.74
CA MET A 308 30.42 0.38 28.29
C MET A 308 28.93 0.51 28.02
N LEU A 309 28.21 1.21 28.90
CA LEU A 309 26.78 1.41 28.68
C LEU A 309 26.51 2.16 27.38
N PHE A 310 27.33 3.18 27.09
CA PHE A 310 27.19 3.91 25.83
C PHE A 310 27.45 3.01 24.63
N ALA A 311 28.43 2.11 24.74
CA ALA A 311 28.69 1.17 23.65
C ALA A 311 27.47 0.28 23.40
N VAL A 312 26.87 -0.25 24.46
CA VAL A 312 25.67 -1.06 24.31
C VAL A 312 24.55 -0.25 23.67
N LEU A 313 24.42 1.01 24.10
CA LEU A 313 23.40 1.90 23.54
C LEU A 313 23.61 2.08 22.04
N PHE A 314 24.86 2.28 21.61
CA PHE A 314 25.15 2.41 20.19
C PHE A 314 24.80 1.15 19.43
N THR A 315 25.09 -0.02 20.01
CA THR A 315 24.71 -1.27 19.34
C THR A 315 23.20 -1.34 19.12
N PHE A 316 22.42 -1.00 20.16
CA PHE A 316 20.96 -1.01 20.00
C PHE A 316 20.50 0.00 18.97
N ILE A 317 21.12 1.18 18.94
CA ILE A 317 20.76 2.20 17.96
C ILE A 317 21.00 1.68 16.54
N GLY A 318 22.09 0.96 16.34
CA GLY A 318 22.32 0.36 15.03
C GLY A 318 21.28 -0.68 14.67
N ALA A 319 20.91 -1.52 15.65
CA ALA A 319 19.83 -2.48 15.41
C ALA A 319 18.55 -1.78 14.97
N GLN A 320 18.28 -0.59 15.52
CA GLN A 320 17.10 0.16 15.10
C GLN A 320 17.15 0.53 13.62
N PHE A 321 18.30 0.99 13.13
CA PHE A 321 18.44 1.28 11.70
C PHE A 321 18.23 0.02 10.87
N ILE A 322 18.76 -1.12 11.33
CA ILE A 322 18.55 -2.36 10.61
C ILE A 322 17.05 -2.67 10.50
N GLY A 323 16.32 -2.50 11.60
CA GLY A 323 14.88 -2.74 11.56
C GLY A 323 14.15 -1.81 10.61
N MET A 324 14.52 -0.52 10.62
CA MET A 324 13.87 0.42 9.70
C MET A 324 14.14 0.04 8.25
N GLY A 325 15.36 -0.40 7.92
CA GLY A 325 15.62 -0.88 6.57
C GLY A 325 14.82 -2.12 6.23
N LEU A 326 14.64 -3.02 7.20
CA LEU A 326 13.78 -4.17 7.00
C LEU A 326 12.37 -3.76 6.60
N LEU A 327 11.82 -2.75 7.29
CA LEU A 327 10.52 -2.21 6.89
C LEU A 327 10.57 -1.62 5.49
N GLY A 328 11.63 -0.87 5.19
CA GLY A 328 11.74 -0.21 3.91
C GLY A 328 11.73 -1.16 2.74
N GLU A 329 12.31 -2.35 2.89
CA GLU A 329 12.28 -3.32 1.80
C GLU A 329 10.84 -3.62 1.36
N TYR A 330 9.98 -3.98 2.31
CA TYR A 330 8.59 -4.27 1.99
C TYR A 330 7.86 -3.03 1.48
N ILE A 331 8.16 -1.86 2.05
CA ILE A 331 7.51 -0.64 1.57
C ILE A 331 7.84 -0.42 0.09
N GLY A 332 9.10 -0.61 -0.29
CA GLY A 332 9.48 -0.45 -1.69
C GLY A 332 8.82 -1.49 -2.58
N ARG A 333 8.72 -2.73 -2.10
CA ARG A 333 8.02 -3.75 -2.86
C ARG A 333 6.57 -3.34 -3.14
N ILE A 334 5.89 -2.85 -2.11
CA ILE A 334 4.51 -2.41 -2.27
C ILE A 334 4.43 -1.26 -3.27
N TYR A 335 5.36 -0.31 -3.18
CA TYR A 335 5.35 0.82 -4.10
C TYR A 335 5.49 0.35 -5.54
N ASN A 336 6.45 -0.54 -5.80
CA ASN A 336 6.64 -1.03 -7.16
C ASN A 336 5.41 -1.80 -7.66
N ASP A 337 4.81 -2.63 -6.80
CA ASP A 337 3.63 -3.38 -7.21
C ASP A 337 2.47 -2.45 -7.54
N VAL A 338 2.25 -1.42 -6.71
CA VAL A 338 1.16 -0.48 -6.96
C VAL A 338 1.40 0.32 -8.23
N ARG A 339 2.65 0.68 -8.51
CA ARG A 339 2.97 1.39 -9.75
C ARG A 339 2.52 0.62 -10.99
N ALA A 340 2.83 -0.67 -11.05
CA ALA A 340 2.39 -1.54 -12.14
C ALA A 340 3.07 -1.16 -13.46
N ARG A 341 4.37 -0.92 -13.41
CA ARG A 341 5.13 -0.69 -14.62
C ARG A 341 5.43 -2.02 -15.30
N PRO A 342 5.70 -2.01 -16.61
CA PRO A 342 6.01 -3.25 -17.31
C PRO A 342 7.21 -3.97 -16.70
N ARG A 343 7.12 -5.29 -16.65
CA ARG A 343 8.19 -6.11 -16.08
C ARG A 343 9.38 -6.22 -17.02
N TYR A 344 9.18 -5.98 -18.31
CA TYR A 344 10.25 -6.00 -19.29
C TYR A 344 9.77 -5.26 -20.53
N PHE A 345 10.72 -4.86 -21.37
CA PHE A 345 10.39 -4.20 -22.64
C PHE A 345 11.20 -4.86 -23.75
N VAL A 346 10.52 -5.18 -24.85
CA VAL A 346 11.13 -5.90 -25.97
C VAL A 346 11.57 -4.89 -27.01
N GLN A 347 12.81 -5.03 -27.48
CA GLN A 347 13.33 -4.16 -28.53
C GLN A 347 12.92 -4.67 -29.91
N GLN A 348 12.99 -5.97 -30.12
CA GLN A 348 12.57 -6.57 -31.38
C GLN A 348 12.64 -8.09 -31.25
N VAL A 349 11.85 -8.77 -32.09
CA VAL A 349 11.78 -10.23 -32.10
C VAL A 349 12.09 -10.70 -33.52
N ILE A 350 12.89 -11.75 -33.64
CA ILE A 350 13.36 -12.25 -34.93
C ILE A 350 13.00 -13.73 -35.01
N TYR A 351 11.90 -14.04 -35.70
CA TYR A 351 11.55 -15.43 -35.98
C TYR A 351 12.31 -15.95 -37.19
N PRO A 352 12.49 -17.26 -37.30
CA PRO A 352 13.04 -17.82 -38.54
C PRO A 352 12.07 -17.69 -39.70
N GLU A 353 12.48 -18.23 -40.85
CA GLU A 353 11.59 -18.23 -42.00
C GLU A 353 10.31 -19.01 -41.74
N SER A 354 10.38 -20.04 -40.89
CA SER A 354 9.21 -20.81 -40.50
C SER A 354 8.88 -20.58 -39.04
N THR A 355 7.67 -20.11 -38.75
CA THR A 355 7.25 -19.85 -37.38
C THR A 355 6.89 -21.15 -36.67
N PHE B 38 -20.48 30.54 -16.51
CA PHE B 38 -21.32 30.17 -15.38
C PHE B 38 -22.67 29.61 -15.84
N ASP B 39 -22.86 29.54 -17.15
CA ASP B 39 -24.12 29.04 -17.69
C ASP B 39 -24.33 27.58 -17.30
N ALA B 40 -25.56 27.25 -16.94
CA ALA B 40 -25.91 25.90 -16.55
C ALA B 40 -27.40 25.68 -16.76
N ALA B 41 -27.80 24.41 -16.78
CA ALA B 41 -29.20 24.08 -16.99
C ALA B 41 -30.03 24.52 -15.78
N PRO B 42 -31.27 24.95 -15.98
CA PRO B 42 -32.09 25.37 -14.84
C PRO B 42 -32.45 24.20 -13.94
N ILE B 43 -32.69 24.52 -12.67
CA ILE B 43 -33.03 23.51 -11.68
C ILE B 43 -34.54 23.33 -11.66
N LYS B 44 -34.99 22.07 -11.62
CA LYS B 44 -36.41 21.76 -11.55
C LYS B 44 -36.80 20.94 -10.33
N LYS B 45 -35.85 20.25 -9.69
CA LYS B 45 -36.12 19.47 -8.49
C LYS B 45 -34.97 19.67 -7.51
N VAL B 46 -35.28 19.58 -6.22
CA VAL B 46 -34.31 19.74 -5.15
C VAL B 46 -34.48 18.60 -4.14
N SER B 47 -33.39 18.26 -3.47
CA SER B 47 -33.39 17.22 -2.44
C SER B 47 -32.67 17.72 -1.21
N VAL B 48 -33.10 17.24 -0.04
CA VAL B 48 -32.56 17.66 1.25
C VAL B 48 -32.12 16.43 2.02
N VAL B 49 -30.92 16.50 2.60
CA VAL B 49 -30.32 15.40 3.34
C VAL B 49 -30.06 15.88 4.76
N ILE B 50 -30.56 15.12 5.74
CA ILE B 50 -30.44 15.47 7.15
C ILE B 50 -29.98 14.23 7.91
N PRO B 51 -28.76 14.22 8.48
CA PRO B 51 -28.37 13.10 9.35
C PRO B 51 -29.02 13.21 10.71
N VAL B 52 -29.50 12.10 11.24
CA VAL B 52 -30.19 12.04 12.53
C VAL B 52 -29.46 11.04 13.41
N TYR B 53 -29.16 11.44 14.64
CA TYR B 53 -28.55 10.56 15.63
C TYR B 53 -28.95 11.04 17.01
N ASN B 54 -29.94 10.36 17.60
CA ASN B 54 -30.43 10.69 18.94
C ASN B 54 -30.86 12.17 19.00
N GLU B 55 -31.86 12.49 18.17
CA GLU B 55 -32.42 13.83 18.11
C GLU B 55 -33.95 13.79 18.07
N GLN B 56 -34.55 12.94 18.91
CA GLN B 56 -36.01 12.84 18.94
C GLN B 56 -36.66 14.14 19.39
N GLU B 57 -36.00 14.88 20.29
CA GLU B 57 -36.60 16.10 20.83
C GLU B 57 -36.83 17.15 19.74
N SER B 58 -35.85 17.32 18.86
CA SER B 58 -35.92 18.40 17.87
C SER B 58 -36.59 17.96 16.57
N LEU B 59 -36.74 16.65 16.36
CA LEU B 59 -37.27 16.17 15.09
C LEU B 59 -38.66 16.70 14.77
N PRO B 60 -39.62 16.73 15.71
CA PRO B 60 -40.96 17.23 15.33
C PRO B 60 -40.94 18.65 14.80
N GLU B 61 -40.27 19.58 15.47
CA GLU B 61 -40.20 20.94 14.98
C GLU B 61 -39.41 21.01 13.67
N LEU B 62 -38.34 20.21 13.58
CA LEU B 62 -37.52 20.21 12.38
C LEU B 62 -38.34 19.83 11.16
N ILE B 63 -39.16 18.79 11.27
CA ILE B 63 -39.93 18.34 10.13
C ILE B 63 -40.86 19.45 9.64
N ARG B 64 -41.58 20.08 10.57
CA ARG B 64 -42.53 21.12 10.18
C ARG B 64 -41.81 22.30 9.53
N ARG B 65 -40.73 22.78 10.16
CA ARG B 65 -40.04 23.94 9.63
C ARG B 65 -39.44 23.64 8.26
N THR B 66 -38.83 22.45 8.10
CA THR B 66 -38.24 22.10 6.82
C THR B 66 -39.31 21.97 5.74
N THR B 67 -40.46 21.37 6.08
CA THR B 67 -41.53 21.24 5.12
C THR B 67 -42.03 22.61 4.68
N THR B 68 -42.21 23.53 5.63
CA THR B 68 -42.66 24.86 5.29
C THR B 68 -41.65 25.56 4.38
N ALA B 69 -40.36 25.47 4.73
CA ALA B 69 -39.34 26.12 3.92
C ALA B 69 -39.32 25.56 2.51
N CYS B 70 -39.35 24.23 2.38
CA CYS B 70 -39.32 23.61 1.07
C CYS B 70 -40.55 23.98 0.25
N GLU B 71 -41.73 23.99 0.87
CA GLU B 71 -42.94 24.34 0.15
C GLU B 71 -42.96 25.81 -0.26
N SER B 72 -42.22 26.67 0.45
CA SER B 72 -42.14 28.07 0.07
C SER B 72 -41.36 28.30 -1.21
N LEU B 73 -40.65 27.28 -1.72
CA LEU B 73 -39.84 27.47 -2.92
C LEU B 73 -40.69 27.54 -4.18
N GLY B 74 -41.86 26.89 -4.19
CA GLY B 74 -42.59 26.71 -5.43
C GLY B 74 -41.86 25.81 -6.39
N LYS B 75 -41.19 24.77 -5.87
CA LYS B 75 -40.38 23.86 -6.66
C LYS B 75 -40.59 22.46 -6.15
N ALA B 76 -40.46 21.48 -7.05
CA ALA B 76 -40.51 20.09 -6.64
C ALA B 76 -39.40 19.81 -5.63
N TRP B 77 -39.75 19.16 -4.53
CA TRP B 77 -38.83 18.98 -3.41
C TRP B 77 -38.93 17.57 -2.86
N GLU B 78 -37.86 17.15 -2.20
CA GLU B 78 -37.78 15.83 -1.58
C GLU B 78 -36.94 15.95 -0.33
N ILE B 79 -37.19 15.04 0.62
CA ILE B 79 -36.50 15.03 1.90
C ILE B 79 -36.08 13.60 2.22
N LEU B 80 -34.85 13.42 2.70
CA LEU B 80 -34.32 12.13 3.10
C LEU B 80 -33.76 12.24 4.50
N LEU B 81 -34.22 11.37 5.40
CA LEU B 81 -33.74 11.31 6.78
C LEU B 81 -32.98 10.00 6.98
N ILE B 82 -31.77 10.10 7.52
CA ILE B 82 -30.89 8.94 7.72
C ILE B 82 -30.68 8.76 9.21
N ASP B 83 -30.95 7.55 9.70
CA ASP B 83 -30.73 7.20 11.10
C ASP B 83 -29.36 6.56 11.24
N ASP B 84 -28.45 7.24 11.93
CA ASP B 84 -27.09 6.74 12.12
C ASP B 84 -27.02 5.86 13.37
N GLY B 85 -27.86 4.83 13.43
CA GLY B 85 -27.87 3.95 14.59
C GLY B 85 -28.34 4.62 15.87
N SER B 86 -29.41 5.40 15.81
CA SER B 86 -29.92 6.08 16.99
C SER B 86 -30.45 5.06 18.00
N SER B 87 -30.15 5.30 19.27
CA SER B 87 -30.64 4.45 20.35
C SER B 87 -32.02 4.84 20.84
N ASP B 88 -32.41 6.09 20.65
CA ASP B 88 -33.72 6.57 21.09
C ASP B 88 -34.77 6.26 20.01
N SER B 89 -35.95 6.86 20.16
CA SER B 89 -37.08 6.57 19.29
C SER B 89 -37.05 7.35 17.98
N SER B 90 -35.90 7.87 17.56
CA SER B 90 -35.84 8.67 16.33
C SER B 90 -36.35 7.88 15.14
N ALA B 91 -35.98 6.59 15.05
CA ALA B 91 -36.41 5.79 13.90
C ALA B 91 -37.92 5.65 13.85
N GLU B 92 -38.57 5.51 15.01
CA GLU B 92 -40.02 5.40 15.04
C GLU B 92 -40.69 6.67 14.51
N LEU B 93 -40.20 7.83 14.95
CA LEU B 93 -40.75 9.09 14.44
C LEU B 93 -40.51 9.22 12.94
N MET B 94 -39.32 8.82 12.48
CA MET B 94 -39.01 8.92 11.05
C MET B 94 -39.95 8.06 10.23
N VAL B 95 -40.17 6.81 10.65
CA VAL B 95 -41.05 5.92 9.89
C VAL B 95 -42.49 6.41 9.96
N LYS B 96 -42.92 6.93 11.12
CA LYS B 96 -44.27 7.48 11.21
C LYS B 96 -44.44 8.65 10.26
N ALA B 97 -43.46 9.54 10.19
CA ALA B 97 -43.54 10.67 9.27
C ALA B 97 -43.58 10.19 7.83
N SER B 98 -42.76 9.19 7.50
CA SER B 98 -42.77 8.64 6.15
C SER B 98 -44.12 8.01 5.81
N GLN B 99 -44.82 7.49 6.81
CA GLN B 99 -46.11 6.84 6.57
C GLN B 99 -47.28 7.80 6.57
N GLU B 100 -47.04 9.09 6.79
CA GLU B 100 -48.12 10.06 6.74
C GLU B 100 -48.64 10.20 5.32
N ALA B 101 -49.91 10.58 5.20
CA ALA B 101 -50.52 10.73 3.88
C ALA B 101 -49.85 11.86 3.12
N ASP B 102 -49.57 11.61 1.83
CA ASP B 102 -48.93 12.59 0.95
C ASP B 102 -47.62 13.09 1.53
N SER B 103 -46.86 12.18 2.14
CA SER B 103 -45.58 12.56 2.73
C SER B 103 -44.46 12.47 1.70
N HIS B 104 -43.58 13.46 1.73
CA HIS B 104 -42.42 13.52 0.84
C HIS B 104 -41.13 13.13 1.54
N ILE B 105 -41.22 12.39 2.64
CA ILE B 105 -40.07 12.07 3.48
C ILE B 105 -39.69 10.60 3.26
N ILE B 106 -38.42 10.36 2.96
CA ILE B 106 -37.87 9.02 2.83
C ILE B 106 -36.98 8.76 4.03
N SER B 107 -37.19 7.62 4.69
CA SER B 107 -36.44 7.24 5.88
C SER B 107 -35.48 6.12 5.53
N ILE B 108 -34.22 6.29 5.94
CA ILE B 108 -33.17 5.30 5.69
C ILE B 108 -32.54 4.95 7.04
N LEU B 109 -32.47 3.64 7.32
CA LEU B 109 -31.94 3.13 8.58
C LEU B 109 -30.64 2.40 8.32
N LEU B 110 -29.69 2.56 9.23
CA LEU B 110 -28.39 1.90 9.15
C LEU B 110 -28.23 0.94 10.32
N ASN B 111 -27.51 -0.16 10.09
CA ASN B 111 -27.38 -1.20 11.10
C ASN B 111 -26.47 -0.80 12.25
N ARG B 112 -25.74 0.30 12.15
CA ARG B 112 -24.86 0.74 13.22
C ARG B 112 -24.46 2.19 12.98
N ASN B 113 -23.71 2.73 13.93
CA ASN B 113 -23.22 4.10 13.82
C ASN B 113 -21.94 4.13 12.99
N TYR B 114 -22.03 4.76 11.81
CA TYR B 114 -20.88 4.91 10.93
C TYR B 114 -20.27 6.30 10.94
N GLY B 115 -21.07 7.33 11.18
CA GLY B 115 -20.59 8.70 11.19
C GLY B 115 -21.50 9.62 10.39
N GLN B 116 -21.24 10.92 10.56
CA GLN B 116 -22.05 11.94 9.90
C GLN B 116 -21.86 11.89 8.38
N HIS B 117 -20.60 11.89 7.93
CA HIS B 117 -20.33 11.95 6.50
C HIS B 117 -20.71 10.65 5.79
N ALA B 118 -20.56 9.52 6.46
CA ALA B 118 -21.04 8.26 5.88
C ALA B 118 -22.54 8.28 5.69
N ALA B 119 -23.27 8.83 6.66
CA ALA B 119 -24.72 8.99 6.52
C ALA B 119 -25.06 9.94 5.38
N ILE B 120 -24.29 11.02 5.22
CA ILE B 120 -24.52 11.93 4.11
C ILE B 120 -24.30 11.22 2.78
N MET B 121 -23.27 10.37 2.70
CA MET B 121 -23.05 9.59 1.48
C MET B 121 -24.20 8.63 1.23
N ALA B 122 -24.71 7.99 2.28
CA ALA B 122 -25.86 7.12 2.11
C ALA B 122 -27.05 7.90 1.58
N GLY B 123 -27.26 9.12 2.07
CA GLY B 123 -28.32 9.95 1.52
C GLY B 123 -28.09 10.28 0.05
N PHE B 124 -26.87 10.69 -0.28
CA PHE B 124 -26.54 10.99 -1.67
C PHE B 124 -26.80 9.80 -2.58
N SER B 125 -26.64 8.57 -2.08
CA SER B 125 -26.83 7.41 -2.93
C SER B 125 -28.27 7.24 -3.41
N HIS B 126 -29.22 7.96 -2.81
CA HIS B 126 -30.63 7.82 -3.16
C HIS B 126 -31.26 9.09 -3.74
N VAL B 127 -30.60 10.24 -3.64
CA VAL B 127 -31.20 11.49 -4.09
C VAL B 127 -31.55 11.40 -5.57
N SER B 128 -32.61 12.11 -5.96
CA SER B 128 -33.04 12.17 -7.36
C SER B 128 -33.08 13.59 -7.91
N GLY B 129 -32.99 14.61 -7.07
CA GLY B 129 -33.06 15.98 -7.53
C GLY B 129 -31.78 16.45 -8.19
N ASP B 130 -31.91 17.59 -8.89
CA ASP B 130 -30.76 18.19 -9.56
C ASP B 130 -29.84 18.92 -8.59
N LEU B 131 -30.40 19.54 -7.54
CA LEU B 131 -29.62 20.23 -6.53
C LEU B 131 -29.81 19.53 -5.19
N ILE B 132 -28.75 19.48 -4.41
CA ILE B 132 -28.74 18.77 -3.13
C ILE B 132 -28.44 19.76 -2.02
N ILE B 133 -29.19 19.68 -0.93
CA ILE B 133 -29.03 20.56 0.22
C ILE B 133 -28.73 19.70 1.44
N THR B 134 -27.71 20.08 2.20
CA THR B 134 -27.36 19.41 3.43
C THR B 134 -27.73 20.29 4.62
N LEU B 135 -28.23 19.66 5.67
CA LEU B 135 -28.73 20.38 6.83
C LEU B 135 -28.55 19.53 8.08
N ASP B 136 -28.37 20.19 9.22
CA ASP B 136 -28.20 19.50 10.50
C ASP B 136 -29.56 19.27 11.15
N ALA B 137 -29.62 18.23 11.99
CA ALA B 137 -30.88 17.85 12.63
C ALA B 137 -31.12 18.56 13.96
N ASP B 138 -30.07 19.08 14.59
CA ASP B 138 -30.21 19.79 15.85
C ASP B 138 -30.92 21.14 15.69
N LEU B 139 -31.16 21.57 14.46
CA LEU B 139 -31.93 22.78 14.16
C LEU B 139 -31.15 24.05 14.43
N GLN B 140 -29.83 23.95 14.61
CA GLN B 140 -29.01 25.16 14.71
C GLN B 140 -28.95 25.89 13.38
N ASN B 141 -29.08 25.16 12.27
CA ASN B 141 -29.11 25.78 10.95
C ASN B 141 -30.56 26.14 10.59
N PRO B 142 -30.89 27.41 10.42
CA PRO B 142 -32.27 27.78 10.10
C PRO B 142 -32.70 27.18 8.77
N PRO B 143 -33.76 26.38 8.75
CA PRO B 143 -34.25 25.84 7.47
C PRO B 143 -34.74 26.92 6.51
N GLU B 144 -35.03 28.14 7.00
CA GLU B 144 -35.57 29.19 6.16
C GLU B 144 -34.55 29.73 5.16
N GLU B 145 -33.28 29.36 5.28
CA GLU B 145 -32.25 29.86 4.37
C GLU B 145 -32.17 29.05 3.08
N ILE B 146 -32.97 27.99 2.95
CA ILE B 146 -32.90 27.14 1.75
C ILE B 146 -33.18 27.92 0.48
N PRO B 147 -34.25 28.72 0.38
CA PRO B 147 -34.54 29.37 -0.91
C PRO B 147 -33.42 30.24 -1.42
N ARG B 148 -32.67 30.91 -0.54
CA ARG B 148 -31.53 31.69 -0.99
C ARG B 148 -30.49 30.82 -1.68
N LEU B 149 -30.16 29.68 -1.05
CA LEU B 149 -29.21 28.75 -1.65
C LEU B 149 -29.73 28.24 -2.99
N VAL B 150 -31.01 27.90 -3.06
CA VAL B 150 -31.57 27.39 -4.30
C VAL B 150 -31.47 28.44 -5.39
N ALA B 151 -31.81 29.68 -5.08
CA ALA B 151 -31.73 30.75 -6.08
C ALA B 151 -30.31 30.95 -6.56
N LYS B 152 -29.35 31.07 -5.64
CA LYS B 152 -27.98 31.31 -6.04
C LYS B 152 -27.44 30.16 -6.88
N ALA B 153 -27.77 28.92 -6.50
CA ALA B 153 -27.35 27.78 -7.31
C ALA B 153 -28.01 27.81 -8.69
N ASP B 154 -29.27 28.23 -8.76
CA ASP B 154 -29.95 28.36 -10.04
C ASP B 154 -29.28 29.38 -10.95
N GLU B 155 -28.55 30.35 -10.40
CA GLU B 155 -27.76 31.24 -11.23
C GLU B 155 -26.75 30.48 -12.08
N GLY B 156 -26.27 29.33 -11.61
CA GLY B 156 -25.39 28.49 -12.40
C GLY B 156 -24.22 27.91 -11.64
N PHE B 157 -24.04 28.34 -10.39
CA PHE B 157 -22.88 27.89 -9.61
C PHE B 157 -23.03 26.43 -9.22
N ASP B 158 -21.92 25.69 -9.31
CA ASP B 158 -21.93 24.27 -8.98
C ASP B 158 -22.03 24.05 -7.48
N VAL B 159 -21.25 24.79 -6.70
CA VAL B 159 -21.16 24.61 -5.25
C VAL B 159 -21.39 25.95 -4.58
N VAL B 160 -22.31 25.98 -3.62
CA VAL B 160 -22.63 27.19 -2.85
C VAL B 160 -22.37 26.87 -1.39
N GLY B 161 -21.52 27.68 -0.75
CA GLY B 161 -21.25 27.54 0.67
C GLY B 161 -21.99 28.57 1.50
N THR B 162 -21.65 28.60 2.78
CA THR B 162 -22.25 29.53 3.72
C THR B 162 -21.23 29.93 4.77
N VAL B 163 -21.43 31.13 5.34
CA VAL B 163 -20.56 31.67 6.38
C VAL B 163 -21.45 32.14 7.52
N ARG B 164 -21.07 31.79 8.75
CA ARG B 164 -21.85 32.18 9.93
C ARG B 164 -21.46 33.59 10.35
N GLN B 165 -22.35 34.55 10.09
CA GLN B 165 -22.05 35.94 10.43
C GLN B 165 -21.94 36.14 11.94
N ASN B 166 -22.84 35.53 12.71
CA ASN B 166 -22.78 35.59 14.17
C ASN B 166 -22.19 34.30 14.72
N ARG B 167 -20.87 34.25 14.81
CA ARG B 167 -20.16 33.03 15.18
C ARG B 167 -19.61 33.13 16.60
N GLN B 168 -19.89 32.13 17.42
CA GLN B 168 -19.38 32.10 18.79
C GLN B 168 -17.86 32.11 18.78
N ASP B 169 -17.27 32.83 19.74
CA ASP B 169 -15.83 32.93 19.87
C ASP B 169 -15.39 32.28 21.17
N SER B 170 -14.46 31.33 21.06
CA SER B 170 -13.87 30.66 22.21
C SER B 170 -12.50 30.18 21.79
N LEU B 171 -11.51 30.35 22.68
CA LEU B 171 -10.11 30.19 22.28
C LEU B 171 -9.89 28.88 21.53
N PHE B 172 -10.39 27.77 22.07
CA PHE B 172 -10.16 26.47 21.44
C PHE B 172 -10.63 26.46 19.99
N ARG B 173 -11.92 26.68 19.77
CA ARG B 173 -12.48 26.62 18.43
C ARG B 173 -11.85 27.66 17.52
N LYS B 174 -11.62 28.87 18.05
CA LYS B 174 -11.09 29.96 17.24
C LYS B 174 -9.68 29.65 16.73
N SER B 175 -8.80 29.19 17.62
CA SER B 175 -7.45 28.85 17.20
C SER B 175 -7.46 27.68 16.22
N ALA B 176 -8.27 26.66 16.51
CA ALA B 176 -8.36 25.52 15.60
C ALA B 176 -8.80 25.98 14.20
N SER B 177 -9.84 26.82 14.15
CA SER B 177 -10.32 27.30 12.86
C SER B 177 -9.26 28.14 12.16
N LYS B 178 -8.56 28.99 12.91
CA LYS B 178 -7.54 29.82 12.28
C LYS B 178 -6.46 28.97 11.63
N ILE B 179 -5.90 28.01 12.38
CA ILE B 179 -4.85 27.17 11.82
C ILE B 179 -5.37 26.34 10.66
N ILE B 180 -6.57 25.78 10.80
CA ILE B 180 -7.12 24.92 9.75
C ILE B 180 -7.35 25.72 8.47
N ASN B 181 -7.90 26.93 8.60
CA ASN B 181 -8.13 27.76 7.42
C ASN B 181 -6.82 28.19 6.78
N LEU B 182 -5.82 28.50 7.60
CA LEU B 182 -4.51 28.82 7.04
C LEU B 182 -3.96 27.67 6.21
N LEU B 183 -4.03 26.46 6.76
CA LEU B 183 -3.54 25.29 6.01
C LEU B 183 -4.36 25.06 4.75
N ILE B 184 -5.68 25.24 4.84
CA ILE B 184 -6.55 25.00 3.69
C ILE B 184 -6.25 25.98 2.58
N GLN B 185 -6.06 27.26 2.92
CA GLN B 185 -5.77 28.25 1.90
C GLN B 185 -4.36 28.06 1.33
N ARG B 186 -3.42 27.60 2.15
CA ARG B 186 -2.09 27.28 1.63
C ARG B 186 -2.16 26.14 0.63
N THR B 187 -2.95 25.10 0.93
CA THR B 187 -3.00 23.93 0.07
C THR B 187 -3.84 24.16 -1.18
N THR B 188 -5.13 24.45 -0.99
CA THR B 188 -6.06 24.62 -2.11
C THR B 188 -5.81 25.89 -2.90
N GLY B 189 -5.17 26.89 -2.30
CA GLY B 189 -4.91 28.15 -2.98
C GLY B 189 -5.94 29.23 -2.71
N LYS B 190 -7.08 28.89 -2.12
CA LYS B 190 -8.08 29.88 -1.75
C LYS B 190 -8.76 29.47 -0.46
N ALA B 191 -9.30 30.45 0.25
CA ALA B 191 -10.02 30.20 1.49
C ALA B 191 -11.51 30.02 1.20
N MET B 192 -12.13 29.11 1.94
CA MET B 192 -13.55 28.79 1.76
C MET B 192 -14.45 29.54 2.75
N GLY B 193 -13.87 30.41 3.58
CA GLY B 193 -14.67 31.16 4.54
C GLY B 193 -14.93 30.39 5.82
N ASP B 194 -15.80 29.37 5.75
CA ASP B 194 -16.14 28.56 6.90
C ASP B 194 -16.25 27.11 6.47
N TYR B 195 -15.43 26.24 7.06
CA TYR B 195 -15.46 24.83 6.70
C TYR B 195 -16.39 24.04 7.62
N GLY B 196 -16.60 24.51 8.85
CA GLY B 196 -17.40 23.78 9.82
C GLY B 196 -18.89 23.90 9.65
N CYS B 197 -19.35 24.73 8.70
CA CYS B 197 -20.77 24.89 8.45
C CYS B 197 -21.21 23.88 7.39
N MET B 198 -22.13 23.00 7.76
CA MET B 198 -22.60 21.95 6.87
C MET B 198 -23.82 22.35 6.06
N LEU B 199 -24.30 23.59 6.19
CA LEU B 199 -25.40 24.08 5.39
C LEU B 199 -24.83 24.52 4.05
N ARG B 200 -24.98 23.67 3.03
CA ARG B 200 -24.36 23.90 1.73
C ARG B 200 -25.22 23.31 0.64
N ALA B 201 -24.88 23.61 -0.61
CA ALA B 201 -25.60 23.12 -1.76
C ALA B 201 -24.62 22.61 -2.81
N TYR B 202 -25.02 21.57 -3.52
CA TYR B 202 -24.22 20.98 -4.59
C TYR B 202 -25.12 20.57 -5.74
N ARG B 203 -24.56 20.55 -6.94
CA ARG B 203 -25.25 20.00 -8.09
C ARG B 203 -24.99 18.50 -8.20
N ARG B 204 -25.88 17.81 -8.91
CA ARG B 204 -25.79 16.35 -8.99
C ARG B 204 -24.48 15.84 -9.57
N PRO B 205 -23.91 16.44 -10.62
CA PRO B 205 -22.65 15.90 -11.15
C PRO B 205 -21.55 15.82 -10.11
N ILE B 206 -21.45 16.81 -9.22
CA ILE B 206 -20.46 16.75 -8.15
C ILE B 206 -20.73 15.54 -7.26
N ILE B 207 -22.00 15.30 -6.95
CA ILE B 207 -22.36 14.16 -6.11
C ILE B 207 -21.95 12.85 -6.78
N ASP B 208 -22.24 12.72 -8.07
CA ASP B 208 -21.87 11.50 -8.78
C ASP B 208 -20.35 11.33 -8.84
N THR B 209 -19.62 12.41 -9.05
CA THR B 209 -18.17 12.32 -9.10
C THR B 209 -17.60 11.89 -7.75
N MET B 210 -18.07 12.50 -6.66
CA MET B 210 -17.54 12.16 -5.34
C MET B 210 -17.93 10.75 -4.94
N LEU B 211 -19.13 10.31 -5.32
CA LEU B 211 -19.63 9.02 -4.87
C LEU B 211 -18.82 7.86 -5.43
N ARG B 212 -18.06 8.07 -6.51
CA ARG B 212 -17.25 7.03 -7.10
C ARG B 212 -15.82 7.00 -6.60
N CYS B 213 -15.45 7.90 -5.68
CA CYS B 213 -14.10 7.92 -5.16
C CYS B 213 -13.81 6.68 -4.31
N HIS B 214 -12.56 6.25 -4.32
CA HIS B 214 -12.18 5.03 -3.61
C HIS B 214 -12.08 5.28 -2.10
N GLU B 215 -11.58 6.44 -1.70
CA GLU B 215 -11.26 6.66 -0.29
C GLU B 215 -12.48 6.45 0.59
N ARG B 216 -12.28 5.72 1.69
CA ARG B 216 -13.36 5.39 2.60
C ARG B 216 -13.67 6.51 3.59
N SER B 217 -12.68 7.33 3.94
CA SER B 217 -12.86 8.44 4.86
C SER B 217 -12.68 9.75 4.11
N THR B 218 -13.55 10.71 4.36
CA THR B 218 -13.57 11.94 3.59
C THR B 218 -14.13 13.07 4.43
N PHE B 219 -13.90 14.30 3.95
CA PHE B 219 -14.51 15.51 4.47
C PHE B 219 -15.24 16.15 3.30
N ILE B 220 -16.57 16.09 3.32
CA ILE B 220 -17.36 16.41 2.13
C ILE B 220 -17.06 17.82 1.63
N PRO B 221 -17.05 18.87 2.46
CA PRO B 221 -16.81 20.22 1.92
C PRO B 221 -15.51 20.35 1.15
N ILE B 222 -14.42 19.76 1.64
CA ILE B 222 -13.15 19.84 0.92
C ILE B 222 -13.17 19.00 -0.34
N LEU B 223 -13.69 17.78 -0.26
CA LEU B 223 -13.71 16.91 -1.42
C LEU B 223 -14.58 17.47 -2.53
N ALA B 224 -15.55 18.33 -2.18
CA ALA B 224 -16.41 18.93 -3.19
C ALA B 224 -15.65 19.97 -4.01
N ASN B 225 -14.83 20.79 -3.36
CA ASN B 225 -14.07 21.82 -4.05
C ASN B 225 -13.07 21.25 -5.04
N ILE B 226 -12.68 19.98 -4.88
CA ILE B 226 -11.72 19.38 -5.79
C ILE B 226 -12.29 19.31 -7.20
N PHE B 227 -13.61 19.13 -7.33
CA PHE B 227 -14.25 19.00 -8.62
C PHE B 227 -15.10 20.20 -9.02
N ALA B 228 -15.03 21.30 -8.27
CA ALA B 228 -15.90 22.45 -8.53
C ALA B 228 -15.26 23.39 -9.54
N ARG B 229 -15.97 23.67 -10.63
CA ARG B 229 -15.50 24.63 -11.61
C ARG B 229 -15.78 26.07 -11.18
N ARG B 230 -16.80 26.28 -10.35
CA ARG B 230 -17.21 27.62 -9.95
C ARG B 230 -17.91 27.53 -8.60
N ALA B 231 -17.55 28.41 -7.68
CA ALA B 231 -18.06 28.37 -6.31
C ALA B 231 -18.36 29.77 -5.82
N THR B 232 -19.26 29.85 -4.83
CA THR B 232 -19.64 31.11 -4.21
C THR B 232 -19.98 30.84 -2.75
N GLU B 233 -20.45 31.88 -2.07
CA GLU B 233 -20.78 31.79 -0.65
C GLU B 233 -21.94 32.70 -0.32
N ILE B 234 -22.47 32.53 0.89
CA ILE B 234 -23.60 33.32 1.39
C ILE B 234 -23.46 33.52 2.89
N PRO B 235 -23.72 34.72 3.43
CA PRO B 235 -23.77 34.86 4.89
C PRO B 235 -25.08 34.32 5.44
N VAL B 236 -25.00 33.72 6.64
CA VAL B 236 -26.16 33.18 7.32
C VAL B 236 -25.96 33.33 8.83
N HIS B 237 -27.06 33.33 9.56
CA HIS B 237 -26.99 33.46 11.01
C HIS B 237 -27.04 32.08 11.67
N HIS B 238 -26.59 32.03 12.92
CA HIS B 238 -26.40 30.77 13.63
C HIS B 238 -27.06 30.86 15.00
N ALA B 239 -27.43 29.69 15.52
CA ALA B 239 -28.07 29.60 16.83
C ALA B 239 -27.60 28.33 17.53
N GLU B 240 -27.75 28.33 18.85
CA GLU B 240 -27.38 27.18 19.66
C GLU B 240 -28.49 26.13 19.65
N ARG B 241 -28.10 24.88 19.84
CA ARG B 241 -29.06 23.78 19.83
C ARG B 241 -30.09 23.97 20.93
N GLU B 242 -31.37 23.81 20.60
CA GLU B 242 -32.43 24.09 21.55
C GLU B 242 -32.58 22.98 22.59
N PHE B 243 -32.33 21.73 22.21
CA PHE B 243 -32.53 20.60 23.09
C PHE B 243 -31.32 19.67 23.02
N GLY B 244 -31.13 18.90 24.10
CA GLY B 244 -30.09 17.91 24.13
C GLY B 244 -28.69 18.49 24.29
N ASP B 245 -27.71 17.64 24.01
CA ASP B 245 -26.30 18.00 24.08
C ASP B 245 -25.59 17.60 22.80
N SER B 246 -24.51 18.30 22.48
CA SER B 246 -23.74 18.00 21.28
C SER B 246 -23.15 16.60 21.37
N LYS B 247 -23.19 15.87 20.26
CA LYS B 247 -22.74 14.49 20.22
C LYS B 247 -21.25 14.35 19.99
N TYR B 248 -20.55 15.43 19.67
CA TYR B 248 -19.13 15.37 19.35
C TYR B 248 -18.32 15.52 20.63
N SER B 249 -17.83 14.39 21.15
CA SER B 249 -16.99 14.40 22.32
C SER B 249 -15.53 14.71 21.93
N PHE B 250 -14.63 14.57 22.90
CA PHE B 250 -13.23 14.90 22.67
C PHE B 250 -12.59 13.95 21.67
N MET B 251 -12.75 12.64 21.88
CA MET B 251 -12.19 11.66 20.96
C MET B 251 -12.86 11.73 19.59
N ARG B 252 -14.19 11.91 19.58
CA ARG B 252 -14.91 12.02 18.32
C ARG B 252 -14.53 13.29 17.58
N LEU B 253 -13.91 14.25 18.25
CA LEU B 253 -13.41 15.45 17.59
C LEU B 253 -11.97 15.27 17.13
N ILE B 254 -11.17 14.54 17.91
CA ILE B 254 -9.81 14.24 17.49
C ILE B 254 -9.81 13.40 16.22
N ASN B 255 -10.72 12.42 16.14
CA ASN B 255 -10.83 11.62 14.92
C ASN B 255 -11.19 12.49 13.73
N LEU B 256 -12.11 13.44 13.91
CA LEU B 256 -12.49 14.33 12.83
C LEU B 256 -11.31 15.19 12.39
N MET B 257 -10.53 15.72 13.35
CA MET B 257 -9.36 16.52 13.00
C MET B 257 -8.35 15.70 12.22
N TYR B 258 -8.10 14.45 12.66
CA TYR B 258 -7.18 13.58 11.94
C TYR B 258 -7.67 13.32 10.53
N ASP B 259 -8.96 13.03 10.36
CA ASP B 259 -9.49 12.80 9.02
C ASP B 259 -9.31 14.02 8.14
N LEU B 260 -9.61 15.21 8.68
CA LEU B 260 -9.47 16.44 7.91
C LEU B 260 -8.03 16.64 7.47
N VAL B 261 -7.08 16.54 8.41
CA VAL B 261 -5.68 16.78 8.08
C VAL B 261 -5.18 15.77 7.08
N THR B 262 -5.50 14.49 7.27
CA THR B 262 -5.03 13.45 6.35
C THR B 262 -5.68 13.57 4.98
N CYS B 263 -6.89 14.12 4.91
CA CYS B 263 -7.52 14.33 3.61
C CYS B 263 -6.93 15.54 2.90
N LEU B 264 -6.44 16.53 3.66
CA LEU B 264 -5.89 17.72 3.03
C LEU B 264 -4.57 17.43 2.31
N THR B 265 -3.54 17.00 3.04
CA THR B 265 -2.19 16.98 2.51
C THR B 265 -1.37 15.88 3.16
N THR B 266 -0.21 15.61 2.56
CA THR B 266 0.78 14.68 3.09
C THR B 266 2.01 15.40 3.65
N THR B 267 1.95 16.72 3.80
CA THR B 267 3.09 17.53 4.21
C THR B 267 3.69 17.09 5.53
N PRO B 268 2.89 16.76 6.55
CA PRO B 268 3.47 16.42 7.86
C PRO B 268 4.57 15.38 7.81
N LEU B 269 4.59 14.53 6.78
CA LEU B 269 5.65 13.54 6.64
C LEU B 269 6.98 14.17 6.24
N ARG B 270 6.99 15.46 5.89
CA ARG B 270 8.20 16.12 5.42
C ARG B 270 8.93 16.87 6.52
N LEU B 271 8.26 17.17 7.64
CA LEU B 271 8.89 17.92 8.72
C LEU B 271 9.85 17.07 9.54
N LEU B 272 9.69 15.74 9.51
CA LEU B 272 10.57 14.86 10.28
C LEU B 272 12.02 15.00 9.80
N SER B 273 12.22 15.03 8.48
CA SER B 273 13.57 15.19 7.95
C SER B 273 14.17 16.55 8.31
N LEU B 274 13.36 17.61 8.28
CA LEU B 274 13.86 18.92 8.69
C LEU B 274 14.30 18.92 10.15
N LEU B 275 13.47 18.36 11.03
CA LEU B 275 13.83 18.28 12.45
C LEU B 275 15.10 17.46 12.65
N GLY B 276 15.21 16.33 11.96
CA GLY B 276 16.40 15.52 12.09
C GLY B 276 17.64 16.25 11.61
N SER B 277 17.52 16.98 10.49
CA SER B 277 18.66 17.75 10.00
C SER B 277 19.10 18.78 11.02
N VAL B 278 18.14 19.50 11.61
CA VAL B 278 18.47 20.50 12.60
C VAL B 278 19.21 19.86 13.78
N ILE B 279 18.66 18.76 14.30
CA ILE B 279 19.26 18.12 15.47
C ILE B 279 20.66 17.61 15.15
N ALA B 280 20.83 16.97 13.99
CA ALA B 280 22.12 16.42 13.62
C ALA B 280 23.16 17.52 13.45
N ILE B 281 22.79 18.62 12.78
CA ILE B 281 23.72 19.72 12.60
C ILE B 281 24.13 20.30 13.94
N GLY B 282 23.15 20.52 14.83
CA GLY B 282 23.48 21.04 16.14
C GLY B 282 24.43 20.13 16.90
N GLY B 283 24.16 18.83 16.91
CA GLY B 283 25.01 17.91 17.63
C GLY B 283 26.42 17.85 17.07
N PHE B 284 26.54 17.78 15.75
CA PHE B 284 27.86 17.73 15.13
C PHE B 284 28.65 19.00 15.42
N SER B 285 28.01 20.16 15.29
CA SER B 285 28.69 21.41 15.58
C SER B 285 29.13 21.47 17.03
N LEU B 286 28.27 21.04 17.95
CA LEU B 286 28.61 21.08 19.37
C LEU B 286 29.78 20.15 19.68
N SER B 287 29.80 18.95 19.08
CA SER B 287 30.90 18.03 19.32
C SER B 287 32.21 18.57 18.78
N VAL B 288 32.19 19.13 17.57
CA VAL B 288 33.41 19.71 17.01
C VAL B 288 33.90 20.86 17.87
N LEU B 289 32.97 21.70 18.34
CA LEU B 289 33.35 22.82 19.21
C LEU B 289 33.96 22.32 20.50
N LEU B 290 33.40 21.25 21.08
CA LEU B 290 33.96 20.70 22.31
C LEU B 290 35.39 20.21 22.07
N ILE B 291 35.61 19.50 20.97
CA ILE B 291 36.96 19.00 20.68
C ILE B 291 37.93 20.17 20.53
N VAL B 292 37.52 21.19 19.76
CA VAL B 292 38.41 22.33 19.52
C VAL B 292 38.71 23.04 20.83
N LEU B 293 37.69 23.26 21.65
CA LEU B 293 37.89 23.97 22.91
C LEU B 293 38.81 23.20 23.84
N ARG B 294 38.62 21.89 23.94
CA ARG B 294 39.48 21.11 24.81
C ARG B 294 40.92 21.10 24.32
N LEU B 295 41.13 21.01 23.00
CA LEU B 295 42.48 21.05 22.48
C LEU B 295 43.13 22.41 22.73
N ALA B 296 42.37 23.50 22.56
CA ALA B 296 42.95 24.83 22.71
C ALA B 296 43.25 25.16 24.17
N LEU B 297 42.30 24.88 25.07
CA LEU B 297 42.42 25.27 26.47
C LEU B 297 42.77 24.11 27.40
N GLY B 298 42.80 22.88 26.90
CA GLY B 298 43.09 21.74 27.73
C GLY B 298 41.88 21.29 28.52
N PRO B 299 42.08 20.33 29.42
CA PRO B 299 40.96 19.84 30.22
C PRO B 299 40.29 20.95 31.02
N GLN B 300 38.98 20.88 31.13
CA GLN B 300 38.19 21.89 31.84
C GLN B 300 37.25 21.30 32.88
N TRP B 301 36.66 20.13 32.62
CA TRP B 301 35.69 19.55 33.54
C TRP B 301 35.92 18.04 33.60
N ALA B 302 35.40 17.43 34.68
CA ALA B 302 35.52 15.99 34.85
C ALA B 302 34.57 15.25 33.93
N ALA B 303 33.42 15.83 33.63
CA ALA B 303 32.37 15.19 32.83
C ALA B 303 32.46 15.53 31.35
N GLU B 304 33.65 15.78 30.81
CA GLU B 304 33.76 16.18 29.42
C GLU B 304 33.42 15.03 28.47
N GLY B 305 33.93 13.83 28.73
CA GLY B 305 33.73 12.72 27.81
C GLY B 305 32.26 12.37 27.65
N VAL B 306 31.50 12.39 28.75
CA VAL B 306 30.08 12.09 28.66
C VAL B 306 29.38 13.12 27.79
N PHE B 307 29.82 14.38 27.84
CA PHE B 307 29.22 15.40 26.98
C PHE B 307 29.45 15.09 25.50
N MET B 308 30.67 14.68 25.15
CA MET B 308 30.94 14.30 23.76
C MET B 308 30.09 13.11 23.34
N LEU B 309 29.98 12.11 24.22
CA LEU B 309 29.17 10.94 23.91
C LEU B 309 27.71 11.34 23.70
N PHE B 310 27.20 12.25 24.53
CA PHE B 310 25.83 12.72 24.36
C PHE B 310 25.66 13.46 23.03
N ALA B 311 26.67 14.24 22.63
CA ALA B 311 26.58 14.90 21.33
C ALA B 311 26.49 13.90 20.19
N VAL B 312 27.32 12.85 20.24
CA VAL B 312 27.26 11.81 19.20
C VAL B 312 25.88 11.15 19.22
N LEU B 313 25.35 10.90 20.42
CA LEU B 313 24.02 10.29 20.55
C LEU B 313 22.96 11.16 19.89
N PHE B 314 23.03 12.47 20.11
CA PHE B 314 22.08 13.39 19.49
C PHE B 314 22.19 13.36 17.97
N THR B 315 23.42 13.30 17.45
CA THR B 315 23.59 13.19 16.00
C THR B 315 22.90 11.94 15.45
N PHE B 316 23.11 10.80 16.10
CA PHE B 316 22.45 9.57 15.65
C PHE B 316 20.93 9.68 15.75
N ILE B 317 20.43 10.31 16.82
CA ILE B 317 18.99 10.47 16.97
C ILE B 317 18.42 11.30 15.83
N GLY B 318 19.14 12.34 15.41
CA GLY B 318 18.71 13.10 14.25
C GLY B 318 18.70 12.28 12.97
N ALA B 319 19.73 11.48 12.78
CA ALA B 319 19.76 10.56 11.64
C ALA B 319 18.52 9.66 11.62
N GLN B 320 18.06 9.24 12.80
CA GLN B 320 16.86 8.42 12.86
C GLN B 320 15.63 9.15 12.33
N PHE B 321 15.46 10.42 12.69
CA PHE B 321 14.35 11.19 12.14
C PHE B 321 14.46 11.32 10.63
N ILE B 322 15.69 11.53 10.13
CA ILE B 322 15.87 11.60 8.69
C ILE B 322 15.41 10.31 8.02
N GLY B 323 15.79 9.16 8.59
CA GLY B 323 15.35 7.89 8.04
C GLY B 323 13.85 7.71 8.06
N MET B 324 13.20 8.11 9.15
CA MET B 324 11.75 8.00 9.22
C MET B 324 11.08 8.88 8.16
N GLY B 325 11.59 10.09 7.94
CA GLY B 325 11.07 10.90 6.86
C GLY B 325 11.28 10.28 5.48
N LEU B 326 12.42 9.63 5.29
CA LEU B 326 12.67 8.91 4.05
C LEU B 326 11.61 7.85 3.82
N LEU B 327 11.25 7.10 4.86
CA LEU B 327 10.14 6.15 4.74
C LEU B 327 8.83 6.86 4.43
N GLY B 328 8.58 7.98 5.10
CA GLY B 328 7.32 8.69 4.92
C GLY B 328 7.09 9.17 3.51
N GLU B 329 8.16 9.55 2.81
CA GLU B 329 7.99 9.97 1.41
C GLU B 329 7.32 8.87 0.58
N TYR B 330 7.86 7.66 0.62
CA TYR B 330 7.28 6.54 -0.12
C TYR B 330 5.90 6.18 0.39
N ILE B 331 5.68 6.25 1.70
CA ILE B 331 4.34 5.96 2.22
C ILE B 331 3.32 6.93 1.64
N GLY B 332 3.66 8.22 1.59
CA GLY B 332 2.74 9.19 1.01
C GLY B 332 2.51 8.96 -0.48
N ARG B 333 3.57 8.60 -1.20
CA ARG B 333 3.41 8.26 -2.61
C ARG B 333 2.41 7.12 -2.78
N ILE B 334 2.56 6.06 -1.98
CA ILE B 334 1.64 4.93 -2.07
C ILE B 334 0.21 5.37 -1.75
N TYR B 335 0.04 6.20 -0.72
CA TYR B 335 -1.28 6.67 -0.35
C TYR B 335 -1.94 7.42 -1.51
N ASN B 336 -1.20 8.35 -2.13
CA ASN B 336 -1.77 9.11 -3.24
C ASN B 336 -2.10 8.20 -4.41
N ASP B 337 -1.23 7.24 -4.73
CA ASP B 337 -1.51 6.34 -5.85
C ASP B 337 -2.75 5.49 -5.58
N VAL B 338 -2.90 4.99 -4.36
CA VAL B 338 -4.06 4.17 -4.02
C VAL B 338 -5.34 5.00 -4.06
N ARG B 339 -5.27 6.26 -3.63
CA ARG B 339 -6.44 7.14 -3.68
C ARG B 339 -6.99 7.26 -5.10
N ALA B 340 -6.12 7.50 -6.09
CA ALA B 340 -6.51 7.56 -7.50
C ALA B 340 -7.40 8.78 -7.78
N ARG B 341 -7.00 9.94 -7.24
CA ARG B 341 -7.69 11.17 -7.57
C ARG B 341 -7.23 11.68 -8.92
N PRO B 342 -8.03 12.51 -9.58
CA PRO B 342 -7.62 13.04 -10.88
C PRO B 342 -6.30 13.79 -10.80
N ARG B 343 -5.48 13.62 -11.85
CA ARG B 343 -4.19 14.28 -11.90
C ARG B 343 -4.31 15.76 -12.23
N TYR B 344 -5.43 16.18 -12.82
CA TYR B 344 -5.68 17.58 -13.14
C TYR B 344 -7.17 17.73 -13.37
N PHE B 345 -7.63 18.98 -13.30
CA PHE B 345 -9.03 19.30 -13.58
C PHE B 345 -9.08 20.49 -14.53
N VAL B 346 -9.90 20.37 -15.57
CA VAL B 346 -9.99 21.37 -16.62
C VAL B 346 -11.17 22.30 -16.31
N GLN B 347 -10.92 23.61 -16.38
CA GLN B 347 -11.99 24.58 -16.16
C GLN B 347 -12.78 24.82 -17.45
N GLN B 348 -12.10 24.91 -18.58
CA GLN B 348 -12.76 25.08 -19.87
C GLN B 348 -11.71 25.00 -20.97
N VAL B 349 -12.17 24.65 -22.17
CA VAL B 349 -11.31 24.53 -23.35
C VAL B 349 -11.88 25.41 -24.44
N ILE B 350 -11.01 26.13 -25.14
CA ILE B 350 -11.41 27.10 -26.15
C ILE B 350 -10.70 26.75 -27.45
N TYR B 351 -11.40 26.08 -28.35
CA TYR B 351 -10.88 25.81 -29.69
C TYR B 351 -11.10 27.01 -30.59
N PRO B 352 -10.30 27.16 -31.65
CA PRO B 352 -10.60 28.19 -32.66
C PRO B 352 -11.84 27.84 -33.46
N GLU B 353 -12.15 28.71 -34.43
CA GLU B 353 -13.29 28.44 -35.30
C GLU B 353 -13.12 27.14 -36.08
N SER B 354 -11.87 26.77 -36.40
CA SER B 354 -11.58 25.51 -37.06
C SER B 354 -10.84 24.56 -36.12
N THR B 355 -11.40 23.38 -35.89
CA THR B 355 -10.77 22.40 -35.02
C THR B 355 -9.63 21.69 -35.72
N PHE C 38 -38.02 -9.26 9.71
CA PHE C 38 -37.33 -10.53 9.85
C PHE C 38 -37.82 -11.55 8.83
N ASP C 39 -38.76 -11.13 7.98
CA ASP C 39 -39.31 -12.04 6.97
C ASP C 39 -38.23 -12.47 6.00
N ALA C 40 -38.26 -13.75 5.63
CA ALA C 40 -37.28 -14.30 4.70
C ALA C 40 -37.86 -15.55 4.05
N ALA C 41 -37.26 -15.95 2.95
CA ALA C 41 -37.73 -17.12 2.23
C ALA C 41 -37.48 -18.39 3.05
N PRO C 42 -38.37 -19.38 2.97
CA PRO C 42 -38.16 -20.60 3.76
C PRO C 42 -36.96 -21.39 3.25
N ILE C 43 -36.36 -22.16 4.16
CA ILE C 43 -35.19 -22.96 3.83
C ILE C 43 -35.64 -24.33 3.33
N LYS C 44 -35.02 -24.81 2.26
CA LYS C 44 -35.32 -26.11 1.70
C LYS C 44 -34.13 -27.05 1.65
N LYS C 45 -32.91 -26.53 1.71
CA LYS C 45 -31.71 -27.35 1.71
C LYS C 45 -30.70 -26.77 2.69
N VAL C 46 -29.88 -27.63 3.28
CA VAL C 46 -28.87 -27.24 4.24
C VAL C 46 -27.54 -27.91 3.88
N SER C 47 -26.45 -27.26 4.26
CA SER C 47 -25.10 -27.77 4.01
C SER C 47 -24.27 -27.67 5.28
N VAL C 48 -23.33 -28.60 5.45
CA VAL C 48 -22.51 -28.69 6.65
C VAL C 48 -21.05 -28.69 6.22
N VAL C 49 -20.23 -27.89 6.90
CA VAL C 49 -18.81 -27.75 6.60
C VAL C 49 -18.02 -28.13 7.83
N ILE C 50 -17.08 -29.06 7.68
CA ILE C 50 -16.27 -29.57 8.77
C ILE C 50 -14.81 -29.56 8.34
N PRO C 51 -13.95 -28.74 8.95
CA PRO C 51 -12.51 -28.83 8.65
C PRO C 51 -11.88 -30.03 9.36
N VAL C 52 -11.02 -30.75 8.65
CA VAL C 52 -10.36 -31.94 9.18
C VAL C 52 -8.86 -31.75 9.06
N TYR C 53 -8.14 -32.01 10.14
CA TYR C 53 -6.68 -31.95 10.16
C TYR C 53 -6.18 -32.92 11.22
N ASN C 54 -5.73 -34.09 10.78
CA ASN C 54 -5.22 -35.12 11.67
C ASN C 54 -6.24 -35.46 12.76
N GLU C 55 -7.39 -35.97 12.31
CA GLU C 55 -8.47 -36.37 13.20
C GLU C 55 -9.05 -37.71 12.77
N GLN C 56 -8.19 -38.68 12.43
CA GLN C 56 -8.67 -39.98 12.01
C GLN C 56 -9.40 -40.71 13.13
N GLU C 57 -8.98 -40.48 14.38
CA GLU C 57 -9.58 -41.21 15.50
C GLU C 57 -11.06 -40.87 15.65
N SER C 58 -11.41 -39.59 15.53
CA SER C 58 -12.78 -39.15 15.80
C SER C 58 -13.67 -39.18 14.56
N LEU C 59 -13.06 -39.30 13.38
CA LEU C 59 -13.85 -39.20 12.15
C LEU C 59 -14.93 -40.27 12.04
N PRO C 60 -14.68 -41.55 12.37
CA PRO C 60 -15.75 -42.55 12.23
C PRO C 60 -16.99 -42.23 13.04
N GLU C 61 -16.83 -41.89 14.32
CA GLU C 61 -17.98 -41.53 15.13
C GLU C 61 -18.62 -40.24 14.64
N LEU C 62 -17.79 -39.29 14.21
CA LEU C 62 -18.29 -38.01 13.74
C LEU C 62 -19.22 -38.19 12.54
N ILE C 63 -18.81 -39.04 11.59
CA ILE C 63 -19.63 -39.23 10.40
C ILE C 63 -21.00 -39.78 10.77
N ARG C 64 -21.03 -40.82 11.62
CA ARG C 64 -22.30 -41.42 11.99
C ARG C 64 -23.20 -40.43 12.73
N ARG C 65 -22.64 -39.74 13.73
CA ARG C 65 -23.45 -38.82 14.51
C ARG C 65 -23.97 -37.68 13.64
N THR C 66 -23.13 -37.13 12.77
CA THR C 66 -23.57 -36.04 11.91
C THR C 66 -24.64 -36.52 10.94
N THR C 67 -24.47 -37.72 10.37
CA THR C 67 -25.48 -38.24 9.47
C THR C 67 -26.81 -38.42 10.18
N THR C 68 -26.78 -38.97 11.40
CA THR C 68 -28.02 -39.14 12.15
C THR C 68 -28.68 -37.80 12.43
N ALA C 69 -27.90 -36.82 12.86
CA ALA C 69 -28.46 -35.51 13.18
C ALA C 69 -29.08 -34.87 11.94
N CYS C 70 -28.36 -34.92 10.81
CA CYS C 70 -28.88 -34.32 9.59
C CYS C 70 -30.14 -35.03 9.11
N GLU C 71 -30.17 -36.36 9.19
CA GLU C 71 -31.35 -37.10 8.76
C GLU C 71 -32.54 -36.86 9.68
N SER C 72 -32.29 -36.48 10.93
CA SER C 72 -33.38 -36.17 11.85
C SER C 72 -34.11 -34.88 11.49
N LEU C 73 -33.56 -34.07 10.58
CA LEU C 73 -34.19 -32.80 10.24
C LEU C 73 -35.43 -32.99 9.38
N GLY C 74 -35.49 -34.05 8.59
CA GLY C 74 -36.51 -34.15 7.56
C GLY C 74 -36.34 -33.11 6.48
N LYS C 75 -35.10 -32.80 6.13
CA LYS C 75 -34.78 -31.76 5.16
C LYS C 75 -33.63 -32.25 4.28
N ALA C 76 -33.60 -31.77 3.05
CA ALA C 76 -32.48 -32.07 2.16
C ALA C 76 -31.20 -31.55 2.78
N TRP C 77 -30.17 -32.40 2.82
CA TRP C 77 -28.94 -32.09 3.53
C TRP C 77 -27.73 -32.50 2.70
N GLU C 78 -26.60 -31.86 3.01
CA GLU C 78 -25.35 -32.13 2.33
C GLU C 78 -24.22 -31.95 3.35
N ILE C 79 -23.11 -32.64 3.11
CA ILE C 79 -21.95 -32.61 3.99
C ILE C 79 -20.69 -32.45 3.14
N LEU C 80 -19.79 -31.58 3.57
CA LEU C 80 -18.51 -31.36 2.91
C LEU C 80 -17.40 -31.49 3.93
N LEU C 81 -16.41 -32.34 3.63
CA LEU C 81 -15.25 -32.53 4.48
C LEU C 81 -14.01 -32.01 3.74
N ILE C 82 -13.24 -31.18 4.42
CA ILE C 82 -12.05 -30.55 3.84
C ILE C 82 -10.83 -31.05 4.59
N ASP C 83 -9.85 -31.56 3.85
CA ASP C 83 -8.59 -32.02 4.42
C ASP C 83 -7.57 -30.89 4.33
N ASP C 84 -7.16 -30.36 5.47
CA ASP C 84 -6.20 -29.27 5.52
C ASP C 84 -4.77 -29.80 5.55
N GLY C 85 -4.41 -30.63 4.57
CA GLY C 85 -3.09 -31.21 4.53
C GLY C 85 -2.80 -32.17 5.66
N SER C 86 -3.73 -33.06 5.98
CA SER C 86 -3.52 -34.01 7.06
C SER C 86 -2.41 -34.99 6.70
N SER C 87 -1.56 -35.29 7.68
CA SER C 87 -0.48 -36.26 7.49
C SER C 87 -0.91 -37.69 7.76
N ASP C 88 -1.96 -37.89 8.53
CA ASP C 88 -2.45 -39.24 8.84
C ASP C 88 -3.41 -39.69 7.73
N SER C 89 -4.13 -40.78 8.00
CA SER C 89 -4.99 -41.41 7.00
C SER C 89 -6.36 -40.75 6.88
N SER C 90 -6.52 -39.51 7.33
CA SER C 90 -7.84 -38.87 7.28
C SER C 90 -8.37 -38.80 5.86
N ALA C 91 -7.51 -38.51 4.89
CA ALA C 91 -7.97 -38.41 3.51
C ALA C 91 -8.51 -39.75 3.01
N GLU C 92 -7.86 -40.84 3.38
CA GLU C 92 -8.34 -42.16 2.95
C GLU C 92 -9.73 -42.44 3.51
N LEU C 93 -9.95 -42.15 4.79
CA LEU C 93 -11.29 -42.35 5.36
C LEU C 93 -12.30 -41.46 4.67
N MET C 94 -11.93 -40.21 4.38
CA MET C 94 -12.85 -39.29 3.73
C MET C 94 -13.26 -39.79 2.35
N VAL C 95 -12.28 -40.24 1.56
CA VAL C 95 -12.60 -40.72 0.22
C VAL C 95 -13.41 -42.01 0.29
N LYS C 96 -13.09 -42.89 1.23
CA LYS C 96 -13.87 -44.11 1.40
C LYS C 96 -15.32 -43.78 1.73
N ALA C 97 -15.53 -42.83 2.65
CA ALA C 97 -16.89 -42.43 2.99
C ALA C 97 -17.61 -41.83 1.79
N SER C 98 -16.91 -41.00 1.01
CA SER C 98 -17.51 -40.43 -0.18
C SER C 98 -17.87 -41.50 -1.20
N GLN C 99 -17.14 -42.61 -1.22
CA GLN C 99 -17.39 -43.68 -2.18
C GLN C 99 -18.44 -44.67 -1.71
N GLU C 100 -18.98 -44.50 -0.51
CA GLU C 100 -20.03 -45.39 -0.03
C GLU C 100 -21.30 -45.21 -0.86
N ALA C 101 -22.10 -46.26 -0.94
CA ALA C 101 -23.34 -46.20 -1.70
C ALA C 101 -24.30 -45.20 -1.08
N ASP C 102 -24.92 -44.39 -1.95
CA ASP C 102 -25.88 -43.37 -1.52
C ASP C 102 -25.29 -42.44 -0.48
N SER C 103 -24.01 -42.08 -0.65
CA SER C 103 -23.34 -41.19 0.29
C SER C 103 -23.58 -39.73 -0.09
N HIS C 104 -23.82 -38.91 0.93
CA HIS C 104 -24.03 -37.47 0.74
C HIS C 104 -22.81 -36.66 1.15
N ILE C 105 -21.63 -37.28 1.17
CA ILE C 105 -20.42 -36.64 1.67
C ILE C 105 -19.53 -36.29 0.49
N ILE C 106 -19.10 -35.03 0.44
CA ILE C 106 -18.16 -34.54 -0.56
C ILE C 106 -16.82 -34.31 0.13
N SER C 107 -15.75 -34.86 -0.44
CA SER C 107 -14.41 -34.73 0.11
C SER C 107 -13.59 -33.77 -0.74
N ILE C 108 -12.93 -32.84 -0.07
CA ILE C 108 -12.09 -31.83 -0.72
C ILE C 108 -10.70 -31.90 -0.10
N LEU C 109 -9.68 -32.03 -0.95
CA LEU C 109 -8.30 -32.16 -0.51
C LEU C 109 -7.52 -30.91 -0.91
N LEU C 110 -6.63 -30.46 -0.04
CA LEU C 110 -5.79 -29.30 -0.29
C LEU C 110 -4.32 -29.74 -0.33
N ASN C 111 -3.53 -29.05 -1.17
CA ASN C 111 -2.14 -29.44 -1.39
C ASN C 111 -1.24 -29.13 -0.20
N ARG C 112 -1.72 -28.39 0.79
CA ARG C 112 -0.90 -28.07 1.96
C ARG C 112 -1.80 -27.54 3.06
N ASN C 113 -1.19 -27.26 4.21
CA ASN C 113 -1.91 -26.71 5.35
C ASN C 113 -2.03 -25.20 5.21
N TYR C 114 -3.25 -24.70 5.03
CA TYR C 114 -3.51 -23.29 4.92
C TYR C 114 -4.13 -22.68 6.17
N GLY C 115 -4.90 -23.45 6.93
CA GLY C 115 -5.55 -22.97 8.12
C GLY C 115 -7.02 -23.36 8.18
N GLN C 116 -7.59 -23.14 9.36
CA GLN C 116 -8.98 -23.51 9.59
C GLN C 116 -9.93 -22.66 8.75
N HIS C 117 -9.75 -21.34 8.80
CA HIS C 117 -10.68 -20.45 8.10
C HIS C 117 -10.52 -20.53 6.59
N ALA C 118 -9.30 -20.75 6.10
CA ALA C 118 -9.11 -20.97 4.67
C ALA C 118 -9.84 -22.23 4.21
N ALA C 119 -9.78 -23.29 5.03
CA ALA C 119 -10.54 -24.50 4.70
C ALA C 119 -12.03 -24.24 4.73
N ILE C 120 -12.51 -23.43 5.68
CA ILE C 120 -13.93 -23.09 5.71
C ILE C 120 -14.32 -22.33 4.45
N MET C 121 -13.47 -21.42 3.99
CA MET C 121 -13.73 -20.71 2.74
C MET C 121 -13.76 -21.67 1.56
N ALA C 122 -12.85 -22.62 1.52
CA ALA C 122 -12.86 -23.63 0.47
C ALA C 122 -14.18 -24.40 0.48
N GLY C 123 -14.66 -24.74 1.67
CA GLY C 123 -15.96 -25.40 1.77
C GLY C 123 -17.08 -24.52 1.25
N PHE C 124 -17.10 -23.26 1.68
CA PHE C 124 -18.11 -22.32 1.21
C PHE C 124 -18.11 -22.19 -0.31
N SER C 125 -16.95 -22.35 -0.95
CA SER C 125 -16.89 -22.19 -2.40
C SER C 125 -17.68 -23.26 -3.14
N HIS C 126 -18.08 -24.34 -2.47
CA HIS C 126 -18.78 -25.45 -3.12
C HIS C 126 -20.19 -25.69 -2.61
N VAL C 127 -20.58 -25.08 -1.48
CA VAL C 127 -21.88 -25.35 -0.90
C VAL C 127 -22.98 -24.99 -1.89
N SER C 128 -24.09 -25.72 -1.81
CA SER C 128 -25.26 -25.48 -2.65
C SER C 128 -26.53 -25.19 -1.87
N GLY C 129 -26.53 -25.44 -0.55
CA GLY C 129 -27.72 -25.24 0.23
C GLY C 129 -27.98 -23.77 0.55
N ASP C 130 -29.20 -23.51 1.02
CA ASP C 130 -29.59 -22.16 1.40
C ASP C 130 -29.02 -21.74 2.74
N LEU C 131 -28.89 -22.69 3.68
CA LEU C 131 -28.32 -22.42 5.00
C LEU C 131 -27.04 -23.23 5.15
N ILE C 132 -26.06 -22.64 5.82
CA ILE C 132 -24.74 -23.24 5.98
C ILE C 132 -24.47 -23.42 7.46
N ILE C 133 -23.96 -24.59 7.83
CA ILE C 133 -23.64 -24.93 9.22
C ILE C 133 -22.16 -25.25 9.29
N THR C 134 -21.48 -24.68 10.27
CA THR C 134 -20.07 -24.95 10.54
C THR C 134 -19.94 -25.77 11.80
N LEU C 135 -19.02 -26.73 11.78
CA LEU C 135 -18.85 -27.66 12.89
C LEU C 135 -17.39 -28.11 12.96
N ASP C 136 -16.95 -28.43 14.16
CA ASP C 136 -15.58 -28.89 14.38
C ASP C 136 -15.51 -30.41 14.25
N ALA C 137 -14.32 -30.90 13.89
CA ALA C 137 -14.13 -32.32 13.64
C ALA C 137 -13.73 -33.10 14.88
N ASP C 138 -13.22 -32.43 15.92
CA ASP C 138 -12.84 -33.09 17.15
C ASP C 138 -14.04 -33.58 17.95
N LEU C 139 -15.25 -33.22 17.54
CA LEU C 139 -16.49 -33.71 18.14
C LEU C 139 -16.79 -33.07 19.48
N GLN C 140 -16.10 -31.98 19.83
CA GLN C 140 -16.46 -31.25 21.03
C GLN C 140 -17.80 -30.55 20.87
N ASN C 141 -18.17 -30.20 19.64
CA ASN C 141 -19.47 -29.61 19.37
C ASN C 141 -20.48 -30.71 19.10
N PRO C 142 -21.52 -30.86 19.93
CA PRO C 142 -22.50 -31.92 19.69
C PRO C 142 -23.21 -31.74 18.36
N PRO C 143 -23.14 -32.72 17.46
CA PRO C 143 -23.89 -32.61 16.20
C PRO C 143 -25.40 -32.55 16.39
N GLU C 144 -25.90 -32.96 17.55
CA GLU C 144 -27.35 -33.01 17.77
C GLU C 144 -27.98 -31.63 17.88
N GLU C 145 -27.18 -30.57 17.97
CA GLU C 145 -27.72 -29.23 18.10
C GLU C 145 -28.09 -28.61 16.75
N ILE C 146 -27.82 -29.31 15.65
CA ILE C 146 -28.09 -28.75 14.32
C ILE C 146 -29.57 -28.39 14.14
N PRO C 147 -30.53 -29.25 14.46
CA PRO C 147 -31.94 -28.90 14.17
C PRO C 147 -32.39 -27.62 14.85
N ARG C 148 -31.91 -27.32 16.05
CA ARG C 148 -32.27 -26.06 16.69
C ARG C 148 -31.80 -24.87 15.87
N LEU C 149 -30.55 -24.92 15.41
CA LEU C 149 -30.03 -23.84 14.57
C LEU C 149 -30.84 -23.72 13.29
N VAL C 150 -31.16 -24.86 12.67
CA VAL C 150 -31.92 -24.81 11.42
C VAL C 150 -33.28 -24.17 11.65
N ALA C 151 -33.96 -24.56 12.74
CA ALA C 151 -35.27 -23.99 13.02
C ALA C 151 -35.19 -22.49 13.25
N LYS C 152 -34.25 -22.06 14.10
CA LYS C 152 -34.16 -20.64 14.41
C LYS C 152 -33.81 -19.83 13.16
N ALA C 153 -32.92 -20.35 12.31
CA ALA C 153 -32.62 -19.68 11.05
C ALA C 153 -33.84 -19.64 10.14
N ASP C 154 -34.64 -20.70 10.13
CA ASP C 154 -35.85 -20.73 9.33
C ASP C 154 -36.84 -19.66 9.78
N GLU C 155 -36.78 -19.22 11.05
CA GLU C 155 -37.61 -18.10 11.46
C GLU C 155 -37.33 -16.85 10.63
N GLY C 156 -36.11 -16.70 10.11
CA GLY C 156 -35.81 -15.59 9.22
C GLY C 156 -34.48 -14.93 9.48
N PHE C 157 -33.81 -15.30 10.56
CA PHE C 157 -32.56 -14.64 10.94
C PHE C 157 -31.45 -15.03 9.96
N ASP C 158 -30.62 -14.04 9.61
CA ASP C 158 -29.53 -14.26 8.67
C ASP C 158 -28.39 -15.04 9.32
N VAL C 159 -28.02 -14.67 10.54
CA VAL C 159 -26.87 -15.26 11.23
C VAL C 159 -27.32 -15.69 12.61
N VAL C 160 -27.03 -16.94 12.96
CA VAL C 160 -27.36 -17.51 14.26
C VAL C 160 -26.06 -17.97 14.91
N GLY C 161 -25.79 -17.46 16.11
CA GLY C 161 -24.62 -17.87 16.86
C GLY C 161 -24.96 -18.85 17.96
N THR C 162 -23.96 -19.13 18.80
CA THR C 162 -24.12 -20.04 19.92
C THR C 162 -23.25 -19.59 21.08
N VAL C 163 -23.66 -19.97 22.28
CA VAL C 163 -22.95 -19.64 23.51
C VAL C 163 -22.80 -20.91 24.32
N ARG C 164 -21.58 -21.15 24.83
CA ARG C 164 -21.31 -22.35 25.61
C ARG C 164 -21.74 -22.14 27.05
N GLN C 165 -22.84 -22.76 27.45
CA GLN C 165 -23.35 -22.59 28.81
C GLN C 165 -22.39 -23.16 29.84
N ASN C 166 -21.82 -24.34 29.58
CA ASN C 166 -20.83 -24.94 30.47
C ASN C 166 -19.43 -24.73 29.91
N ARG C 167 -18.83 -23.59 30.25
CA ARG C 167 -17.56 -23.19 29.67
C ARG C 167 -16.43 -23.33 30.68
N GLN C 168 -15.36 -24.00 30.28
CA GLN C 168 -14.21 -24.18 31.15
C GLN C 168 -13.62 -22.82 31.53
N ASP C 169 -13.18 -22.69 32.78
CA ASP C 169 -12.60 -21.46 33.29
C ASP C 169 -11.13 -21.69 33.62
N SER C 170 -10.27 -20.86 33.03
CA SER C 170 -8.84 -20.88 33.31
C SER C 170 -8.29 -19.49 33.02
N LEU C 171 -7.42 -19.01 33.89
CA LEU C 171 -7.06 -17.59 33.88
C LEU C 171 -6.69 -17.11 32.48
N PHE C 172 -5.83 -17.86 31.79
CA PHE C 172 -5.37 -17.44 30.47
C PHE C 172 -6.54 -17.20 29.53
N ARG C 173 -7.33 -18.24 29.26
CA ARG C 173 -8.44 -18.13 28.32
C ARG C 173 -9.46 -17.11 28.79
N LYS C 174 -9.75 -17.09 30.09
CA LYS C 174 -10.78 -16.20 30.62
C LYS C 174 -10.39 -14.73 30.43
N SER C 175 -9.15 -14.37 30.79
CA SER C 175 -8.72 -12.99 30.61
C SER C 175 -8.68 -12.62 29.14
N ALA C 176 -8.17 -13.52 28.30
CA ALA C 176 -8.13 -13.24 26.86
C ALA C 176 -9.54 -12.98 26.32
N SER C 177 -10.49 -13.83 26.70
CA SER C 177 -11.86 -13.66 26.23
C SER C 177 -12.46 -12.36 26.76
N LYS C 178 -12.20 -12.03 28.02
CA LYS C 178 -12.74 -10.79 28.58
C LYS C 178 -12.25 -9.58 27.79
N ILE C 179 -10.93 -9.48 27.59
CA ILE C 179 -10.40 -8.32 26.89
C ILE C 179 -10.89 -8.30 25.44
N ILE C 180 -10.91 -9.46 24.78
CA ILE C 180 -11.33 -9.52 23.39
C ILE C 180 -12.78 -9.10 23.24
N ASN C 181 -13.66 -9.60 24.13
CA ASN C 181 -15.07 -9.23 24.05
C ASN C 181 -15.27 -7.75 24.35
N LEU C 182 -14.50 -7.21 25.31
CA LEU C 182 -14.58 -5.77 25.57
C LEU C 182 -14.24 -4.98 24.32
N LEU C 183 -13.14 -5.33 23.66
CA LEU C 183 -12.75 -4.62 22.43
C LEU C 183 -13.80 -4.79 21.35
N ILE C 184 -14.35 -6.00 21.21
CA ILE C 184 -15.33 -6.27 20.15
C ILE C 184 -16.59 -5.45 20.38
N GLN C 185 -17.05 -5.37 21.63
CA GLN C 185 -18.27 -4.60 21.90
C GLN C 185 -18.00 -3.11 21.76
N ARG C 186 -16.78 -2.65 22.11
CA ARG C 186 -16.45 -1.25 21.88
C ARG C 186 -16.46 -0.91 20.39
N THR C 187 -15.91 -1.81 19.56
CA THR C 187 -15.81 -1.51 18.13
C THR C 187 -17.14 -1.70 17.41
N THR C 188 -17.68 -2.91 17.43
CA THR C 188 -18.91 -3.22 16.70
C THR C 188 -20.14 -2.58 17.33
N GLY C 189 -20.09 -2.23 18.60
CA GLY C 189 -21.24 -1.64 19.27
C GLY C 189 -22.11 -2.62 20.02
N LYS C 190 -21.93 -3.93 19.81
CA LYS C 190 -22.67 -4.93 20.56
C LYS C 190 -21.79 -6.14 20.80
N ALA C 191 -22.10 -6.89 21.84
CA ALA C 191 -21.38 -8.11 22.16
C ALA C 191 -22.04 -9.31 21.50
N MET C 192 -21.21 -10.25 21.04
CA MET C 192 -21.68 -11.44 20.35
C MET C 192 -21.80 -12.64 21.28
N GLY C 193 -21.54 -12.47 22.57
CA GLY C 193 -21.64 -13.57 23.51
C GLY C 193 -20.39 -14.43 23.56
N ASP C 194 -20.15 -15.21 22.51
CA ASP C 194 -18.98 -16.08 22.45
C ASP C 194 -18.44 -16.06 21.03
N TYR C 195 -17.18 -15.63 20.87
CA TYR C 195 -16.57 -15.58 19.55
C TYR C 195 -15.81 -16.85 19.22
N GLY C 196 -15.33 -17.57 20.24
CA GLY C 196 -14.52 -18.75 20.02
C GLY C 196 -15.29 -20.01 19.65
N CYS C 197 -16.62 -19.94 19.65
CA CYS C 197 -17.45 -21.09 19.29
C CYS C 197 -17.73 -21.05 17.80
N MET C 198 -17.28 -22.08 17.08
CA MET C 198 -17.43 -22.15 15.63
C MET C 198 -18.70 -22.86 15.20
N LEU C 199 -19.55 -23.27 16.13
CA LEU C 199 -20.85 -23.86 15.80
C LEU C 199 -21.82 -22.73 15.52
N ARG C 200 -22.05 -22.44 14.24
CA ARG C 200 -22.85 -21.28 13.84
C ARG C 200 -23.57 -21.60 12.55
N ALA C 201 -24.48 -20.71 12.17
CA ALA C 201 -25.27 -20.85 10.95
C ALA C 201 -25.29 -19.53 10.20
N TYR C 202 -25.30 -19.61 8.87
CA TYR C 202 -25.36 -18.45 8.01
C TYR C 202 -26.25 -18.75 6.81
N ARG C 203 -26.86 -17.70 6.26
CA ARG C 203 -27.57 -17.84 4.99
C ARG C 203 -26.63 -17.63 3.82
N ARG C 204 -27.04 -18.12 2.66
CA ARG C 204 -26.17 -18.09 1.48
C ARG C 204 -25.75 -16.68 1.08
N PRO C 205 -26.62 -15.67 1.09
CA PRO C 205 -26.17 -14.33 0.68
C PRO C 205 -24.98 -13.82 1.46
N ILE C 206 -24.94 -14.09 2.77
CA ILE C 206 -23.78 -13.69 3.57
C ILE C 206 -22.53 -14.39 3.06
N ILE C 207 -22.65 -15.68 2.72
CA ILE C 207 -21.51 -16.44 2.22
C ILE C 207 -21.01 -15.83 0.92
N ASP C 208 -21.94 -15.51 0.01
CA ASP C 208 -21.54 -14.92 -1.26
C ASP C 208 -20.89 -13.56 -1.06
N THR C 209 -21.42 -12.75 -0.16
CA THR C 209 -20.84 -11.44 0.11
C THR C 209 -19.43 -11.57 0.66
N MET C 210 -19.23 -12.45 1.65
CA MET C 210 -17.91 -12.59 2.25
C MET C 210 -16.92 -13.19 1.28
N LEU C 211 -17.37 -14.11 0.43
CA LEU C 211 -16.46 -14.82 -0.47
C LEU C 211 -15.82 -13.90 -1.49
N ARG C 212 -16.41 -12.73 -1.75
CA ARG C 212 -15.86 -11.79 -2.72
C ARG C 212 -14.94 -10.74 -2.09
N CYS C 213 -14.73 -10.79 -0.79
CA CYS C 213 -13.85 -9.82 -0.14
C CYS C 213 -12.40 -10.01 -0.56
N HIS C 214 -11.66 -8.90 -0.62
CA HIS C 214 -10.28 -8.96 -1.07
C HIS C 214 -9.34 -9.53 -0.01
N GLU C 215 -9.60 -9.21 1.26
CA GLU C 215 -8.64 -9.55 2.31
C GLU C 215 -8.36 -11.04 2.34
N ARG C 216 -7.08 -11.40 2.44
CA ARG C 216 -6.66 -12.80 2.43
C ARG C 216 -6.79 -13.47 3.79
N SER C 217 -6.67 -12.70 4.88
CA SER C 217 -6.79 -13.22 6.23
C SER C 217 -8.03 -12.65 6.89
N THR C 218 -8.78 -13.50 7.57
CA THR C 218 -10.08 -13.11 8.09
C THR C 218 -10.41 -13.92 9.33
N PHE C 219 -11.41 -13.44 10.07
CA PHE C 219 -12.02 -14.16 11.18
C PHE C 219 -13.51 -14.26 10.85
N ILE C 220 -13.97 -15.46 10.48
CA ILE C 220 -15.30 -15.60 9.88
C ILE C 220 -16.39 -15.04 10.77
N PRO C 221 -16.45 -15.36 12.07
CA PRO C 221 -17.55 -14.83 12.89
C PRO C 221 -17.67 -13.33 12.87
N ILE C 222 -16.56 -12.60 12.94
CA ILE C 222 -16.61 -11.14 12.93
C ILE C 222 -16.99 -10.64 11.54
N LEU C 223 -16.36 -11.19 10.49
CA LEU C 223 -16.64 -10.72 9.14
C LEU C 223 -18.09 -10.97 8.75
N ALA C 224 -18.74 -11.95 9.39
CA ALA C 224 -20.14 -12.22 9.08
C ALA C 224 -21.05 -11.13 9.62
N ASN C 225 -20.80 -10.66 10.85
CA ASN C 225 -21.62 -9.62 11.44
C ASN C 225 -21.55 -8.31 10.68
N ILE C 226 -20.51 -8.10 9.87
CA ILE C 226 -20.41 -6.85 9.11
C ILE C 226 -21.57 -6.72 8.13
N PHE C 227 -22.04 -7.85 7.59
CA PHE C 227 -23.10 -7.85 6.59
C PHE C 227 -24.44 -8.36 7.11
N ALA C 228 -24.57 -8.59 8.41
CA ALA C 228 -25.79 -9.19 8.95
C ALA C 228 -26.81 -8.11 9.30
N ARG C 229 -28.01 -8.24 8.71
CA ARG C 229 -29.10 -7.33 9.04
C ARG C 229 -29.79 -7.70 10.34
N ARG C 230 -29.74 -8.97 10.74
CA ARG C 230 -30.44 -9.46 11.91
C ARG C 230 -29.72 -10.69 12.43
N ALA C 231 -29.49 -10.74 13.74
CA ALA C 231 -28.72 -11.82 14.34
C ALA C 231 -29.35 -12.25 15.66
N THR C 232 -29.07 -13.49 16.07
CA THR C 232 -29.56 -14.05 17.31
C THR C 232 -28.52 -15.03 17.85
N GLU C 233 -28.86 -15.71 18.94
CA GLU C 233 -27.96 -16.64 19.59
C GLU C 233 -28.73 -17.79 20.21
N ILE C 234 -28.00 -18.82 20.63
CA ILE C 234 -28.58 -20.00 21.25
C ILE C 234 -27.61 -20.54 22.29
N PRO C 235 -28.08 -20.96 23.47
CA PRO C 235 -27.17 -21.65 24.41
C PRO C 235 -26.96 -23.10 23.98
N VAL C 236 -25.74 -23.60 24.20
CA VAL C 236 -25.38 -24.98 23.87
C VAL C 236 -24.36 -25.46 24.90
N HIS C 237 -24.27 -26.78 25.04
CA HIS C 237 -23.33 -27.36 25.97
C HIS C 237 -22.04 -27.78 25.25
N HIS C 238 -20.98 -27.94 26.03
CA HIS C 238 -19.65 -28.15 25.48
C HIS C 238 -19.01 -29.35 26.16
N ALA C 239 -18.07 -29.98 25.46
CA ALA C 239 -17.36 -31.15 25.95
C ALA C 239 -15.91 -31.11 25.48
N GLU C 240 -15.07 -31.84 26.18
CA GLU C 240 -13.66 -31.92 25.81
C GLU C 240 -13.46 -32.97 24.72
N ARG C 241 -12.40 -32.76 23.92
CA ARG C 241 -12.11 -33.67 22.82
C ARG C 241 -11.84 -35.07 23.35
N GLU C 242 -12.47 -36.07 22.73
CA GLU C 242 -12.40 -37.44 23.22
C GLU C 242 -11.06 -38.09 22.89
N PHE C 243 -10.45 -37.76 21.76
CA PHE C 243 -9.22 -38.39 21.32
C PHE C 243 -8.23 -37.33 20.84
N GLY C 244 -6.96 -37.68 20.89
CA GLY C 244 -5.91 -36.82 20.37
C GLY C 244 -5.64 -35.62 21.27
N ASP C 245 -4.93 -34.66 20.68
CA ASP C 245 -4.55 -33.43 21.35
C ASP C 245 -4.92 -32.23 20.48
N SER C 246 -5.16 -31.09 21.12
CA SER C 246 -5.50 -29.88 20.39
C SER C 246 -4.35 -29.46 19.48
N LYS C 247 -4.70 -29.03 18.27
CA LYS C 247 -3.70 -28.69 17.26
C LYS C 247 -3.20 -27.25 17.40
N TYR C 248 -3.82 -26.42 18.24
CA TYR C 248 -3.45 -25.01 18.35
C TYR C 248 -2.35 -24.87 19.40
N SER C 249 -1.12 -24.73 18.91
CA SER C 249 0.02 -24.50 19.79
C SER C 249 0.11 -23.02 20.16
N PHE C 250 1.21 -22.67 20.82
CA PHE C 250 1.39 -21.30 21.30
C PHE C 250 1.53 -20.32 20.13
N MET C 251 2.42 -20.62 19.18
CA MET C 251 2.60 -19.75 18.03
C MET C 251 1.36 -19.73 17.15
N ARG C 252 0.73 -20.89 16.96
CA ARG C 252 -0.48 -20.95 16.16
C ARG C 252 -1.64 -20.22 16.83
N LEU C 253 -1.51 -19.93 18.13
CA LEU C 253 -2.51 -19.13 18.82
C LEU C 253 -2.17 -17.65 18.76
N ILE C 254 -0.88 -17.32 18.81
CA ILE C 254 -0.46 -15.93 18.68
C ILE C 254 -0.82 -15.40 17.30
N ASN C 255 -0.62 -16.23 16.27
CA ASN C 255 -1.01 -15.81 14.93
C ASN C 255 -2.51 -15.55 14.84
N LEU C 256 -3.31 -16.41 15.47
CA LEU C 256 -4.76 -16.21 15.47
C LEU C 256 -5.14 -14.91 16.19
N MET C 257 -4.51 -14.64 17.33
CA MET C 257 -4.79 -13.40 18.05
C MET C 257 -4.42 -12.18 17.21
N TYR C 258 -3.27 -12.22 16.54
CA TYR C 258 -2.87 -11.12 15.67
C TYR C 258 -3.87 -10.93 14.54
N ASP C 259 -4.32 -12.01 13.91
CA ASP C 259 -5.30 -11.89 12.84
C ASP C 259 -6.59 -11.27 13.35
N LEU C 260 -7.06 -11.73 14.51
CA LEU C 260 -8.29 -11.19 15.08
C LEU C 260 -8.17 -9.69 15.35
N VAL C 261 -7.09 -9.28 16.02
CA VAL C 261 -6.93 -7.88 16.38
C VAL C 261 -6.80 -7.02 15.12
N THR C 262 -6.00 -7.46 14.15
CA THR C 262 -5.82 -6.68 12.94
C THR C 262 -7.09 -6.63 12.09
N CYS C 263 -7.95 -7.65 12.19
CA CYS C 263 -9.21 -7.61 11.47
C CYS C 263 -10.21 -6.70 12.16
N LEU C 264 -10.11 -6.56 13.49
CA LEU C 264 -11.06 -5.73 14.21
C LEU C 264 -10.88 -4.25 13.90
N THR C 265 -9.71 -3.69 14.22
CA THR C 265 -9.55 -2.24 14.23
C THR C 265 -8.11 -1.85 13.94
N THR C 266 -7.91 -0.57 13.66
CA THR C 266 -6.60 0.03 13.48
C THR C 266 -6.19 0.91 14.65
N THR C 267 -6.91 0.86 15.77
CA THR C 267 -6.69 1.72 16.92
C THR C 267 -5.27 1.63 17.47
N PRO C 268 -4.67 0.44 17.58
CA PRO C 268 -3.34 0.35 18.20
C PRO C 268 -2.32 1.31 17.62
N LEU C 269 -2.50 1.75 16.37
CA LEU C 269 -1.58 2.71 15.77
C LEU C 269 -1.73 4.10 16.37
N ARG C 270 -2.76 4.33 17.19
CA ARG C 270 -3.03 5.64 17.74
C ARG C 270 -2.44 5.84 19.13
N LEU C 271 -2.11 4.75 19.83
CA LEU C 271 -1.58 4.86 21.19
C LEU C 271 -0.13 5.30 21.21
N LEU C 272 0.61 5.11 20.12
CA LEU C 272 2.00 5.52 20.07
C LEU C 272 2.16 7.01 20.26
N SER C 273 1.31 7.80 19.60
CA SER C 273 1.35 9.25 19.74
C SER C 273 1.01 9.68 21.16
N LEU C 274 0.03 9.03 21.79
CA LEU C 274 -0.31 9.35 23.17
C LEU C 274 0.87 9.08 24.10
N LEU C 275 1.51 7.92 23.96
CA LEU C 275 2.65 7.59 24.78
C LEU C 275 3.79 8.59 24.56
N GLY C 276 4.05 8.94 23.31
CA GLY C 276 5.09 9.92 23.03
C GLY C 276 4.79 11.28 23.63
N SER C 277 3.54 11.71 23.56
CA SER C 277 3.15 12.97 24.15
C SER C 277 3.39 12.95 25.66
N VAL C 278 2.98 11.87 26.32
CA VAL C 278 3.19 11.76 27.76
C VAL C 278 4.68 11.86 28.09
N ILE C 279 5.50 11.07 27.39
CA ILE C 279 6.93 11.05 27.69
C ILE C 279 7.56 12.42 27.45
N ALA C 280 7.22 13.06 26.33
CA ALA C 280 7.80 14.35 26.01
C ALA C 280 7.40 15.41 27.03
N ILE C 281 6.12 15.43 27.42
CA ILE C 281 5.68 16.40 28.42
C ILE C 281 6.41 16.18 29.73
N GLY C 282 6.52 14.92 30.17
CA GLY C 282 7.23 14.66 31.41
C GLY C 282 8.67 15.11 31.35
N GLY C 283 9.36 14.79 30.26
CA GLY C 283 10.76 15.18 30.15
C GLY C 283 10.95 16.69 30.13
N PHE C 284 10.12 17.39 29.35
CA PHE C 284 10.24 18.85 29.29
C PHE C 284 9.97 19.48 30.65
N SER C 285 8.92 19.02 31.34
CA SER C 285 8.61 19.57 32.65
C SER C 285 9.76 19.31 33.62
N LEU C 286 10.31 18.09 33.60
CA LEU C 286 11.40 17.77 34.51
C LEU C 286 12.64 18.62 34.23
N SER C 287 12.96 18.84 32.95
CA SER C 287 14.12 19.67 32.63
C SER C 287 13.91 21.10 33.08
N VAL C 288 12.73 21.66 32.84
CA VAL C 288 12.45 23.03 33.27
C VAL C 288 12.53 23.13 34.79
N LEU C 289 11.98 22.14 35.49
CA LEU C 289 12.04 22.14 36.94
C LEU C 289 13.48 22.07 37.43
N LEU C 290 14.31 21.24 36.78
CA LEU C 290 15.71 21.17 37.17
C LEU C 290 16.40 22.52 37.01
N ILE C 291 16.16 23.19 35.88
CA ILE C 291 16.78 24.49 35.66
C ILE C 291 16.33 25.49 36.72
N VAL C 292 15.03 25.52 36.98
CA VAL C 292 14.50 26.48 37.97
C VAL C 292 15.08 26.19 39.35
N LEU C 293 15.12 24.91 39.73
CA LEU C 293 15.63 24.55 41.06
C LEU C 293 17.10 24.93 41.20
N ARG C 294 17.90 24.65 40.17
CA ARG C 294 19.31 24.98 40.27
C ARG C 294 19.53 26.48 40.33
N LEU C 295 18.75 27.26 39.56
CA LEU C 295 18.89 28.70 39.64
C LEU C 295 18.47 29.24 41.00
N ALA C 296 17.40 28.69 41.58
CA ALA C 296 16.91 29.19 42.86
C ALA C 296 17.84 28.82 44.01
N LEU C 297 18.26 27.55 44.07
CA LEU C 297 19.03 27.04 45.20
C LEU C 297 20.51 26.89 44.90
N GLY C 298 20.94 27.07 43.65
CA GLY C 298 22.32 26.90 43.29
C GLY C 298 22.68 25.44 43.08
N PRO C 299 23.96 25.17 42.89
CA PRO C 299 24.39 23.78 42.68
C PRO C 299 24.00 22.89 43.84
N GLN C 300 23.61 21.65 43.53
CA GLN C 300 23.19 20.68 44.54
C GLN C 300 23.90 19.35 44.43
N TRP C 301 24.21 18.88 43.22
CA TRP C 301 24.83 17.58 43.03
C TRP C 301 25.89 17.68 41.94
N ALA C 302 26.81 16.71 41.95
CA ALA C 302 27.85 16.66 40.94
C ALA C 302 27.31 16.19 39.59
N ALA C 303 26.30 15.33 39.61
CA ALA C 303 25.75 14.73 38.40
C ALA C 303 24.55 15.50 37.85
N GLU C 304 24.48 16.81 38.03
CA GLU C 304 23.32 17.56 37.57
C GLU C 304 23.23 17.63 36.06
N GLY C 305 24.35 17.91 35.39
CA GLY C 305 24.32 18.08 33.95
C GLY C 305 23.85 16.83 33.21
N VAL C 306 24.31 15.67 33.67
CA VAL C 306 23.89 14.43 33.03
C VAL C 306 22.38 14.24 33.19
N PHE C 307 21.81 14.67 34.31
CA PHE C 307 20.36 14.58 34.48
C PHE C 307 19.63 15.44 33.46
N MET C 308 20.11 16.67 33.24
CA MET C 308 19.47 17.51 32.22
C MET C 308 19.60 16.90 30.84
N LEU C 309 20.77 16.35 30.51
CA LEU C 309 20.96 15.71 29.22
C LEU C 309 20.02 14.53 29.05
N PHE C 310 19.83 13.74 30.12
CA PHE C 310 18.89 12.62 30.07
C PHE C 310 17.47 13.10 29.85
N ALA C 311 17.10 14.21 30.48
CA ALA C 311 15.76 14.77 30.26
C ALA C 311 15.55 15.14 28.80
N VAL C 312 16.54 15.81 28.20
CA VAL C 312 16.45 16.17 26.79
C VAL C 312 16.33 14.91 25.93
N LEU C 313 17.11 13.88 26.28
CA LEU C 313 17.07 12.62 25.56
C LEU C 313 15.68 12.00 25.61
N PHE C 314 15.05 12.04 26.79
CA PHE C 314 13.69 11.51 26.93
C PHE C 314 12.71 12.30 26.07
N THR C 315 12.86 13.63 26.02
CA THR C 315 11.98 14.42 25.17
C THR C 315 12.10 14.00 23.70
N PHE C 316 13.34 13.83 23.21
CA PHE C 316 13.52 13.39 21.84
C PHE C 316 12.94 12.00 21.61
N ILE C 317 13.11 11.10 22.59
CA ILE C 317 12.55 9.76 22.45
C ILE C 317 11.04 9.81 22.32
N GLY C 318 10.39 10.69 23.07
CA GLY C 318 8.95 10.86 22.91
C GLY C 318 8.57 11.39 21.55
N ALA C 319 9.34 12.37 21.05
CA ALA C 319 9.10 12.86 19.69
C ALA C 319 9.18 11.73 18.68
N GLN C 320 10.08 10.76 18.90
CA GLN C 320 10.17 9.62 17.99
C GLN C 320 8.88 8.81 17.96
N PHE C 321 8.28 8.54 19.12
CA PHE C 321 7.00 7.85 19.16
C PHE C 321 5.92 8.64 18.43
N ILE C 322 5.92 9.96 18.62
CA ILE C 322 4.95 10.79 17.90
C ILE C 322 5.11 10.62 16.39
N GLY C 323 6.35 10.63 15.90
CA GLY C 323 6.58 10.44 14.48
C GLY C 323 6.12 9.07 13.98
N MET C 324 6.40 8.03 14.75
CA MET C 324 5.94 6.70 14.35
C MET C 324 4.42 6.62 14.27
N GLY C 325 3.72 7.23 15.23
CA GLY C 325 2.26 7.30 15.13
C GLY C 325 1.79 8.08 13.92
N LEU C 326 2.49 9.15 13.58
CA LEU C 326 2.18 9.90 12.38
C LEU C 326 2.25 9.01 11.14
N LEU C 327 3.30 8.17 11.06
CA LEU C 327 3.37 7.20 9.97
C LEU C 327 2.22 6.20 10.03
N GLY C 328 1.90 5.73 11.23
CA GLY C 328 0.86 4.73 11.39
C GLY C 328 -0.50 5.19 10.90
N GLU C 329 -0.80 6.47 11.07
CA GLU C 329 -2.09 6.97 10.57
C GLU C 329 -2.25 6.70 9.07
N TYR C 330 -1.27 7.11 8.28
CA TYR C 330 -1.32 6.88 6.83
C TYR C 330 -1.29 5.39 6.50
N ILE C 331 -0.50 4.61 7.24
CA ILE C 331 -0.47 3.17 6.99
C ILE C 331 -1.86 2.57 7.17
N GLY C 332 -2.56 2.95 8.23
CA GLY C 332 -3.91 2.45 8.45
C GLY C 332 -4.88 2.91 7.38
N ARG C 333 -4.75 4.16 6.94
CA ARG C 333 -5.58 4.63 5.84
C ARG C 333 -5.39 3.77 4.59
N ILE C 334 -4.13 3.48 4.25
CA ILE C 334 -3.84 2.65 3.09
C ILE C 334 -4.45 1.26 3.27
N TYR C 335 -4.30 0.69 4.46
CA TYR C 335 -4.85 -0.64 4.71
C TYR C 335 -6.36 -0.66 4.49
N ASN C 336 -7.07 0.31 5.06
CA ASN C 336 -8.52 0.36 4.89
C ASN C 336 -8.91 0.55 3.43
N ASP C 337 -8.20 1.42 2.71
CA ASP C 337 -8.52 1.63 1.29
C ASP C 337 -8.29 0.36 0.48
N VAL C 338 -7.20 -0.35 0.73
CA VAL C 338 -6.92 -1.58 -0.01
C VAL C 338 -7.95 -2.65 0.32
N ARG C 339 -8.39 -2.73 1.56
CA ARG C 339 -9.41 -3.70 1.94
C ARG C 339 -10.68 -3.55 1.11
N ALA C 340 -11.18 -2.32 0.95
CA ALA C 340 -12.34 -2.02 0.11
C ALA C 340 -13.61 -2.61 0.69
N ARG C 341 -13.80 -2.46 1.99
CA ARG C 341 -15.04 -2.86 2.62
C ARG C 341 -16.11 -1.81 2.37
N PRO C 342 -17.39 -2.18 2.45
CA PRO C 342 -18.46 -1.21 2.23
C PRO C 342 -18.36 -0.03 3.19
N ARG C 343 -18.66 1.16 2.67
CA ARG C 343 -18.60 2.37 3.48
C ARG C 343 -19.79 2.49 4.43
N TYR C 344 -20.88 1.78 4.14
CA TYR C 344 -22.05 1.76 5.01
C TYR C 344 -22.89 0.55 4.65
N PHE C 345 -23.77 0.16 5.55
CA PHE C 345 -24.70 -0.93 5.30
C PHE C 345 -26.11 -0.49 5.69
N VAL C 346 -27.07 -0.76 4.81
CA VAL C 346 -28.44 -0.32 4.99
C VAL C 346 -29.24 -1.46 5.61
N GLN C 347 -30.01 -1.14 6.65
CA GLN C 347 -30.87 -2.14 7.28
C GLN C 347 -32.19 -2.26 6.55
N GLN C 348 -32.78 -1.14 6.15
CA GLN C 348 -34.02 -1.13 5.40
C GLN C 348 -34.33 0.30 4.98
N VAL C 349 -35.11 0.42 3.90
CA VAL C 349 -35.52 1.70 3.35
C VAL C 349 -37.04 1.74 3.29
N ILE C 350 -37.62 2.87 3.66
CA ILE C 350 -39.08 3.01 3.77
C ILE C 350 -39.48 4.22 2.93
N TYR C 351 -39.96 3.97 1.71
CA TYR C 351 -40.51 5.02 0.88
C TYR C 351 -41.96 5.29 1.26
N PRO C 352 -42.47 6.49 0.97
CA PRO C 352 -43.91 6.73 1.15
C PRO C 352 -44.73 5.97 0.12
N GLU C 353 -46.04 6.18 0.17
CA GLU C 353 -46.93 5.55 -0.81
C GLU C 353 -46.60 5.99 -2.22
N SER C 354 -46.11 7.21 -2.40
CA SER C 354 -45.68 7.71 -3.70
C SER C 354 -44.18 7.90 -3.74
N THR C 355 -43.51 7.25 -4.68
CA THR C 355 -42.06 7.36 -4.79
C THR C 355 -41.67 8.66 -5.48
N PHE D 38 -2.23 -38.69 -11.07
CA PHE D 38 -1.09 -38.22 -11.83
C PHE D 38 -1.36 -38.23 -13.33
N ASP D 39 -2.56 -38.67 -13.72
CA ASP D 39 -2.91 -38.74 -15.12
C ASP D 39 -2.91 -37.36 -15.76
N ALA D 40 -2.38 -37.28 -16.98
CA ALA D 40 -2.30 -36.02 -17.71
C ALA D 40 -2.21 -36.32 -19.19
N ALA D 41 -2.49 -35.29 -19.99
CA ALA D 41 -2.45 -35.44 -21.43
C ALA D 41 -1.01 -35.66 -21.89
N PRO D 42 -0.79 -36.46 -22.94
CA PRO D 42 0.58 -36.69 -23.42
C PRO D 42 1.18 -35.43 -24.02
N ILE D 43 2.51 -35.35 -23.98
CA ILE D 43 3.23 -34.19 -24.50
C ILE D 43 3.55 -34.45 -25.97
N LYS D 44 3.34 -33.42 -26.80
CA LYS D 44 3.65 -33.51 -28.22
C LYS D 44 4.65 -32.47 -28.70
N LYS D 45 4.84 -31.38 -27.96
CA LYS D 45 5.80 -30.35 -28.30
C LYS D 45 6.51 -29.88 -27.04
N VAL D 46 7.76 -29.44 -27.20
CA VAL D 46 8.58 -28.97 -26.09
C VAL D 46 9.23 -27.66 -26.50
N SER D 47 9.53 -26.81 -25.51
CA SER D 47 10.18 -25.54 -25.72
C SER D 47 11.32 -25.36 -24.71
N VAL D 48 12.37 -24.66 -25.12
CA VAL D 48 13.57 -24.47 -24.31
C VAL D 48 13.83 -22.98 -24.20
N VAL D 49 14.12 -22.52 -22.98
CA VAL D 49 14.37 -21.11 -22.70
C VAL D 49 15.77 -20.99 -22.10
N ILE D 50 16.59 -20.12 -22.69
CA ILE D 50 17.97 -19.93 -22.28
C ILE D 50 18.24 -18.43 -22.16
N PRO D 51 18.48 -17.90 -20.96
CA PRO D 51 18.89 -16.49 -20.85
C PRO D 51 20.34 -16.31 -21.24
N VAL D 52 20.63 -15.26 -22.00
CA VAL D 52 21.98 -14.97 -22.48
C VAL D 52 22.36 -13.56 -22.03
N TYR D 53 23.55 -13.43 -21.44
CA TYR D 53 24.08 -12.14 -21.03
C TYR D 53 25.60 -12.21 -21.07
N ASN D 54 26.19 -11.68 -22.13
CA ASN D 54 27.63 -11.68 -22.31
C ASN D 54 28.20 -13.09 -22.21
N GLU D 55 27.76 -13.94 -23.14
CA GLU D 55 28.20 -15.33 -23.23
C GLU D 55 28.51 -15.72 -24.67
N GLN D 56 29.19 -14.84 -25.40
CA GLN D 56 29.52 -15.14 -26.79
C GLN D 56 30.47 -16.34 -26.91
N GLU D 57 31.35 -16.52 -25.92
CA GLU D 57 32.33 -17.60 -26.01
C GLU D 57 31.66 -18.97 -26.01
N SER D 58 30.66 -19.16 -25.15
CA SER D 58 30.05 -20.48 -24.99
C SER D 58 28.87 -20.70 -25.94
N LEU D 59 28.35 -19.64 -26.55
CA LEU D 59 27.15 -19.77 -27.36
C LEU D 59 27.32 -20.74 -28.53
N PRO D 60 28.43 -20.72 -29.29
CA PRO D 60 28.53 -21.67 -30.42
C PRO D 60 28.41 -23.13 -30.00
N GLU D 61 29.16 -23.55 -28.98
CA GLU D 61 29.05 -24.92 -28.52
C GLU D 61 27.67 -25.20 -27.94
N LEU D 62 27.11 -24.22 -27.22
CA LEU D 62 25.80 -24.40 -26.61
C LEU D 62 24.74 -24.69 -27.66
N ILE D 63 24.75 -23.94 -28.76
CA ILE D 63 23.73 -24.12 -29.79
C ILE D 63 23.80 -25.54 -30.34
N ARG D 64 25.01 -26.01 -30.68
CA ARG D 64 25.15 -27.34 -31.26
C ARG D 64 24.72 -28.42 -30.29
N ARG D 65 25.19 -28.34 -29.05
CA ARG D 65 24.84 -29.37 -28.07
C ARG D 65 23.34 -29.39 -27.79
N THR D 66 22.73 -28.21 -27.63
CA THR D 66 21.30 -28.16 -27.38
C THR D 66 20.51 -28.69 -28.57
N THR D 67 20.93 -28.35 -29.79
CA THR D 67 20.24 -28.86 -30.97
C THR D 67 20.33 -30.38 -31.03
N THR D 68 21.51 -30.93 -30.77
CA THR D 68 21.66 -32.38 -30.78
C THR D 68 20.77 -33.04 -29.73
N ALA D 69 20.77 -32.49 -28.51
CA ALA D 69 19.96 -33.06 -27.44
C ALA D 69 18.48 -33.02 -27.80
N CYS D 70 18.01 -31.88 -28.29
CA CYS D 70 16.59 -31.75 -28.64
C CYS D 70 16.23 -32.69 -29.78
N GLU D 71 17.08 -32.82 -30.79
CA GLU D 71 16.79 -33.71 -31.90
C GLU D 71 16.82 -35.18 -31.48
N SER D 72 17.54 -35.51 -30.41
CA SER D 72 17.56 -36.88 -29.92
C SER D 72 16.24 -37.30 -29.28
N LEU D 73 15.33 -36.36 -29.03
CA LEU D 73 14.07 -36.70 -28.37
C LEU D 73 13.11 -37.42 -29.31
N GLY D 74 13.20 -37.17 -30.61
CA GLY D 74 12.16 -37.62 -31.52
C GLY D 74 10.85 -36.92 -31.27
N LYS D 75 10.88 -35.64 -30.92
CA LYS D 75 9.71 -34.87 -30.58
C LYS D 75 9.85 -33.47 -31.18
N ALA D 76 8.71 -32.86 -31.50
CA ALA D 76 8.73 -31.48 -31.96
C ALA D 76 9.32 -30.58 -30.88
N TRP D 77 10.26 -29.73 -31.28
CA TRP D 77 11.03 -28.95 -30.33
C TRP D 77 11.18 -27.52 -30.83
N GLU D 78 11.43 -26.62 -29.88
CA GLU D 78 11.62 -25.21 -30.16
C GLU D 78 12.64 -24.66 -29.17
N ILE D 79 13.33 -23.60 -29.59
CA ILE D 79 14.36 -22.96 -28.76
C ILE D 79 14.16 -21.45 -28.82
N LEU D 80 14.28 -20.80 -27.67
CA LEU D 80 14.17 -19.35 -27.56
C LEU D 80 15.39 -18.82 -26.80
N LEU D 81 16.07 -17.86 -27.40
CA LEU D 81 17.23 -17.21 -26.79
C LEU D 81 16.88 -15.77 -26.50
N ILE D 82 17.14 -15.33 -25.27
CA ILE D 82 16.80 -13.99 -24.81
C ILE D 82 18.10 -13.26 -24.47
N ASP D 83 18.27 -12.07 -25.06
CA ASP D 83 19.44 -11.24 -24.80
C ASP D 83 19.07 -10.23 -23.71
N ASP D 84 19.69 -10.36 -22.54
CA ASP D 84 19.42 -9.46 -21.42
C ASP D 84 20.33 -8.24 -21.48
N GLY D 85 20.29 -7.52 -22.60
CA GLY D 85 21.13 -6.35 -22.76
C GLY D 85 22.62 -6.64 -22.80
N SER D 86 23.02 -7.67 -23.55
CA SER D 86 24.43 -8.02 -23.63
C SER D 86 25.21 -6.92 -24.33
N SER D 87 26.40 -6.62 -23.81
CA SER D 87 27.28 -5.62 -24.41
C SER D 87 28.17 -6.20 -25.50
N ASP D 88 28.42 -7.50 -25.47
CA ASP D 88 29.28 -8.14 -26.48
C ASP D 88 28.44 -8.51 -27.70
N SER D 89 29.00 -9.33 -28.58
CA SER D 89 28.37 -9.67 -29.85
C SER D 89 27.35 -10.80 -29.74
N SER D 90 26.84 -11.09 -28.54
CA SER D 90 25.91 -12.21 -28.39
C SER D 90 24.68 -12.04 -29.27
N ALA D 91 24.16 -10.82 -29.38
CA ALA D 91 22.97 -10.58 -30.19
C ALA D 91 23.24 -10.90 -31.65
N GLU D 92 24.43 -10.56 -32.15
CA GLU D 92 24.76 -10.85 -33.54
C GLU D 92 24.77 -12.35 -33.80
N LEU D 93 25.39 -13.12 -32.90
CA LEU D 93 25.40 -14.57 -33.06
C LEU D 93 23.97 -15.13 -32.99
N MET D 94 23.16 -14.60 -32.09
CA MET D 94 21.78 -15.09 -31.95
C MET D 94 20.99 -14.84 -33.24
N VAL D 95 21.10 -13.63 -33.80
CA VAL D 95 20.35 -13.33 -35.01
C VAL D 95 20.87 -14.15 -36.18
N LYS D 96 22.19 -14.34 -36.26
CA LYS D 96 22.76 -15.17 -37.32
C LYS D 96 22.23 -16.59 -37.23
N ALA D 97 22.19 -17.15 -36.01
CA ALA D 97 21.66 -18.50 -35.83
C ALA D 97 20.18 -18.56 -36.21
N SER D 98 19.41 -17.55 -35.84
CA SER D 98 18.00 -17.51 -36.20
C SER D 98 17.82 -17.42 -37.71
N GLN D 99 18.76 -16.81 -38.42
CA GLN D 99 18.67 -16.66 -39.86
C GLN D 99 19.20 -17.85 -40.64
N GLU D 100 19.72 -18.87 -39.95
CA GLU D 100 20.19 -20.07 -40.64
C GLU D 100 19.02 -20.81 -41.27
N ALA D 101 19.31 -21.54 -42.34
CA ALA D 101 18.26 -22.29 -43.03
C ALA D 101 17.70 -23.38 -42.13
N ASP D 102 16.37 -23.50 -42.12
CA ASP D 102 15.67 -24.50 -41.32
C ASP D 102 16.04 -24.40 -39.85
N SER D 103 16.19 -23.17 -39.36
CA SER D 103 16.55 -22.95 -37.97
C SER D 103 15.30 -22.92 -37.08
N HIS D 104 15.40 -23.55 -35.93
CA HIS D 104 14.32 -23.60 -34.95
C HIS D 104 14.56 -22.64 -33.78
N ILE D 105 15.41 -21.63 -33.96
CA ILE D 105 15.83 -20.75 -32.89
C ILE D 105 15.14 -19.41 -33.06
N ILE D 106 14.49 -18.94 -31.99
CA ILE D 106 13.87 -17.62 -31.94
C ILE D 106 14.72 -16.73 -31.05
N SER D 107 15.07 -15.55 -31.54
CA SER D 107 15.90 -14.60 -30.80
C SER D 107 15.05 -13.44 -30.32
N ILE D 108 15.17 -13.10 -29.04
CA ILE D 108 14.44 -12.01 -28.42
C ILE D 108 15.44 -11.06 -27.78
N LEU D 109 15.32 -9.78 -28.11
CA LEU D 109 16.24 -8.75 -27.63
C LEU D 109 15.49 -7.81 -26.69
N LEU D 110 16.17 -7.39 -25.62
CA LEU D 110 15.61 -6.47 -24.64
C LEU D 110 16.40 -5.18 -24.65
N ASN D 111 15.71 -4.06 -24.39
CA ASN D 111 16.33 -2.74 -24.48
C ASN D 111 17.31 -2.46 -23.35
N ARG D 112 17.35 -3.29 -22.31
CA ARG D 112 18.27 -3.08 -21.20
C ARG D 112 18.36 -4.36 -20.38
N ASN D 113 19.22 -4.32 -19.36
CA ASN D 113 19.38 -5.45 -18.47
C ASN D 113 18.32 -5.42 -17.38
N TYR D 114 17.41 -6.39 -17.39
CA TYR D 114 16.36 -6.51 -16.39
C TYR D 114 16.62 -7.59 -15.36
N GLY D 115 17.31 -8.67 -15.73
CA GLY D 115 17.58 -9.76 -14.83
C GLY D 115 17.31 -11.12 -15.46
N GLN D 116 17.76 -12.16 -14.77
CA GLN D 116 17.61 -13.51 -15.27
C GLN D 116 16.15 -13.92 -15.31
N HIS D 117 15.43 -13.73 -14.19
CA HIS D 117 14.05 -14.19 -14.11
C HIS D 117 13.12 -13.37 -14.99
N ALA D 118 13.40 -12.07 -15.15
CA ALA D 118 12.61 -11.27 -16.08
C ALA D 118 12.80 -11.76 -17.51
N ALA D 119 14.03 -12.14 -17.88
CA ALA D 119 14.27 -12.73 -19.19
C ALA D 119 13.54 -14.05 -19.34
N ILE D 120 13.52 -14.87 -18.29
CA ILE D 120 12.78 -16.13 -18.35
C ILE D 120 11.30 -15.88 -18.55
N MET D 121 10.75 -14.86 -17.88
CA MET D 121 9.35 -14.50 -18.10
C MET D 121 9.10 -14.04 -19.53
N ALA D 122 10.03 -13.25 -20.08
CA ALA D 122 9.91 -12.83 -21.47
C ALA D 122 9.89 -14.05 -22.40
N GLY D 123 10.74 -15.04 -22.11
CA GLY D 123 10.70 -16.26 -22.89
C GLY D 123 9.38 -16.99 -22.76
N PHE D 124 8.89 -17.13 -21.53
CA PHE D 124 7.60 -17.78 -21.31
C PHE D 124 6.48 -17.08 -22.07
N SER D 125 6.57 -15.77 -22.27
CA SER D 125 5.51 -15.05 -22.94
C SER D 125 5.35 -15.47 -24.40
N HIS D 126 6.32 -16.18 -24.97
CA HIS D 126 6.28 -16.56 -26.38
C HIS D 126 6.24 -18.06 -26.62
N VAL D 127 6.50 -18.88 -25.60
CA VAL D 127 6.56 -20.32 -25.81
C VAL D 127 5.24 -20.84 -26.35
N SER D 128 5.31 -21.90 -27.16
CA SER D 128 4.12 -22.55 -27.72
C SER D 128 4.01 -24.01 -27.36
N GLY D 129 5.06 -24.63 -26.81
CA GLY D 129 5.02 -26.04 -26.50
C GLY D 129 4.24 -26.34 -25.23
N ASP D 130 3.93 -27.62 -25.07
CA ASP D 130 3.21 -28.08 -23.89
C ASP D 130 4.11 -28.15 -22.65
N LEU D 131 5.37 -28.51 -22.83
CA LEU D 131 6.34 -28.59 -21.74
C LEU D 131 7.43 -27.56 -21.98
N ILE D 132 7.91 -26.95 -20.89
CA ILE D 132 8.89 -25.88 -20.95
C ILE D 132 10.13 -26.32 -20.18
N ILE D 133 11.30 -26.10 -20.77
CA ILE D 133 12.59 -26.46 -20.18
C ILE D 133 13.42 -25.19 -20.03
N THR D 134 13.99 -25.00 -18.85
CA THR D 134 14.88 -23.88 -18.58
C THR D 134 16.32 -24.37 -18.48
N LEU D 135 17.24 -23.59 -19.02
CA LEU D 135 18.65 -23.99 -19.09
C LEU D 135 19.52 -22.75 -19.03
N ASP D 136 20.72 -22.91 -18.49
CA ASP D 136 21.69 -21.83 -18.40
C ASP D 136 22.55 -21.77 -19.65
N ALA D 137 23.06 -20.58 -19.96
CA ALA D 137 23.84 -20.35 -21.17
C ALA D 137 25.33 -20.61 -20.98
N ASP D 138 25.82 -20.59 -19.74
CA ASP D 138 27.23 -20.84 -19.47
C ASP D 138 27.62 -22.30 -19.69
N LEU D 139 26.64 -23.17 -19.95
CA LEU D 139 26.87 -24.57 -20.30
C LEU D 139 27.29 -25.41 -19.10
N GLN D 140 27.13 -24.90 -17.88
CA GLN D 140 27.37 -25.73 -16.70
C GLN D 140 26.32 -26.82 -16.58
N ASN D 141 25.11 -26.57 -17.09
CA ASN D 141 24.06 -27.57 -17.09
C ASN D 141 24.16 -28.41 -18.36
N PRO D 142 24.42 -29.71 -18.27
CA PRO D 142 24.54 -30.53 -19.48
C PRO D 142 23.24 -30.56 -20.25
N PRO D 143 23.24 -30.13 -21.52
CA PRO D 143 22.02 -30.22 -22.33
C PRO D 143 21.53 -31.65 -22.55
N GLU D 144 22.39 -32.64 -22.34
CA GLU D 144 22.02 -34.03 -22.61
C GLU D 144 21.01 -34.58 -21.61
N GLU D 145 20.72 -33.85 -20.53
CA GLU D 145 19.78 -34.33 -19.53
C GLU D 145 18.34 -34.01 -19.90
N ILE D 146 18.10 -33.31 -21.01
CA ILE D 146 16.73 -32.92 -21.38
C ILE D 146 15.83 -34.14 -21.55
N PRO D 147 16.20 -35.18 -22.29
CA PRO D 147 15.25 -36.28 -22.53
C PRO D 147 14.75 -36.93 -21.25
N ARG D 148 15.58 -37.03 -20.22
CA ARG D 148 15.11 -37.58 -18.94
C ARG D 148 14.00 -36.73 -18.36
N LEU D 149 14.19 -35.41 -18.35
CA LEU D 149 13.15 -34.51 -17.85
C LEU D 149 11.88 -34.65 -18.68
N VAL D 150 12.02 -34.71 -20.00
CA VAL D 150 10.85 -34.81 -20.87
C VAL D 150 10.09 -36.11 -20.56
N ALA D 151 10.81 -37.22 -20.42
CA ALA D 151 10.16 -38.49 -20.13
C ALA D 151 9.42 -38.44 -18.79
N LYS D 152 10.11 -37.97 -17.74
CA LYS D 152 9.47 -37.95 -16.43
C LYS D 152 8.26 -37.04 -16.42
N ALA D 153 8.34 -35.89 -17.09
CA ALA D 153 7.17 -35.02 -17.19
C ALA D 153 6.04 -35.69 -17.98
N ASP D 154 6.39 -36.44 -19.03
CA ASP D 154 5.38 -37.17 -19.79
C ASP D 154 4.66 -38.21 -18.94
N GLU D 155 5.29 -38.70 -17.86
CA GLU D 155 4.57 -39.57 -16.94
C GLU D 155 3.33 -38.89 -16.37
N GLY D 156 3.35 -37.56 -16.24
CA GLY D 156 2.17 -36.83 -15.81
C GLY D 156 2.45 -35.72 -14.81
N PHE D 157 3.69 -35.64 -14.31
CA PHE D 157 4.02 -34.66 -13.29
C PHE D 157 4.01 -33.25 -13.86
N ASP D 158 3.47 -32.31 -13.09
CA ASP D 158 3.39 -30.93 -13.53
C ASP D 158 4.75 -30.25 -13.50
N VAL D 159 5.51 -30.44 -12.42
CA VAL D 159 6.79 -29.77 -12.21
C VAL D 159 7.83 -30.81 -11.88
N VAL D 160 8.96 -30.78 -12.61
CA VAL D 160 10.07 -31.68 -12.39
C VAL D 160 11.29 -30.85 -12.07
N GLY D 161 11.92 -31.12 -10.92
CA GLY D 161 13.13 -30.44 -10.53
C GLY D 161 14.37 -31.29 -10.76
N THR D 162 15.49 -30.80 -10.26
CA THR D 162 16.76 -31.49 -10.39
C THR D 162 17.62 -31.22 -9.17
N VAL D 163 18.53 -32.15 -8.88
CA VAL D 163 19.45 -32.06 -7.76
C VAL D 163 20.84 -32.35 -8.26
N ARG D 164 21.81 -31.52 -7.87
CA ARG D 164 23.19 -31.68 -8.30
C ARG D 164 23.88 -32.70 -7.42
N GLN D 165 24.12 -33.90 -7.95
CA GLN D 165 24.76 -34.96 -7.18
C GLN D 165 26.19 -34.61 -6.80
N ASN D 166 26.94 -34.04 -7.74
CA ASN D 166 28.32 -33.59 -7.47
C ASN D 166 28.33 -32.08 -7.28
N ARG D 167 28.09 -31.64 -6.05
CA ARG D 167 27.94 -30.22 -5.75
C ARG D 167 29.16 -29.69 -5.01
N GLN D 168 29.71 -28.58 -5.50
CA GLN D 168 30.87 -27.97 -4.85
C GLN D 168 30.51 -27.54 -3.44
N ASP D 169 31.46 -27.71 -2.53
CA ASP D 169 31.28 -27.36 -1.12
C ASP D 169 32.22 -26.22 -0.75
N SER D 170 31.63 -25.14 -0.23
CA SER D 170 32.38 -24.00 0.26
C SER D 170 31.54 -23.31 1.32
N LEU D 171 32.18 -22.90 2.42
CA LEU D 171 31.44 -22.51 3.61
C LEU D 171 30.33 -21.53 3.29
N PHE D 172 30.64 -20.49 2.52
CA PHE D 172 29.65 -19.46 2.22
C PHE D 172 28.40 -20.06 1.59
N ARG D 173 28.56 -20.70 0.43
CA ARG D 173 27.42 -21.24 -0.30
C ARG D 173 26.72 -22.31 0.52
N LYS D 174 27.49 -23.16 1.21
CA LYS D 174 26.91 -24.27 1.96
C LYS D 174 26.02 -23.78 3.09
N SER D 175 26.53 -22.82 3.88
CA SER D 175 25.73 -22.28 4.98
C SER D 175 24.50 -21.56 4.45
N ALA D 176 24.66 -20.77 3.38
CA ALA D 176 23.52 -20.07 2.81
C ALA D 176 22.45 -21.06 2.36
N SER D 177 22.86 -22.12 1.67
CA SER D 177 21.91 -23.12 1.21
C SER D 177 21.25 -23.83 2.38
N LYS D 178 22.01 -24.16 3.42
CA LYS D 178 21.43 -24.82 4.57
C LYS D 178 20.33 -23.97 5.21
N ILE D 179 20.63 -22.71 5.49
CA ILE D 179 19.64 -21.85 6.13
C ILE D 179 18.45 -21.63 5.21
N ILE D 180 18.70 -21.41 3.92
CA ILE D 180 17.61 -21.15 2.99
C ILE D 180 16.70 -22.36 2.87
N ASN D 181 17.27 -23.56 2.78
CA ASN D 181 16.46 -24.77 2.68
C ASN D 181 15.68 -25.01 3.96
N LEU D 182 16.29 -24.74 5.12
CA LEU D 182 15.56 -24.85 6.37
C LEU D 182 14.34 -23.94 6.39
N LEU D 183 14.53 -22.68 5.99
CA LEU D 183 13.40 -21.75 5.96
C LEU D 183 12.35 -22.19 4.94
N ILE D 184 12.79 -22.68 3.78
CA ILE D 184 11.85 -23.09 2.74
C ILE D 184 11.01 -24.27 3.21
N GLN D 185 11.64 -25.25 3.85
CA GLN D 185 10.89 -26.40 4.32
C GLN D 185 9.98 -26.03 5.49
N ARG D 186 10.40 -25.09 6.33
CA ARG D 186 9.52 -24.62 7.39
C ARG D 186 8.29 -23.94 6.81
N THR D 187 8.47 -23.12 5.77
CA THR D 187 7.35 -22.36 5.22
C THR D 187 6.45 -23.23 4.34
N THR D 188 7.00 -23.78 3.27
CA THR D 188 6.22 -24.56 2.31
C THR D 188 5.78 -25.90 2.85
N GLY D 189 6.46 -26.43 3.87
CA GLY D 189 6.13 -27.72 4.44
C GLY D 189 6.91 -28.88 3.88
N LYS D 190 7.63 -28.69 2.78
CA LYS D 190 8.48 -29.74 2.23
C LYS D 190 9.72 -29.12 1.62
N ALA D 191 10.79 -29.92 1.55
CA ALA D 191 12.03 -29.47 0.95
C ALA D 191 12.06 -29.83 -0.54
N MET D 192 12.65 -28.92 -1.32
CA MET D 192 12.72 -29.08 -2.77
C MET D 192 14.05 -29.68 -3.23
N GLY D 193 14.94 -30.02 -2.30
CA GLY D 193 16.22 -30.58 -2.66
C GLY D 193 17.26 -29.54 -2.99
N ASP D 194 17.12 -28.89 -4.15
CA ASP D 194 18.06 -27.87 -4.59
C ASP D 194 17.27 -26.73 -5.24
N TYR D 195 17.39 -25.53 -4.68
CA TYR D 195 16.68 -24.38 -5.23
C TYR D 195 17.53 -23.62 -6.24
N GLY D 196 18.85 -23.69 -6.12
CA GLY D 196 19.74 -22.93 -6.98
C GLY D 196 19.96 -23.51 -8.36
N CYS D 197 19.41 -24.69 -8.63
CA CYS D 197 19.55 -25.32 -9.94
C CYS D 197 18.39 -24.88 -10.82
N MET D 198 18.70 -24.22 -11.93
CA MET D 198 17.68 -23.70 -12.84
C MET D 198 17.33 -24.67 -13.96
N LEU D 199 17.91 -25.87 -13.96
CA LEU D 199 17.54 -26.90 -14.94
C LEU D 199 16.28 -27.58 -14.44
N ARG D 200 15.13 -27.19 -14.98
CA ARG D 200 13.85 -27.67 -14.50
C ARG D 200 12.86 -27.73 -15.66
N ALA D 201 11.70 -28.33 -15.39
CA ALA D 201 10.65 -28.48 -16.38
C ALA D 201 9.31 -28.10 -15.77
N TYR D 202 8.44 -27.51 -16.59
CA TYR D 202 7.10 -27.11 -16.18
C TYR D 202 6.13 -27.38 -17.31
N ARG D 203 4.87 -27.61 -16.95
CA ARG D 203 3.81 -27.69 -17.94
C ARG D 203 3.24 -26.31 -18.21
N ARG D 204 2.58 -26.17 -19.36
CA ARG D 204 2.09 -24.87 -19.79
C ARG D 204 1.10 -24.24 -18.81
N PRO D 205 0.15 -24.97 -18.22
CA PRO D 205 -0.78 -24.31 -17.29
C PRO D 205 -0.09 -23.59 -16.14
N ILE D 206 0.99 -24.15 -15.61
CA ILE D 206 1.74 -23.46 -14.56
C ILE D 206 2.29 -22.16 -15.10
N ILE D 207 2.82 -22.18 -16.32
CA ILE D 207 3.37 -20.97 -16.94
C ILE D 207 2.29 -19.90 -17.07
N ASP D 208 1.11 -20.30 -17.56
CA ASP D 208 0.02 -19.34 -17.72
C ASP D 208 -0.42 -18.78 -16.38
N THR D 209 -0.49 -19.63 -15.35
CA THR D 209 -0.89 -19.16 -14.02
C THR D 209 0.11 -18.17 -13.47
N MET D 210 1.40 -18.48 -13.55
CA MET D 210 2.42 -17.58 -13.00
C MET D 210 2.49 -16.28 -13.79
N LEU D 211 2.30 -16.36 -15.11
CA LEU D 211 2.47 -15.17 -15.94
C LEU D 211 1.44 -14.10 -15.65
N ARG D 212 0.32 -14.44 -15.01
CA ARG D 212 -0.71 -13.46 -14.69
C ARG D 212 -0.58 -12.89 -13.29
N CYS D 213 0.44 -13.28 -12.53
CA CYS D 213 0.62 -12.75 -11.18
C CYS D 213 1.00 -11.28 -11.23
N HIS D 214 0.58 -10.54 -10.20
CA HIS D 214 0.83 -9.10 -10.16
C HIS D 214 2.27 -8.78 -9.78
N GLU D 215 2.86 -9.57 -8.88
CA GLU D 215 4.16 -9.21 -8.31
C GLU D 215 5.20 -9.05 -9.41
N ARG D 216 5.98 -7.97 -9.32
CA ARG D 216 6.99 -7.67 -10.32
C ARG D 216 8.29 -8.44 -10.10
N SER D 217 8.61 -8.78 -8.85
CA SER D 217 9.83 -9.52 -8.53
C SER D 217 9.43 -10.89 -8.02
N THR D 218 10.15 -11.92 -8.49
CA THR D 218 9.77 -13.29 -8.20
C THR D 218 10.99 -14.18 -8.22
N PHE D 219 10.83 -15.38 -7.67
CA PHE D 219 11.79 -16.47 -7.76
C PHE D 219 11.05 -17.65 -8.37
N ILE D 220 11.37 -17.94 -9.64
CA ILE D 220 10.52 -18.86 -10.41
C ILE D 220 10.37 -20.21 -9.74
N PRO D 221 11.43 -20.87 -9.27
CA PRO D 221 11.26 -22.20 -8.66
C PRO D 221 10.27 -22.23 -7.51
N ILE D 222 10.30 -21.23 -6.63
CA ILE D 222 9.38 -21.19 -5.51
C ILE D 222 7.96 -20.87 -5.98
N LEU D 223 7.83 -19.88 -6.85
CA LEU D 223 6.49 -19.49 -7.32
C LEU D 223 5.83 -20.62 -8.10
N ALA D 224 6.62 -21.52 -8.67
CA ALA D 224 6.03 -22.65 -9.39
C ALA D 224 5.38 -23.65 -8.46
N ASN D 225 6.04 -23.95 -7.33
CA ASN D 225 5.49 -24.90 -6.37
C ASN D 225 4.18 -24.44 -5.75
N ILE D 226 3.89 -23.13 -5.79
CA ILE D 226 2.64 -22.63 -5.22
C ILE D 226 1.45 -23.21 -5.96
N PHE D 227 1.58 -23.45 -7.26
CA PHE D 227 0.48 -23.94 -8.09
C PHE D 227 0.65 -25.39 -8.52
N ALA D 228 1.64 -26.11 -8.00
CA ALA D 228 1.91 -27.47 -8.46
C ALA D 228 1.09 -28.48 -7.67
N ARG D 229 0.31 -29.29 -8.39
CA ARG D 229 -0.45 -30.36 -7.76
C ARG D 229 0.41 -31.58 -7.48
N ARG D 230 1.48 -31.77 -8.25
CA ARG D 230 2.32 -32.97 -8.14
C ARG D 230 3.71 -32.62 -8.64
N ALA D 231 4.73 -33.01 -7.88
CA ALA D 231 6.11 -32.65 -8.19
C ALA D 231 7.04 -33.83 -7.94
N THR D 232 8.18 -33.82 -8.62
CA THR D 232 9.20 -34.85 -8.48
C THR D 232 10.57 -34.23 -8.69
N GLU D 233 11.61 -35.06 -8.69
CA GLU D 233 12.98 -34.58 -8.83
C GLU D 233 13.81 -35.62 -9.58
N ILE D 234 15.01 -35.21 -9.97
CA ILE D 234 15.95 -36.06 -10.69
C ILE D 234 17.37 -35.70 -10.29
N PRO D 235 18.26 -36.66 -10.07
CA PRO D 235 19.68 -36.32 -9.87
C PRO D 235 20.36 -36.00 -11.19
N VAL D 236 21.28 -35.05 -11.16
CA VAL D 236 22.04 -34.65 -12.34
C VAL D 236 23.43 -34.23 -11.90
N HIS D 237 24.38 -34.27 -12.83
CA HIS D 237 25.75 -33.89 -12.54
C HIS D 237 26.00 -32.44 -12.95
N HIS D 238 27.04 -31.85 -12.38
CA HIS D 238 27.31 -30.43 -12.53
C HIS D 238 28.76 -30.23 -12.94
N ALA D 239 29.02 -29.11 -13.60
CA ALA D 239 30.36 -28.76 -14.06
C ALA D 239 30.56 -27.26 -13.95
N GLU D 240 31.83 -26.85 -13.92
CA GLU D 240 32.16 -25.44 -13.84
C GLU D 240 32.12 -24.81 -15.24
N ARG D 241 31.86 -23.50 -15.27
CA ARG D 241 31.77 -22.79 -16.54
C ARG D 241 33.10 -22.87 -17.28
N GLU D 242 33.03 -23.19 -18.57
CA GLU D 242 34.25 -23.42 -19.35
C GLU D 242 34.94 -22.11 -19.72
N PHE D 243 34.18 -21.04 -19.96
CA PHE D 243 34.74 -19.77 -20.40
C PHE D 243 34.14 -18.63 -19.60
N GLY D 244 34.89 -17.53 -19.53
CA GLY D 244 34.40 -16.32 -18.89
C GLY D 244 34.39 -16.42 -17.37
N ASP D 245 33.66 -15.49 -16.78
CA ASP D 245 33.51 -15.39 -15.33
C ASP D 245 32.03 -15.26 -14.98
N SER D 246 31.68 -15.71 -13.77
CA SER D 246 30.30 -15.63 -13.31
C SER D 246 29.86 -14.17 -13.22
N LYS D 247 28.64 -13.90 -13.65
CA LYS D 247 28.11 -12.55 -13.70
C LYS D 247 27.52 -12.08 -12.38
N TYR D 248 27.35 -12.97 -11.41
CA TYR D 248 26.70 -12.63 -10.14
C TYR D 248 27.76 -12.11 -9.17
N SER D 249 27.81 -10.79 -9.03
CA SER D 249 28.71 -10.17 -8.07
C SER D 249 28.09 -10.18 -6.68
N PHE D 250 28.76 -9.48 -5.75
CA PHE D 250 28.31 -9.46 -4.36
C PHE D 250 26.96 -8.77 -4.21
N MET D 251 26.84 -7.56 -4.78
CA MET D 251 25.56 -6.84 -4.69
C MET D 251 24.47 -7.54 -5.49
N ARG D 252 24.81 -8.07 -6.66
CA ARG D 252 23.84 -8.79 -7.47
C ARG D 252 23.40 -10.09 -6.79
N LEU D 253 24.16 -10.55 -5.79
CA LEU D 253 23.76 -11.72 -5.01
C LEU D 253 22.95 -11.31 -3.80
N ILE D 254 23.29 -10.18 -3.19
CA ILE D 254 22.50 -9.66 -2.07
C ILE D 254 21.08 -9.33 -2.53
N ASN D 255 20.95 -8.73 -3.71
CA ASN D 255 19.62 -8.45 -4.24
C ASN D 255 18.83 -9.73 -4.45
N LEU D 256 19.48 -10.78 -4.96
CA LEU D 256 18.80 -12.05 -5.16
C LEU D 256 18.35 -12.65 -3.83
N MET D 257 19.21 -12.59 -2.80
CA MET D 257 18.84 -13.11 -1.49
C MET D 257 17.65 -12.34 -0.93
N TYR D 258 17.66 -11.01 -1.05
CA TYR D 258 16.53 -10.21 -0.58
C TYR D 258 15.26 -10.58 -1.31
N ASP D 259 15.32 -10.73 -2.63
CA ASP D 259 14.13 -11.12 -3.38
C ASP D 259 13.60 -12.48 -2.92
N LEU D 260 14.50 -13.45 -2.73
CA LEU D 260 14.09 -14.77 -2.29
C LEU D 260 13.40 -14.71 -0.93
N VAL D 261 14.03 -14.03 0.04
CA VAL D 261 13.47 -13.98 1.38
C VAL D 261 12.13 -13.26 1.38
N THR D 262 12.04 -12.13 0.67
CA THR D 262 10.79 -11.38 0.65
C THR D 262 9.69 -12.12 -0.11
N CYS D 263 10.05 -12.97 -1.06
CA CYS D 263 9.05 -13.77 -1.75
C CYS D 263 8.58 -14.94 -0.88
N LEU D 264 9.45 -15.44 0.00
CA LEU D 264 9.06 -16.57 0.83
C LEU D 264 8.01 -16.20 1.87
N THR D 265 8.34 -15.28 2.79
CA THR D 265 7.52 -15.07 3.96
C THR D 265 7.63 -13.63 4.45
N THR D 266 6.73 -13.27 5.36
CA THR D 266 6.75 -11.98 6.05
C THR D 266 7.17 -12.10 7.51
N THR D 267 7.68 -13.26 7.92
CA THR D 267 8.04 -13.54 9.30
C THR D 267 9.02 -12.53 9.90
N PRO D 268 10.05 -12.10 9.16
CA PRO D 268 11.05 -11.20 9.77
C PRO D 268 10.45 -9.99 10.45
N LEU D 269 9.26 -9.56 10.04
CA LEU D 269 8.61 -8.42 10.68
C LEU D 269 8.11 -8.76 12.08
N ARG D 270 8.13 -10.04 12.47
CA ARG D 270 7.59 -10.46 13.75
C ARG D 270 8.66 -10.56 14.84
N LEU D 271 9.94 -10.64 14.46
CA LEU D 271 11.01 -10.77 15.44
C LEU D 271 11.32 -9.46 16.16
N LEU D 272 10.96 -8.33 15.58
CA LEU D 272 11.23 -7.04 16.21
C LEU D 272 10.48 -6.92 17.53
N SER D 273 9.21 -7.33 17.55
CA SER D 273 8.45 -7.29 18.79
C SER D 273 9.03 -8.21 19.86
N LEU D 274 9.48 -9.41 19.46
CA LEU D 274 10.11 -10.33 20.41
C LEU D 274 11.36 -9.70 21.02
N LEU D 275 12.22 -9.13 20.17
CA LEU D 275 13.44 -8.49 20.66
C LEU D 275 13.11 -7.33 21.60
N GLY D 276 12.13 -6.51 21.23
CA GLY D 276 11.74 -5.42 22.10
C GLY D 276 11.21 -5.88 23.43
N SER D 277 10.40 -6.95 23.42
CA SER D 277 9.88 -7.51 24.67
C SER D 277 11.02 -7.97 25.57
N VAL D 278 11.99 -8.68 24.98
CA VAL D 278 13.12 -9.16 25.77
C VAL D 278 13.87 -7.98 26.39
N ILE D 279 14.19 -6.97 25.58
CA ILE D 279 14.96 -5.84 26.08
C ILE D 279 14.20 -5.10 27.17
N ALA D 280 12.90 -4.87 26.96
CA ALA D 280 12.10 -4.13 27.94
C ALA D 280 12.01 -4.90 29.25
N ILE D 281 11.77 -6.21 29.18
CA ILE D 281 11.69 -7.00 30.40
C ILE D 281 13.00 -6.97 31.15
N GLY D 282 14.12 -7.14 30.43
CA GLY D 282 15.41 -7.07 31.08
C GLY D 282 15.65 -5.74 31.77
N GLY D 283 15.36 -4.64 31.07
CA GLY D 283 15.58 -3.33 31.66
C GLY D 283 14.72 -3.08 32.88
N PHE D 284 13.43 -3.43 32.79
CA PHE D 284 12.54 -3.23 33.93
C PHE D 284 12.99 -4.05 35.13
N SER D 285 13.33 -5.32 34.91
CA SER D 285 13.79 -6.16 36.00
C SER D 285 15.06 -5.60 36.62
N LEU D 286 16.01 -5.15 35.79
CA LEU D 286 17.25 -4.61 36.32
C LEU D 286 17.01 -3.35 37.13
N SER D 287 16.11 -2.46 36.66
CA SER D 287 15.83 -1.25 37.42
C SER D 287 15.18 -1.56 38.76
N VAL D 288 14.22 -2.48 38.76
CA VAL D 288 13.56 -2.85 40.02
C VAL D 288 14.58 -3.47 40.98
N LEU D 289 15.46 -4.33 40.45
CA LEU D 289 16.48 -4.93 41.29
C LEU D 289 17.41 -3.87 41.87
N LEU D 290 17.79 -2.89 41.06
CA LEU D 290 18.64 -1.82 41.56
C LEU D 290 17.97 -1.06 42.69
N ILE D 291 16.68 -0.73 42.53
CA ILE D 291 15.97 -0.01 43.58
C ILE D 291 15.93 -0.84 44.85
N VAL D 292 15.58 -2.13 44.72
CA VAL D 292 15.46 -2.99 45.89
C VAL D 292 16.81 -3.11 46.59
N LEU D 293 17.88 -3.32 45.81
CA LEU D 293 19.21 -3.49 46.40
C LEU D 293 19.65 -2.22 47.13
N ARG D 294 19.41 -1.05 46.53
CA ARG D 294 19.83 0.18 47.19
C ARG D 294 19.02 0.42 48.46
N LEU D 295 17.72 0.11 48.44
CA LEU D 295 16.94 0.27 49.66
C LEU D 295 17.38 -0.69 50.75
N ALA D 296 17.71 -1.93 50.38
CA ALA D 296 18.09 -2.92 51.38
C ALA D 296 19.48 -2.65 51.97
N LEU D 297 20.46 -2.36 51.11
CA LEU D 297 21.84 -2.21 51.54
C LEU D 297 22.30 -0.75 51.61
N GLY D 298 21.49 0.19 51.14
CA GLY D 298 21.87 1.59 51.15
C GLY D 298 22.76 1.92 49.97
N PRO D 299 23.31 3.14 49.96
CA PRO D 299 24.17 3.54 48.85
C PRO D 299 25.38 2.63 48.72
N GLN D 300 25.77 2.36 47.47
CA GLN D 300 26.90 1.47 47.17
C GLN D 300 27.91 2.09 46.23
N TRP D 301 27.49 2.90 45.26
CA TRP D 301 28.40 3.48 44.28
C TRP D 301 28.00 4.91 44.00
N ALA D 302 28.95 5.67 43.46
CA ALA D 302 28.69 7.06 43.11
C ALA D 302 27.84 7.17 41.85
N ALA D 303 27.99 6.21 40.93
CA ALA D 303 27.31 6.24 39.63
C ALA D 303 26.00 5.47 39.62
N GLU D 304 25.29 5.38 40.75
CA GLU D 304 24.07 4.59 40.81
C GLU D 304 22.95 5.21 39.98
N GLY D 305 22.74 6.53 40.09
CA GLY D 305 21.63 7.16 39.40
C GLY D 305 21.72 7.02 37.89
N VAL D 306 22.93 7.15 37.34
CA VAL D 306 23.09 7.00 35.90
C VAL D 306 22.73 5.59 35.48
N PHE D 307 23.02 4.59 36.32
CA PHE D 307 22.64 3.21 35.99
C PHE D 307 21.12 3.07 35.90
N MET D 308 20.40 3.65 36.86
CA MET D 308 18.93 3.60 36.80
C MET D 308 18.41 4.30 35.55
N LEU D 309 18.98 5.46 35.23
CA LEU D 309 18.55 6.19 34.04
C LEU D 309 18.79 5.36 32.78
N PHE D 310 19.95 4.68 32.72
CA PHE D 310 20.24 3.82 31.58
C PHE D 310 19.25 2.67 31.49
N ALA D 311 18.84 2.11 32.63
CA ALA D 311 17.84 1.05 32.61
C ALA D 311 16.52 1.54 32.03
N VAL D 312 16.08 2.73 32.47
CA VAL D 312 14.85 3.30 31.92
C VAL D 312 15.00 3.53 30.42
N LEU D 313 16.17 4.00 30.00
CA LEU D 313 16.42 4.23 28.58
C LEU D 313 16.31 2.94 27.79
N PHE D 314 16.85 1.85 28.32
CA PHE D 314 16.75 0.56 27.66
C PHE D 314 15.30 0.10 27.56
N THR D 315 14.51 0.32 28.61
CA THR D 315 13.08 -0.02 28.54
C THR D 315 12.39 0.73 27.40
N PHE D 316 12.64 2.04 27.30
CA PHE D 316 12.03 2.81 26.22
C PHE D 316 12.51 2.32 24.85
N ILE D 317 13.79 1.98 24.73
CA ILE D 317 14.31 1.49 23.47
C ILE D 317 13.61 0.19 23.06
N GLY D 318 13.33 -0.68 24.02
CA GLY D 318 12.57 -1.88 23.72
C GLY D 318 11.14 -1.57 23.27
N ALA D 319 10.51 -0.62 23.94
CA ALA D 319 9.18 -0.18 23.51
C ALA D 319 9.19 0.29 22.06
N GLN D 320 10.29 0.93 21.64
CA GLN D 320 10.40 1.38 20.25
C GLN D 320 10.39 0.20 19.28
N PHE D 321 11.12 -0.87 19.59
CA PHE D 321 11.08 -2.06 18.74
C PHE D 321 9.68 -2.65 18.69
N ILE D 322 8.99 -2.67 19.84
CA ILE D 322 7.61 -3.18 19.84
C ILE D 322 6.75 -2.35 18.89
N GLY D 323 6.87 -1.03 18.94
CA GLY D 323 6.11 -0.19 18.03
C GLY D 323 6.42 -0.44 16.56
N MET D 324 7.70 -0.60 16.24
CA MET D 324 8.07 -0.89 14.85
C MET D 324 7.48 -2.20 14.38
N GLY D 325 7.49 -3.23 15.24
CA GLY D 325 6.83 -4.48 14.88
C GLY D 325 5.32 -4.32 14.69
N LEU D 326 4.70 -3.48 15.51
CA LEU D 326 3.29 -3.19 15.34
C LEU D 326 3.02 -2.59 13.96
N LEU D 327 3.88 -1.67 13.52
CA LEU D 327 3.75 -1.16 12.14
C LEU D 327 3.96 -2.27 11.11
N GLY D 328 4.96 -3.12 11.35
CA GLY D 328 5.28 -4.17 10.39
C GLY D 328 4.14 -5.13 10.15
N GLU D 329 3.35 -5.42 11.18
CA GLU D 329 2.20 -6.31 10.97
C GLU D 329 1.28 -5.79 9.87
N TYR D 330 0.85 -4.52 9.98
CA TYR D 330 -0.01 -3.94 8.96
C TYR D 330 0.69 -3.82 7.62
N ILE D 331 1.98 -3.51 7.62
CA ILE D 331 2.70 -3.43 6.34
C ILE D 331 2.66 -4.78 5.63
N GLY D 332 2.89 -5.87 6.37
CA GLY D 332 2.83 -7.19 5.77
C GLY D 332 1.43 -7.54 5.28
N ARG D 333 0.41 -7.16 6.05
CA ARG D 333 -0.96 -7.38 5.59
C ARG D 333 -1.21 -6.69 4.26
N ILE D 334 -0.79 -5.43 4.14
CA ILE D 334 -0.97 -4.69 2.90
C ILE D 334 -0.23 -5.37 1.76
N TYR D 335 1.01 -5.82 2.02
CA TYR D 335 1.78 -6.49 0.98
C TYR D 335 1.07 -7.73 0.48
N ASN D 336 0.58 -8.58 1.39
CA ASN D 336 -0.11 -9.78 0.98
C ASN D 336 -1.39 -9.46 0.20
N ASP D 337 -2.15 -8.46 0.66
CA ASP D 337 -3.37 -8.10 -0.06
C ASP D 337 -3.07 -7.58 -1.46
N VAL D 338 -2.03 -6.75 -1.62
CA VAL D 338 -1.68 -6.23 -2.93
C VAL D 338 -1.19 -7.35 -3.85
N ARG D 339 -0.45 -8.31 -3.31
CA ARG D 339 0.00 -9.44 -4.11
C ARG D 339 -1.15 -10.19 -4.77
N ALA D 340 -2.21 -10.49 -4.01
CA ALA D 340 -3.41 -11.13 -4.54
C ALA D 340 -3.14 -12.56 -4.99
N ARG D 341 -2.41 -13.30 -4.17
CA ARG D 341 -2.21 -14.72 -4.45
C ARG D 341 -3.44 -15.51 -4.01
N PRO D 342 -3.64 -16.70 -4.57
CA PRO D 342 -4.81 -17.50 -4.19
C PRO D 342 -4.83 -17.79 -2.70
N ARG D 343 -6.03 -17.76 -2.13
CA ARG D 343 -6.20 -18.02 -0.70
C ARG D 343 -6.08 -19.49 -0.37
N TYR D 344 -6.25 -20.38 -1.35
CA TYR D 344 -6.10 -21.80 -1.16
C TYR D 344 -5.93 -22.44 -2.53
N PHE D 345 -5.41 -23.67 -2.53
CA PHE D 345 -5.26 -24.43 -3.77
C PHE D 345 -5.81 -25.84 -3.54
N VAL D 346 -6.62 -26.31 -4.48
CA VAL D 346 -7.29 -27.59 -4.38
C VAL D 346 -6.48 -28.64 -5.11
N GLN D 347 -6.25 -29.77 -4.46
CA GLN D 347 -5.53 -30.87 -5.10
C GLN D 347 -6.47 -31.74 -5.93
N GLN D 348 -7.66 -32.01 -5.41
CA GLN D 348 -8.67 -32.77 -6.14
C GLN D 348 -9.96 -32.79 -5.33
N VAL D 349 -11.06 -32.99 -6.04
CA VAL D 349 -12.39 -33.05 -5.44
C VAL D 349 -13.04 -34.38 -5.82
N ILE D 350 -13.70 -35.01 -4.87
CA ILE D 350 -14.28 -36.34 -5.04
C ILE D 350 -15.75 -36.26 -4.67
N TYR D 351 -16.61 -36.15 -5.66
CA TYR D 351 -18.05 -36.21 -5.44
C TYR D 351 -18.52 -37.66 -5.36
N PRO D 352 -19.65 -37.92 -4.72
CA PRO D 352 -20.23 -39.27 -4.78
C PRO D 352 -20.79 -39.57 -6.16
N GLU D 353 -21.38 -40.76 -6.29
CA GLU D 353 -22.01 -41.13 -7.55
C GLU D 353 -23.13 -40.17 -7.93
N SER D 354 -23.81 -39.59 -6.94
CA SER D 354 -24.86 -38.61 -7.18
C SER D 354 -24.41 -37.24 -6.68
N THR D 355 -24.40 -36.25 -7.57
CA THR D 355 -23.99 -34.90 -7.20
C THR D 355 -25.12 -34.19 -6.46
N1 UDP E . 5.85 26.63 -14.97
C2 UDP E . 4.57 26.15 -14.84
N3 UDP E . 4.17 25.93 -13.54
C4 UDP E . 4.92 26.14 -12.40
C5 UDP E . 6.23 26.65 -12.63
C6 UDP E . 6.66 26.87 -13.89
O2 UDP E . 3.83 25.93 -15.78
O4 UDP E . 4.43 25.91 -11.28
C1' UDP E . 6.34 26.89 -16.34
C2' UDP E . 6.73 28.34 -16.59
O2' UDP E . 5.60 29.10 -16.99
C3' UDP E . 7.75 28.18 -17.71
C4' UDP E . 8.47 26.89 -17.33
O4' UDP E . 7.53 26.13 -16.53
O3' UDP E . 7.13 28.07 -18.99
C5' UDP E . 9.74 27.07 -16.55
O5' UDP E . 9.82 28.42 -16.04
PA UDP E . 10.93 28.84 -15.01
O1A UDP E . 10.40 28.73 -13.57
O2A UDP E . 11.44 30.16 -15.43
O3A UDP E . 12.06 27.74 -15.15
PB UDP E . 13.58 28.08 -15.37
O1B UDP E . 13.96 29.39 -14.74
O2B UDP E . 13.72 28.07 -16.89
O3B UDP E . 14.30 26.88 -14.76
HN3 UDP E . 3.37 25.63 -13.43
H5 UDP E . 6.81 26.81 -11.91
H6 UDP E . 7.52 27.18 -14.02
H1' UDP E . 5.68 26.61 -16.99
H2' UDP E . 7.14 28.72 -15.80
HO2' UDP E . 5.37 28.87 -17.79
H3' UDP E . 8.37 28.93 -17.70
H4' UDP E . 8.66 26.40 -18.14
HO3' UDP E . 6.42 27.62 -18.90
H5'1 UDP E . 9.76 26.45 -15.81
H5'2 UDP E . 10.51 26.90 -17.13
MN MN F . 13.12 30.01 -16.91
N1 UDP G . -24.45 13.32 13.92
C2 UDP G . -24.55 12.09 13.31
N3 UDP G . -23.67 11.14 13.78
C4 UDP G . -22.73 11.30 14.77
C5 UDP G . -22.70 12.60 15.36
C6 UDP G . -23.53 13.56 14.93
O2 UDP G . -25.35 11.85 12.43
O4 UDP G . -22.01 10.34 15.09
C1' UDP G . -25.35 14.39 13.47
C2' UDP G . -26.28 14.92 14.57
O2' UDP G . -27.46 14.13 14.66
C3' UDP G . -26.56 16.33 14.06
C4' UDP G . -25.23 16.73 13.43
O4' UDP G . -24.58 15.49 13.05
O3' UDP G . -27.60 16.35 13.10
C5' UDP G . -24.30 17.52 14.33
O5' UDP G . -24.76 17.43 15.69
PA UDP G . -23.87 17.96 16.88
O1A UDP G . -23.02 16.84 17.49
O2A UDP G . -24.78 18.69 17.81
O3A UDP G . -22.87 18.97 16.21
PB UDP G . -22.64 20.45 16.73
O1B UDP G . -22.87 20.57 18.20
O2B UDP G . -23.63 21.26 15.89
O3B UDP G . -21.21 20.76 16.31
HN3 UDP G . -23.72 10.36 13.41
H5 UDP G . -22.08 12.79 16.03
H6 UDP G . -23.49 14.40 15.31
H1' UDP G . -25.90 14.07 12.72
H2' UDP G . -25.81 14.95 15.42
HO2' UDP G . -27.94 14.28 13.98
H3' UDP G . -26.76 16.91 14.81
H4' UDP G . -25.41 17.24 12.63
HO3' UDP G . -27.54 15.65 12.62
H5'1 UDP G . -23.41 17.17 14.26
H5'2 UDP G . -24.30 18.45 14.05
MN MN H . -25.07 20.83 17.26
N1 UDP I . -7.98 -27.40 12.37
C2 UDP I . -7.69 -27.28 11.03
N3 UDP I . -6.44 -26.76 10.76
C4 UDP I . -5.49 -26.36 11.68
C5 UDP I . -5.88 -26.52 13.05
C6 UDP I . -7.08 -27.03 13.34
O2 UDP I . -8.46 -27.60 10.14
O4 UDP I . -4.41 -25.90 11.29
C1' UDP I . -9.30 -27.95 12.73
C2' UDP I . -9.21 -29.25 13.55
O2' UDP I . -9.12 -30.38 12.69
C3' UDP I . -10.54 -29.19 14.30
C4' UDP I . -10.70 -27.71 14.59
O4' UDP I . -9.96 -27.01 13.56
O3' UDP I . -11.61 -29.69 13.52
C5' UDP I . -10.22 -27.25 15.94
O5' UDP I . -9.40 -28.28 16.53
PA UDP I . -8.57 -28.01 17.85
O1A UDP I . -7.14 -27.57 17.51
O2A UDP I . -8.72 -29.20 18.71
O3A UDP I . -9.26 -26.75 18.51
PB UDP I . -9.73 -26.73 20.02
O1B UDP I . -8.87 -27.58 20.89
O2B UDP I . -11.18 -27.17 19.94
O3B UDP I . -9.66 -25.23 20.37
HN3 UDP I . -6.24 -26.67 9.93
H5 UDP I . -5.29 -26.28 13.72
H6 UDP I . -7.31 -27.12 14.24
H1' UDP I . -9.82 -28.11 11.93
H2' UDP I . -8.46 -29.21 14.17
HO2' UDP I . -9.87 -30.49 12.30
H3' UDP I . -10.46 -29.70 15.13
H4' UDP I . -11.64 -27.48 14.49
HO3' UDP I . -11.51 -29.45 12.71
H5'1 UDP I . -9.71 -26.44 15.85
H5'2 UDP I . -10.98 -27.08 16.52
MN MN J . -10.53 -29.10 20.03
N1 UDP K . 22.31 -14.07 -16.51
C2 UDP K . 21.43 -13.19 -17.10
N3 UDP K . 21.39 -11.94 -16.55
C4 UDP K . 22.15 -11.49 -15.47
C5 UDP K . 23.04 -12.46 -14.92
C6 UDP K . 23.10 -13.69 -15.44
O2 UDP K . 20.72 -13.50 -18.04
O4 UDP K . 22.01 -10.33 -15.07
C1' UDP K . 22.39 -15.44 -17.06
C2' UDP K . 23.78 -15.79 -17.60
O2' UDP K . 23.92 -15.38 -18.95
C3' UDP K . 23.76 -17.31 -17.45
C4' UDP K . 22.97 -17.51 -16.16
O4' UDP K . 22.12 -16.36 -16.02
O3' UDP K . 23.10 -17.94 -18.55
C5' UDP K . 23.81 -17.68 -14.92
O5' UDP K . 25.16 -17.26 -15.20
PA UDP K . 26.22 -17.10 -14.03
O1A UDP K . 26.27 -15.66 -13.53
O2A UDP K . 27.49 -17.69 -14.52
O3A UDP K . 25.64 -17.96 -12.84
PB UDP K . 26.48 -19.06 -12.07
O1B UDP K . 27.94 -18.73 -12.04
O2B UDP K . 26.15 -20.34 -12.83
O3B UDP K . 25.83 -19.08 -10.68
HN3 UDP K . 20.85 -11.38 -16.89
H5 UDP K . 23.58 -12.23 -14.20
H6 UDP K . 23.68 -14.31 -15.07
H1' UDP K . 21.73 -15.54 -17.77
H2' UDP K . 24.47 -15.40 -17.04
HO2' UDP K . 23.43 -15.87 -19.45
H3' UDP K . 24.67 -17.65 -17.36
H4' UDP K . 22.41 -18.30 -16.27
HO3' UDP K . 22.45 -17.46 -18.79
H5'1 UDP K . 23.45 -17.13 -14.21
H5'2 UDP K . 23.81 -18.61 -14.65
MN MN L . 27.64 -19.89 -14.14
#